data_5CE3
#
_entry.id   5CE3
#
_cell.length_a   108.730
_cell.length_b   121.750
_cell.length_c   118.580
_cell.angle_alpha   90.00
_cell.angle_beta   104.88
_cell.angle_gamma   90.00
#
_symmetry.space_group_name_H-M   'P 1 21 1'
#
loop_
_entity.id
_entity.type
_entity.pdbx_description
1 polymer Actin
2 polymer 'Protein kinase YopO'
3 non-polymer "ADENOSINE-5'-TRIPHOSPHATE"
4 non-polymer 'CALCIUM ION'
5 non-polymer "ADENOSINE-5'-DIPHOSPHATE"
6 non-polymer 'MAGNESIUM ION'
7 water water
#
loop_
_entity_poly.entity_id
_entity_poly.type
_entity_poly.pdbx_seq_one_letter_code
_entity_poly.pdbx_strand_id
1 'polypeptide(L)'
;MCDDDVAALVVDNGSGMCKAGFAGDDAPRAVFPSIVGRPRHQGVMVGMGQKDSYVGDEAQSKRGILTLKYPIEHGIITNW
DDMEKIWHHTFYNELRVAPEEHPVLLTEAPLNPKANREKMTQIMFETFNSPAMHVAIQAVLSLYASGRTTGIVLDSGDGV
SHTVPIYEGYALPHAILRLDLAGRDLTDYLMKILTERGYSFTTTAEREIVRDIKEKLCYVALDFEQEMATAAASTSLEKS
YELPDGQVIAIGNERFRCPEALFQPSFLGMESCGIHETVYNSIMKCDVDIRKDLYANTVMSGGTTMYPGIADRMQKEITA
LAPSTIKTKIIAPPERKYSVWIGGSILASLSTFQQMWISKEEYDESGPGIVHRKCF
;
A,C
2 'polypeptide(L)'
;GPTSQELRSDIPNALSNLFGAKPQTELPLGWKGKPLSGAPDLEGMRVAETDKFAEGESHISIIETKDKQRLVAKIERSIA
EGHLFAELEAYKHIYKTAGKHPNLANVHGMAVVPYGNRYYYALLMDEVDGWRCSDTLRSLADSWKQGKINSEAYWGTIKF
IAHRLLDVTNHLAKAGIVHNDIKPGNVVFDRASGEPVVIDLGLHSRSGEQPKGFTESFKAPELGVGNLGASEKSDVFLVV
STLLHGIEGFEKDPEIKPNQGLRFITSEPAHVMDENGYPIHRPGIAGVETAYTRFITDILGVSADSRPDSNEARLHEFLS
DGTIDEESAKQILKDTLTGEMSPLPTDVRRITPYYLRELSDLLRTHLSSAATKQLDMGVVLSDLDTMLVALDKAEREGGV
DKDQLKSFNSLILKTYSVIGAYIKGREGDTKSSSTEVSPYHRSNFMLSIVEPSLQRIQKHLDQTHSFSDIGSLMRAHKHL
ETLLEVLVTLSQQGQPVSSETYSFLNRLAEAKVTLSQQLNTLQQQQESAKAQLSILINRSGSWADVARQSLQRFDSTRPV
VKFGTEQYTAIHRQMMAAHAAITLQEVSEFTDDMRNFTADSIPLLIQLGRSSLMDEHLVEQREKLRELTTIAERLNRLER
EWM
;
B,D
#
# COMPACT_ATOMS: atom_id res chain seq x y z
N VAL A 6 38.48 -37.42 -0.89
CA VAL A 6 37.08 -36.87 -0.77
C VAL A 6 36.83 -36.27 0.65
N ALA A 7 36.02 -35.22 0.70
CA ALA A 7 35.82 -34.41 1.90
C ALA A 7 34.97 -35.12 2.95
N ALA A 8 35.31 -34.92 4.23
CA ALA A 8 34.51 -35.42 5.33
C ALA A 8 33.32 -34.52 5.57
N LEU A 9 32.30 -35.07 6.21
CA LEU A 9 31.11 -34.32 6.64
C LEU A 9 31.25 -33.98 8.11
N VAL A 10 30.80 -32.79 8.49
CA VAL A 10 30.74 -32.38 9.89
C VAL A 10 29.31 -31.92 10.17
N VAL A 11 28.65 -32.58 11.11
CA VAL A 11 27.32 -32.17 11.51
C VAL A 11 27.31 -31.95 13.02
N ASP A 12 26.67 -30.87 13.45
CA ASP A 12 26.60 -30.47 14.84
C ASP A 12 25.12 -30.42 15.16
N ASN A 13 24.63 -31.43 15.89
CA ASN A 13 23.22 -31.53 16.28
C ASN A 13 22.91 -30.83 17.60
N GLY A 14 22.14 -29.76 17.51
CA GLY A 14 21.75 -28.98 18.67
C GLY A 14 20.29 -29.16 18.98
N SER A 15 19.90 -28.59 20.11
CA SER A 15 18.53 -28.68 20.60
C SER A 15 17.59 -27.88 19.70
N GLY A 16 18.04 -26.68 19.33
CA GLY A 16 17.30 -25.77 18.46
C GLY A 16 17.71 -25.91 17.02
N MET A 17 19.01 -25.88 16.73
CA MET A 17 19.49 -25.84 15.36
C MET A 17 20.48 -26.97 15.06
N CYS A 18 20.43 -27.46 13.82
CA CYS A 18 21.37 -28.47 13.33
C CYS A 18 22.26 -27.75 12.31
N LYS A 19 23.59 -27.87 12.44
CA LYS A 19 24.51 -27.24 11.48
C LYS A 19 25.33 -28.33 10.75
N ALA A 20 25.38 -28.25 9.42
CA ALA A 20 25.97 -29.29 8.61
C ALA A 20 26.81 -28.73 7.48
N GLY A 21 27.91 -29.40 7.17
CA GLY A 21 28.73 -28.98 6.05
C GLY A 21 29.89 -29.94 5.80
N PHE A 22 30.91 -29.44 5.10
CA PHE A 22 32.04 -30.24 4.69
C PHE A 22 33.27 -29.81 5.48
N ALA A 23 34.06 -30.80 5.90
CA ALA A 23 35.33 -30.51 6.58
C ALA A 23 36.17 -29.69 5.63
N GLY A 24 36.70 -28.59 6.15
CA GLY A 24 37.54 -27.69 5.38
C GLY A 24 36.90 -26.36 5.10
N ASP A 25 35.59 -26.22 5.33
CA ASP A 25 34.93 -24.96 5.04
C ASP A 25 35.01 -24.01 6.24
N ASP A 26 35.05 -22.71 5.94
CA ASP A 26 34.99 -21.64 6.95
C ASP A 26 33.71 -21.67 7.80
N ALA A 27 32.60 -22.11 7.22
CA ALA A 27 31.30 -22.13 7.90
C ALA A 27 30.47 -23.30 7.38
N PRO A 28 29.38 -23.66 8.08
CA PRO A 28 28.52 -24.73 7.60
C PRO A 28 27.62 -24.26 6.44
N ARG A 29 27.41 -25.16 5.48
CA ARG A 29 26.59 -24.86 4.31
C ARG A 29 25.11 -24.93 4.61
N ALA A 30 24.72 -25.62 5.67
CA ALA A 30 23.32 -25.78 6.00
C ALA A 30 23.09 -25.56 7.50
N VAL A 31 22.14 -24.69 7.79
CA VAL A 31 21.71 -24.44 9.17
C VAL A 31 20.19 -24.40 9.16
N PHE A 32 19.57 -25.34 9.87
CA PHE A 32 18.12 -25.44 9.98
C PHE A 32 17.65 -25.93 11.36
N PRO A 33 16.36 -25.74 11.69
CA PRO A 33 15.85 -26.13 13.03
C PRO A 33 15.77 -27.62 13.27
N SER A 34 16.14 -28.06 14.48
CA SER A 34 16.12 -29.48 14.83
C SER A 34 14.70 -29.89 15.18
N ILE A 35 13.84 -29.86 14.17
CA ILE A 35 12.40 -30.06 14.33
C ILE A 35 11.95 -31.12 13.35
N VAL A 36 11.16 -32.07 13.83
CA VAL A 36 10.47 -33.06 12.99
C VAL A 36 8.97 -32.88 13.17
N GLY A 37 8.22 -32.96 12.08
CA GLY A 37 6.78 -32.77 12.10
C GLY A 37 6.10 -33.93 11.40
N ARG A 38 5.13 -34.55 12.09
CA ARG A 38 4.38 -35.71 11.58
C ARG A 38 2.88 -35.39 11.51
N PRO A 39 2.10 -36.14 10.71
CA PRO A 39 0.63 -35.97 10.67
C PRO A 39 -0.07 -35.97 12.04
N ARG A 40 -1.16 -35.19 12.15
CA ARG A 40 -1.98 -35.11 13.37
C ARG A 40 -2.93 -36.30 13.51
N SER A 53 5.93 -36.84 6.58
CA SER A 53 6.69 -36.29 7.71
C SER A 53 7.79 -35.35 7.24
N TYR A 54 7.92 -34.20 7.90
CA TYR A 54 8.80 -33.12 7.43
C TYR A 54 9.84 -32.68 8.48
N VAL A 55 10.90 -32.02 8.00
CA VAL A 55 12.01 -31.57 8.83
C VAL A 55 12.40 -30.12 8.53
N GLY A 56 12.82 -29.40 9.57
CA GLY A 56 13.39 -28.08 9.42
C GLY A 56 12.35 -27.03 9.12
N ASP A 57 12.65 -26.18 8.14
CA ASP A 57 11.81 -25.03 7.80
C ASP A 57 10.52 -25.46 7.11
N GLU A 58 10.59 -26.54 6.33
CA GLU A 58 9.41 -27.09 5.68
C GLU A 58 8.41 -27.62 6.71
N ALA A 59 8.92 -28.28 7.76
CA ALA A 59 8.07 -28.71 8.89
C ALA A 59 7.34 -27.53 9.55
N GLN A 60 8.04 -26.40 9.72
CA GLN A 60 7.44 -25.14 10.21
C GLN A 60 6.41 -24.51 9.26
N SER A 61 6.72 -24.48 7.96
CA SER A 61 5.79 -23.87 7.01
C SER A 61 4.47 -24.66 6.96
N LYS A 62 4.56 -25.99 7.02
CA LYS A 62 3.37 -26.86 7.04
C LYS A 62 2.88 -27.25 8.45
N ARG A 63 3.20 -26.44 9.46
CA ARG A 63 2.86 -26.75 10.87
C ARG A 63 1.39 -27.05 11.09
N GLY A 64 0.52 -26.32 10.40
CA GLY A 64 -0.94 -26.55 10.44
C GLY A 64 -1.47 -27.96 10.27
N ILE A 65 -0.77 -28.81 9.52
CA ILE A 65 -1.19 -30.21 9.38
C ILE A 65 -0.26 -31.21 10.14
N LEU A 66 0.62 -30.65 10.97
CA LEU A 66 1.65 -31.44 11.65
C LEU A 66 1.67 -31.19 13.16
N THR A 67 2.24 -32.17 13.87
CA THR A 67 2.59 -32.06 15.27
C THR A 67 4.11 -31.97 15.33
N LEU A 68 4.64 -30.79 15.61
CA LEU A 68 6.10 -30.56 15.61
C LEU A 68 6.71 -31.04 16.91
N LYS A 69 7.90 -31.65 16.82
CA LYS A 69 8.67 -32.12 17.99
C LYS A 69 10.15 -31.87 17.83
N TYR A 70 10.82 -31.57 18.94
CA TYR A 70 12.27 -31.45 18.97
C TYR A 70 12.88 -32.78 19.46
N PRO A 71 13.66 -33.48 18.61
CA PRO A 71 14.28 -34.75 19.06
C PRO A 71 15.37 -34.59 20.11
N ILE A 72 16.02 -33.43 20.13
CA ILE A 72 17.03 -33.12 21.13
C ILE A 72 16.39 -32.22 22.20
N GLU A 73 16.49 -32.66 23.46
CA GLU A 73 16.07 -31.92 24.65
C GLU A 73 17.28 -31.69 25.51
N HIS A 74 17.57 -30.43 25.86
CA HIS A 74 18.69 -30.06 26.75
C HIS A 74 20.03 -30.68 26.30
N GLY A 75 20.28 -30.65 24.99
CA GLY A 75 21.51 -31.18 24.41
C GLY A 75 21.53 -32.67 24.12
N ILE A 76 20.59 -33.42 24.67
CA ILE A 76 20.61 -34.89 24.65
C ILE A 76 19.50 -35.42 23.75
N ILE A 77 19.82 -36.48 23.02
CA ILE A 77 18.88 -37.05 22.06
C ILE A 77 17.85 -37.83 22.86
N THR A 78 16.56 -37.59 22.59
CA THR A 78 15.49 -38.35 23.24
C THR A 78 14.56 -39.09 22.28
N ASN A 79 14.39 -38.62 21.05
CA ASN A 79 13.61 -39.34 20.05
C ASN A 79 14.50 -39.85 18.89
N TRP A 80 14.96 -41.10 19.00
CA TRP A 80 15.84 -41.68 17.97
C TRP A 80 15.19 -41.84 16.62
N ASP A 81 13.89 -42.10 16.61
CA ASP A 81 13.12 -42.18 15.36
C ASP A 81 13.20 -40.84 14.61
N ASP A 82 12.91 -39.74 15.31
CA ASP A 82 12.95 -38.40 14.72
C ASP A 82 14.38 -37.94 14.41
N MET A 83 15.34 -38.37 15.22
CA MET A 83 16.73 -38.02 14.99
C MET A 83 17.25 -38.64 13.68
N GLU A 84 16.88 -39.90 13.46
CA GLU A 84 17.17 -40.60 12.21
C GLU A 84 16.69 -39.77 11.00
N LYS A 85 15.47 -39.21 11.12
CA LYS A 85 14.88 -38.36 10.06
C LYS A 85 15.67 -37.08 9.80
N ILE A 86 16.16 -36.44 10.86
CA ILE A 86 16.98 -35.23 10.73
C ILE A 86 18.28 -35.50 9.97
N TRP A 87 18.95 -36.60 10.31
CA TRP A 87 20.17 -36.97 9.58
C TRP A 87 19.91 -37.32 8.11
N HIS A 88 18.87 -38.10 7.84
CA HIS A 88 18.43 -38.35 6.47
C HIS A 88 18.15 -37.04 5.73
N HIS A 89 17.47 -36.10 6.40
CA HIS A 89 17.23 -34.79 5.82
C HIS A 89 18.56 -34.09 5.55
N THR A 90 19.45 -34.06 6.54
CA THR A 90 20.74 -33.37 6.42
C THR A 90 21.55 -33.85 5.22
N PHE A 91 21.70 -35.16 5.08
CA PHE A 91 22.48 -35.73 3.99
C PHE A 91 21.80 -35.51 2.66
N TYR A 92 20.57 -35.99 2.52
CA TYR A 92 19.93 -36.04 1.21
C TYR A 92 19.34 -34.71 0.71
N ASN A 93 18.89 -33.84 1.60
CA ASN A 93 18.22 -32.60 1.20
C ASN A 93 19.06 -31.35 1.31
N GLU A 94 19.74 -31.16 2.45
CA GLU A 94 20.60 -29.99 2.64
C GLU A 94 21.94 -30.18 1.92
N LEU A 95 22.77 -31.10 2.36
CA LEU A 95 24.09 -31.31 1.75
C LEU A 95 24.03 -31.99 0.37
N ARG A 96 22.91 -32.67 0.07
CA ARG A 96 22.72 -33.44 -1.18
C ARG A 96 23.93 -34.35 -1.50
N VAL A 97 24.20 -35.29 -0.61
CA VAL A 97 25.31 -36.23 -0.74
C VAL A 97 24.87 -37.63 -0.38
N ALA A 98 25.72 -38.59 -0.72
CA ALA A 98 25.52 -39.98 -0.35
C ALA A 98 26.45 -40.27 0.84
N PRO A 99 25.87 -40.56 2.02
CA PRO A 99 26.68 -40.81 3.21
C PRO A 99 27.57 -42.05 3.15
N GLU A 100 27.28 -42.99 2.25
CA GLU A 100 28.17 -44.14 1.98
C GLU A 100 29.56 -43.70 1.45
N GLU A 101 29.68 -42.51 0.86
CA GLU A 101 30.93 -42.05 0.23
C GLU A 101 31.80 -41.07 1.04
N HIS A 102 31.26 -40.48 2.11
CA HIS A 102 32.02 -39.55 2.95
C HIS A 102 32.11 -40.08 4.37
N PRO A 103 33.27 -39.94 5.03
CA PRO A 103 33.29 -40.18 6.47
C PRO A 103 32.56 -39.02 7.21
N VAL A 104 32.11 -39.26 8.44
CA VAL A 104 31.21 -38.31 9.13
C VAL A 104 31.66 -37.99 10.57
N LEU A 105 31.81 -36.69 10.88
CA LEU A 105 32.06 -36.23 12.25
C LEU A 105 30.76 -35.73 12.83
N LEU A 106 30.28 -36.38 13.89
CA LEU A 106 29.14 -35.90 14.66
C LEU A 106 29.66 -35.27 15.92
N THR A 107 28.81 -34.48 16.55
CA THR A 107 29.10 -33.86 17.84
C THR A 107 28.13 -34.39 18.89
N GLU A 108 28.50 -34.27 20.16
CA GLU A 108 27.65 -34.69 21.28
C GLU A 108 27.80 -33.75 22.48
N ALA A 109 26.82 -33.76 23.37
CA ALA A 109 26.90 -32.94 24.57
C ALA A 109 27.89 -33.51 25.62
N PRO A 110 28.41 -32.65 26.51
CA PRO A 110 29.11 -33.17 27.70
C PRO A 110 28.21 -34.06 28.52
N LEU A 111 28.77 -35.17 29.00
CA LEU A 111 28.04 -36.14 29.81
C LEU A 111 26.91 -36.85 29.04
N ASN A 112 27.10 -37.03 27.74
CA ASN A 112 26.16 -37.82 26.94
C ASN A 112 26.23 -39.27 27.41
N PRO A 113 25.09 -39.87 27.81
CA PRO A 113 25.09 -41.28 28.24
C PRO A 113 25.75 -42.25 27.25
N LYS A 114 26.45 -43.25 27.77
CA LYS A 114 27.12 -44.24 26.92
C LYS A 114 26.15 -44.94 25.96
N ALA A 115 24.94 -45.21 26.41
CA ALA A 115 23.90 -45.82 25.57
C ALA A 115 23.58 -45.00 24.32
N ASN A 116 23.50 -43.68 24.47
CA ASN A 116 23.28 -42.76 23.34
C ASN A 116 24.41 -42.80 22.31
N ARG A 117 25.65 -42.93 22.78
CA ARG A 117 26.81 -42.93 21.88
C ARG A 117 26.82 -44.16 20.98
N GLU A 118 26.39 -45.30 21.54
CA GLU A 118 26.26 -46.54 20.77
C GLU A 118 25.17 -46.44 19.72
N LYS A 119 24.03 -45.86 20.10
CA LYS A 119 22.87 -45.73 19.20
C LYS A 119 23.18 -44.81 18.02
N MET A 120 23.92 -43.74 18.31
CA MET A 120 24.46 -42.82 17.31
C MET A 120 25.36 -43.55 16.32
N THR A 121 26.27 -44.36 16.85
CA THR A 121 27.22 -45.13 16.04
C THR A 121 26.49 -46.14 15.14
N GLN A 122 25.62 -46.94 15.75
CA GLN A 122 24.77 -47.90 15.06
C GLN A 122 23.96 -47.31 13.90
N ILE A 123 23.37 -46.13 14.11
CA ILE A 123 22.58 -45.49 13.05
C ILE A 123 23.46 -45.08 11.88
N MET A 124 24.60 -44.44 12.13
CA MET A 124 25.51 -44.05 11.03
C MET A 124 25.95 -45.26 10.17
N PHE A 125 26.41 -46.32 10.82
CA PHE A 125 26.88 -47.51 10.12
C PHE A 125 25.75 -48.33 9.51
N GLU A 126 24.72 -48.65 10.29
CA GLU A 126 23.65 -49.52 9.80
C GLU A 126 22.54 -48.85 8.98
N THR A 127 22.15 -47.64 9.31
CA THR A 127 21.10 -46.96 8.54
C THR A 127 21.68 -46.22 7.33
N PHE A 128 22.79 -45.51 7.51
CA PHE A 128 23.34 -44.67 6.44
C PHE A 128 24.58 -45.24 5.74
N ASN A 129 25.12 -46.35 6.24
CA ASN A 129 26.30 -47.02 5.64
C ASN A 129 27.58 -46.18 5.53
N SER A 130 27.80 -45.28 6.49
CA SER A 130 28.99 -44.41 6.45
C SER A 130 30.29 -45.25 6.49
N PRO A 131 31.26 -44.92 5.62
CA PRO A 131 32.54 -45.64 5.59
C PRO A 131 33.33 -45.48 6.88
N ALA A 132 33.16 -44.34 7.55
CA ALA A 132 33.78 -44.09 8.84
C ALA A 132 33.12 -42.97 9.60
N MET A 133 33.25 -42.99 10.93
CA MET A 133 32.76 -41.90 11.77
C MET A 133 33.57 -41.69 13.05
N HIS A 134 33.53 -40.46 13.57
CA HIS A 134 34.05 -40.09 14.89
C HIS A 134 32.97 -39.25 15.55
N VAL A 135 32.94 -39.24 16.87
CA VAL A 135 32.08 -38.33 17.62
C VAL A 135 32.95 -37.54 18.60
N ALA A 136 32.66 -36.25 18.75
CA ALA A 136 33.46 -35.36 19.57
C ALA A 136 32.56 -34.59 20.52
N ILE A 137 33.12 -34.20 21.67
CA ILE A 137 32.40 -33.38 22.65
C ILE A 137 32.35 -31.93 22.14
N GLN A 138 31.15 -31.35 22.15
CA GLN A 138 30.90 -30.05 21.51
C GLN A 138 31.73 -28.90 22.05
N ALA A 139 31.79 -28.77 23.38
CA ALA A 139 32.62 -27.74 24.03
C ALA A 139 34.09 -27.87 23.64
N VAL A 140 34.59 -29.11 23.61
CA VAL A 140 35.98 -29.35 23.27
C VAL A 140 36.30 -28.85 21.85
N LEU A 141 35.35 -28.99 20.93
CA LEU A 141 35.54 -28.43 19.58
C LEU A 141 35.65 -26.87 19.58
N SER A 142 34.85 -26.21 20.41
CA SER A 142 34.92 -24.75 20.52
C SER A 142 36.21 -24.26 21.15
N LEU A 143 36.79 -25.07 22.03
CA LEU A 143 38.11 -24.74 22.56
C LEU A 143 39.21 -24.95 21.53
N TYR A 144 39.14 -26.04 20.75
CA TYR A 144 40.07 -26.26 19.64
C TYR A 144 39.96 -25.12 18.66
N ALA A 145 38.74 -24.66 18.40
CA ALA A 145 38.49 -23.57 17.45
C ALA A 145 39.13 -22.26 17.87
N SER A 146 39.23 -22.04 19.18
CA SER A 146 39.85 -20.82 19.70
C SER A 146 41.38 -20.87 19.63
N GLY A 147 41.95 -22.02 19.29
CA GLY A 147 43.38 -22.19 19.20
C GLY A 147 43.97 -22.64 20.51
N ARG A 148 43.20 -23.42 21.28
CA ARG A 148 43.57 -23.80 22.64
C ARG A 148 43.33 -25.28 22.94
N THR A 149 44.14 -25.84 23.82
CA THR A 149 43.84 -27.16 24.40
C THR A 149 43.57 -27.09 25.91
N THR A 150 43.84 -25.95 26.56
CA THR A 150 43.51 -25.74 27.95
C THR A 150 42.62 -24.52 28.06
N GLY A 151 41.57 -24.62 28.87
CA GLY A 151 40.59 -23.56 29.02
C GLY A 151 39.28 -24.08 29.58
N ILE A 152 38.37 -23.17 29.89
CA ILE A 152 37.01 -23.53 30.28
C ILE A 152 36.05 -22.88 29.27
N VAL A 153 35.04 -23.64 28.90
CA VAL A 153 34.07 -23.24 27.89
C VAL A 153 32.73 -23.05 28.57
N LEU A 154 32.10 -21.90 28.32
CA LEU A 154 30.69 -21.73 28.59
C LEU A 154 30.00 -21.85 27.25
N ASP A 155 29.33 -22.98 27.02
CA ASP A 155 28.53 -23.21 25.81
C ASP A 155 27.10 -22.99 26.22
N SER A 156 26.39 -22.13 25.49
CA SER A 156 24.99 -21.86 25.76
C SER A 156 24.25 -21.74 24.44
N GLY A 157 23.31 -22.64 24.23
CA GLY A 157 22.55 -22.74 22.98
C GLY A 157 21.06 -22.54 23.21
N ASP A 158 20.23 -23.37 22.60
CA ASP A 158 18.78 -23.23 22.70
C ASP A 158 18.20 -23.99 23.88
N GLY A 159 18.77 -25.13 24.21
CA GLY A 159 18.22 -26.00 25.25
C GLY A 159 19.00 -26.12 26.54
N VAL A 160 20.29 -25.77 26.53
CA VAL A 160 21.16 -26.12 27.66
C VAL A 160 22.40 -25.24 27.68
N SER A 161 22.96 -25.05 28.88
CA SER A 161 24.28 -24.43 29.04
C SER A 161 25.19 -25.36 29.86
N HIS A 162 26.45 -25.38 29.48
CA HIS A 162 27.46 -26.24 30.09
C HIS A 162 28.66 -25.39 30.34
N THR A 163 29.24 -25.49 31.54
CA THR A 163 30.58 -25.01 31.79
C THR A 163 31.47 -26.25 31.75
N VAL A 164 32.39 -26.29 30.78
CA VAL A 164 33.28 -27.44 30.58
C VAL A 164 34.75 -27.03 30.73
N PRO A 165 35.37 -27.33 31.90
CA PRO A 165 36.82 -27.12 32.00
C PRO A 165 37.56 -28.22 31.26
N ILE A 166 38.59 -27.82 30.54
CA ILE A 166 39.37 -28.71 29.67
C ILE A 166 40.84 -28.46 29.95
N TYR A 167 41.59 -29.54 30.15
CA TYR A 167 43.03 -29.45 30.39
C TYR A 167 43.82 -30.28 29.37
N GLU A 168 44.73 -29.61 28.67
CA GLU A 168 45.59 -30.21 27.65
C GLU A 168 44.88 -31.21 26.76
N GLY A 169 43.71 -30.83 26.27
CA GLY A 169 42.95 -31.65 25.32
C GLY A 169 41.79 -32.47 25.87
N TYR A 170 41.82 -32.77 27.17
CA TYR A 170 40.84 -33.67 27.80
C TYR A 170 39.88 -32.90 28.70
N ALA A 171 38.57 -33.10 28.50
CA ALA A 171 37.54 -32.53 29.40
C ALA A 171 37.60 -33.25 30.77
N LEU A 172 37.31 -32.51 31.84
CA LEU A 172 37.38 -32.98 33.22
C LEU A 172 35.95 -33.20 33.75
N PRO A 173 35.36 -34.39 33.48
CA PRO A 173 33.91 -34.58 33.69
C PRO A 173 33.37 -34.29 35.10
N HIS A 174 34.20 -34.49 36.12
CA HIS A 174 33.86 -34.16 37.52
C HIS A 174 33.65 -32.66 37.81
N ALA A 175 34.15 -31.78 36.93
CA ALA A 175 34.01 -30.34 37.10
C ALA A 175 33.02 -29.73 36.07
N ILE A 176 32.37 -30.58 35.28
CA ILE A 176 31.38 -30.11 34.31
C ILE A 176 30.08 -29.83 35.04
N LEU A 177 29.51 -28.65 34.82
CA LEU A 177 28.16 -28.31 35.32
C LEU A 177 27.21 -28.04 34.16
N ARG A 178 25.95 -28.42 34.36
CA ARG A 178 24.90 -28.30 33.36
C ARG A 178 23.87 -27.39 33.96
N LEU A 179 23.29 -26.54 33.13
CA LEU A 179 22.33 -25.57 33.60
C LEU A 179 21.20 -25.57 32.60
N ASP A 180 20.00 -26.00 32.99
CA ASP A 180 18.85 -26.08 32.05
C ASP A 180 18.19 -24.70 31.87
N LEU A 181 18.99 -23.80 31.31
CA LEU A 181 18.68 -22.41 31.17
C LEU A 181 19.45 -21.99 29.94
N ALA A 182 18.71 -21.69 28.87
CA ALA A 182 19.32 -21.37 27.59
C ALA A 182 18.35 -20.56 26.73
N GLY A 183 18.68 -20.38 25.46
CA GLY A 183 17.95 -19.47 24.58
C GLY A 183 16.45 -19.66 24.55
N ARG A 184 15.98 -20.91 24.51
CA ARG A 184 14.54 -21.22 24.48
C ARG A 184 13.81 -20.63 25.71
N ASP A 185 14.44 -20.73 26.87
CA ASP A 185 13.87 -20.18 28.07
C ASP A 185 13.84 -18.65 28.01
N LEU A 186 14.85 -18.02 27.41
CA LEU A 186 14.86 -16.57 27.26
C LEU A 186 13.80 -16.06 26.28
N THR A 187 13.64 -16.77 25.16
CA THR A 187 12.62 -16.43 24.21
C THR A 187 11.28 -16.52 24.89
N ASP A 188 11.09 -17.57 25.67
CA ASP A 188 9.82 -17.78 26.39
C ASP A 188 9.55 -16.70 27.44
N TYR A 189 10.59 -16.30 28.16
CA TYR A 189 10.49 -15.23 29.15
C TYR A 189 10.13 -13.93 28.46
N LEU A 190 10.76 -13.66 27.32
CA LEU A 190 10.46 -12.43 26.57
C LEU A 190 9.01 -12.36 26.14
N MET A 191 8.43 -13.51 25.80
CA MET A 191 7.01 -13.58 25.43
C MET A 191 6.09 -13.19 26.57
N LYS A 192 6.49 -13.56 27.79
CA LYS A 192 5.72 -13.26 28.99
C LYS A 192 5.75 -11.77 29.24
N ILE A 193 6.96 -11.22 29.36
CA ILE A 193 7.09 -9.84 29.81
C ILE A 193 6.55 -8.84 28.79
N LEU A 194 6.56 -9.19 27.50
CA LEU A 194 5.95 -8.35 26.47
C LEU A 194 4.43 -8.23 26.63
N THR A 195 3.77 -9.22 27.26
CA THR A 195 2.32 -9.11 27.49
C THR A 195 1.97 -7.97 28.44
N GLU A 196 2.93 -7.48 29.24
CA GLU A 196 2.66 -6.29 30.05
C GLU A 196 2.52 -5.06 29.15
N ARG A 197 3.20 -5.05 28.01
CA ARG A 197 3.00 -3.96 27.03
C ARG A 197 1.78 -4.15 26.15
N GLY A 198 0.96 -5.14 26.44
CA GLY A 198 -0.21 -5.43 25.63
C GLY A 198 0.07 -6.21 24.35
N TYR A 199 1.20 -6.92 24.30
CA TYR A 199 1.60 -7.72 23.17
C TYR A 199 1.47 -9.21 23.51
N SER A 200 0.45 -9.88 22.98
CA SER A 200 0.24 -11.32 23.23
C SER A 200 0.70 -12.28 22.10
N PHE A 201 2.01 -12.54 22.07
CA PHE A 201 2.60 -13.59 21.24
C PHE A 201 2.45 -14.95 21.93
N THR A 202 1.90 -15.92 21.19
CA THR A 202 1.39 -17.21 21.71
C THR A 202 1.56 -18.45 20.81
N THR A 203 1.56 -18.28 19.50
CA THR A 203 1.71 -19.38 18.55
C THR A 203 3.17 -19.69 18.33
N THR A 204 3.47 -20.84 17.72
CA THR A 204 4.88 -21.21 17.44
C THR A 204 5.45 -20.29 16.37
N ALA A 205 4.58 -19.84 15.46
CA ALA A 205 4.96 -18.83 14.49
C ALA A 205 5.36 -17.51 15.19
N GLU A 206 4.51 -17.08 16.13
CA GLU A 206 4.81 -15.89 16.93
C GLU A 206 6.02 -16.10 17.83
N ARG A 207 6.21 -17.31 18.36
CA ARG A 207 7.41 -17.65 19.14
C ARG A 207 8.68 -17.43 18.33
N GLU A 208 8.64 -17.74 17.04
CA GLU A 208 9.80 -17.54 16.17
C GLU A 208 10.05 -16.07 15.91
N ILE A 209 8.98 -15.29 15.81
CA ILE A 209 9.11 -13.85 15.68
C ILE A 209 9.73 -13.28 16.96
N VAL A 210 9.27 -13.71 18.13
CA VAL A 210 9.85 -13.20 19.39
C VAL A 210 11.32 -13.60 19.56
N ARG A 211 11.69 -14.79 19.09
CA ARG A 211 13.09 -15.14 19.01
C ARG A 211 13.89 -14.14 18.15
N ASP A 212 13.31 -13.68 17.04
CA ASP A 212 13.94 -12.66 16.17
C ASP A 212 14.15 -11.33 16.92
N ILE A 213 13.09 -10.88 17.60
CA ILE A 213 13.16 -9.67 18.41
C ILE A 213 14.30 -9.80 19.42
N LYS A 214 14.31 -10.91 20.17
CA LYS A 214 15.34 -11.21 21.17
C LYS A 214 16.74 -11.12 20.62
N GLU A 215 16.95 -11.73 19.46
CA GLU A 215 18.27 -11.77 18.84
C GLU A 215 18.75 -10.42 18.37
N LYS A 216 17.82 -9.55 17.98
CA LYS A 216 18.17 -8.23 17.44
C LYS A 216 18.08 -7.07 18.41
N LEU A 217 17.28 -7.17 19.48
CA LEU A 217 17.07 -6.02 20.40
C LEU A 217 17.68 -6.15 21.80
N CYS A 218 17.91 -7.35 22.26
CA CYS A 218 18.39 -7.54 23.62
C CYS A 218 19.89 -7.29 23.76
N TYR A 219 20.31 -6.84 24.94
CA TYR A 219 21.74 -6.73 25.27
C TYR A 219 21.91 -7.01 26.75
N VAL A 220 23.14 -7.25 27.17
CA VAL A 220 23.43 -7.41 28.58
C VAL A 220 23.87 -6.03 29.10
N ALA A 221 23.18 -5.52 30.13
CA ALA A 221 23.64 -4.32 30.83
C ALA A 221 24.86 -4.66 31.69
N LEU A 222 25.85 -3.76 31.70
CA LEU A 222 27.02 -3.92 32.56
C LEU A 222 26.62 -3.74 34.04
N ASP A 223 25.67 -2.82 34.26
CA ASP A 223 25.09 -2.51 35.58
C ASP A 223 23.55 -2.47 35.45
N PHE A 224 22.92 -3.57 35.87
CA PHE A 224 21.48 -3.76 35.69
C PHE A 224 20.63 -2.70 36.38
N GLU A 225 20.90 -2.44 37.65
CA GLU A 225 20.13 -1.47 38.41
C GLU A 225 20.24 -0.06 37.82
N GLN A 226 21.39 0.29 37.25
CA GLN A 226 21.56 1.58 36.60
C GLN A 226 20.81 1.71 35.28
N GLU A 227 20.75 0.64 34.48
CA GLU A 227 19.93 0.66 33.26
C GLU A 227 18.45 0.68 33.61
N MET A 228 18.04 -0.03 34.66
CA MET A 228 16.65 0.02 35.10
C MET A 228 16.24 1.44 35.42
N ALA A 229 17.11 2.15 36.14
CA ALA A 229 16.87 3.57 36.49
C ALA A 229 16.71 4.44 35.26
N THR A 230 17.56 4.22 34.27
CA THR A 230 17.50 4.96 33.02
C THR A 230 16.20 4.72 32.30
N ALA A 231 15.85 3.44 32.17
CA ALA A 231 14.59 3.02 31.56
C ALA A 231 13.33 3.57 32.23
N ALA A 232 13.38 3.83 33.53
CA ALA A 232 12.24 4.39 34.28
C ALA A 232 12.21 5.93 34.23
N ALA A 233 13.38 6.56 34.28
CA ALA A 233 13.49 8.01 34.22
C ALA A 233 13.00 8.63 32.88
N SER A 234 13.24 7.92 31.78
CA SER A 234 13.09 8.48 30.43
C SER A 234 12.72 7.37 29.48
N THR A 235 12.49 7.75 28.23
CA THR A 235 12.12 6.81 27.17
C THR A 235 13.29 6.51 26.20
N SER A 236 14.50 6.82 26.61
CA SER A 236 15.67 6.79 25.77
C SER A 236 16.24 5.42 25.52
N LEU A 237 15.65 4.35 26.06
CA LEU A 237 16.04 2.99 25.67
C LEU A 237 14.99 2.30 24.85
N GLU A 238 13.89 2.96 24.58
CA GLU A 238 12.87 2.32 23.78
C GLU A 238 13.38 2.17 22.34
N LYS A 239 12.95 1.11 21.67
CA LYS A 239 13.40 0.81 20.31
C LYS A 239 12.32 0.01 19.59
N SER A 240 12.01 0.35 18.35
CA SER A 240 10.88 -0.27 17.65
C SER A 240 11.26 -1.38 16.68
N TYR A 241 10.32 -2.30 16.49
CA TYR A 241 10.51 -3.49 15.64
C TYR A 241 9.34 -3.66 14.68
N GLU A 242 9.64 -3.99 13.43
CA GLU A 242 8.60 -4.23 12.45
C GLU A 242 8.35 -5.73 12.30
N LEU A 243 7.16 -6.17 12.67
CA LEU A 243 6.71 -7.54 12.45
C LEU A 243 6.63 -7.87 10.95
N PRO A 244 6.66 -9.17 10.58
CA PRO A 244 6.57 -9.52 9.16
C PRO A 244 5.32 -9.01 8.45
N ASP A 245 4.21 -8.84 9.17
CA ASP A 245 3.00 -8.27 8.57
C ASP A 245 2.95 -6.73 8.50
N GLY A 246 4.05 -6.06 8.84
CA GLY A 246 4.11 -4.59 8.79
C GLY A 246 3.78 -3.86 10.07
N GLN A 247 3.16 -4.54 11.03
CA GLN A 247 2.86 -3.90 12.31
C GLN A 247 4.14 -3.52 13.01
N VAL A 248 4.07 -2.49 13.86
CA VAL A 248 5.23 -2.04 14.62
C VAL A 248 5.00 -1.98 16.13
N ILE A 249 5.91 -2.56 16.88
CA ILE A 249 5.92 -2.58 18.35
C ILE A 249 7.15 -1.83 18.87
N ALA A 250 7.04 -1.22 20.07
CA ALA A 250 8.14 -0.52 20.75
C ALA A 250 8.38 -1.26 22.06
N ILE A 251 9.64 -1.53 22.41
CA ILE A 251 9.98 -2.16 23.70
C ILE A 251 11.18 -1.49 24.38
N GLY A 252 11.24 -1.66 25.70
CA GLY A 252 12.09 -0.84 26.58
C GLY A 252 12.99 -1.67 27.47
N ASN A 253 12.73 -1.73 28.77
CA ASN A 253 13.62 -2.48 29.64
C ASN A 253 13.64 -4.00 29.39
N GLU A 254 12.64 -4.51 28.69
CA GLU A 254 12.63 -5.91 28.23
C GLU A 254 13.91 -6.28 27.46
N ARG A 255 14.45 -5.30 26.75
CA ARG A 255 15.70 -5.42 25.99
C ARG A 255 16.83 -5.98 26.83
N PHE A 256 17.05 -5.41 28.01
CA PHE A 256 18.16 -5.89 28.86
C PHE A 256 17.75 -6.82 30.01
N ARG A 257 16.45 -6.91 30.26
CA ARG A 257 15.91 -7.75 31.33
C ARG A 257 15.87 -9.22 30.94
N CYS A 258 15.57 -9.48 29.66
CA CYS A 258 15.53 -10.84 29.14
C CYS A 258 16.87 -11.60 29.35
N PRO A 259 17.99 -11.12 28.74
CA PRO A 259 19.26 -11.80 28.98
C PRO A 259 19.83 -11.65 30.39
N GLU A 260 19.33 -10.71 31.20
CA GLU A 260 19.75 -10.65 32.61
C GLU A 260 19.44 -11.93 33.34
N ALA A 261 18.40 -12.64 32.88
CA ALA A 261 18.03 -13.95 33.42
C ALA A 261 19.14 -14.98 33.46
N LEU A 262 20.11 -14.86 32.54
CA LEU A 262 21.36 -15.67 32.50
C LEU A 262 22.21 -15.51 33.77
N PHE A 263 22.21 -14.29 34.30
CA PHE A 263 22.89 -13.95 35.54
C PHE A 263 21.95 -14.04 36.77
N GLN A 264 20.64 -13.98 36.56
CA GLN A 264 19.65 -14.06 37.64
C GLN A 264 18.51 -15.03 37.33
N PRO A 265 18.79 -16.34 37.45
CA PRO A 265 17.77 -17.36 37.09
C PRO A 265 16.40 -17.23 37.83
N SER A 266 16.37 -16.57 38.99
CA SER A 266 15.11 -16.24 39.66
C SER A 266 14.10 -15.56 38.72
N PHE A 267 14.58 -14.72 37.80
CA PHE A 267 13.70 -14.12 36.79
C PHE A 267 12.91 -15.19 36.01
N LEU A 268 13.49 -16.38 35.85
CA LEU A 268 12.81 -17.52 35.22
C LEU A 268 12.16 -18.49 36.22
N GLY A 269 11.99 -18.06 37.47
CA GLY A 269 11.51 -18.95 38.49
C GLY A 269 12.46 -20.04 38.94
N MET A 270 13.74 -19.93 38.57
CA MET A 270 14.73 -20.95 38.90
C MET A 270 15.52 -20.56 40.14
N GLU A 271 15.66 -21.52 41.05
CA GLU A 271 16.45 -21.36 42.27
C GLU A 271 17.84 -21.89 41.97
N SER A 272 18.62 -21.13 41.20
CA SER A 272 19.89 -21.61 40.63
C SER A 272 20.87 -20.50 40.35
N CYS A 273 22.13 -20.88 40.16
CA CYS A 273 23.22 -19.95 39.95
C CYS A 273 23.25 -19.50 38.51
N GLY A 274 23.65 -18.26 38.30
CA GLY A 274 23.79 -17.73 36.93
C GLY A 274 24.99 -18.33 36.25
N ILE A 275 25.17 -18.00 34.97
CA ILE A 275 26.30 -18.50 34.18
C ILE A 275 27.66 -18.09 34.76
N HIS A 276 27.78 -16.83 35.19
CA HIS A 276 28.97 -16.32 35.87
C HIS A 276 29.38 -17.15 37.11
N GLU A 277 28.40 -17.60 37.87
CA GLU A 277 28.68 -18.30 39.12
C GLU A 277 28.81 -19.78 38.91
N THR A 278 28.01 -20.33 37.99
CA THR A 278 28.18 -21.69 37.48
C THR A 278 29.62 -21.88 36.93
N VAL A 279 30.13 -20.89 36.17
CA VAL A 279 31.50 -20.92 35.62
C VAL A 279 32.53 -20.94 36.75
N TYR A 280 32.38 -20.02 37.70
CA TYR A 280 33.21 -19.99 38.89
C TYR A 280 33.29 -21.34 39.61
N ASN A 281 32.13 -21.98 39.79
CA ASN A 281 32.03 -23.26 40.49
C ASN A 281 32.71 -24.40 39.77
N SER A 282 32.61 -24.41 38.44
CA SER A 282 33.33 -25.41 37.64
C SER A 282 34.84 -25.29 37.84
N ILE A 283 35.34 -24.05 37.79
CA ILE A 283 36.76 -23.77 38.03
C ILE A 283 37.19 -24.27 39.44
N MET A 284 36.34 -24.02 40.43
CA MET A 284 36.62 -24.41 41.82
C MET A 284 36.59 -25.92 42.07
N LYS A 285 35.82 -26.65 41.27
CA LYS A 285 35.87 -28.13 41.31
C LYS A 285 37.13 -28.74 40.66
N CYS A 286 37.92 -27.93 39.94
CA CYS A 286 39.23 -28.31 39.42
C CYS A 286 40.34 -28.08 40.42
N ASP A 287 41.45 -28.79 40.21
CA ASP A 287 42.65 -28.68 41.05
C ASP A 287 43.17 -27.24 41.03
N VAL A 288 43.57 -26.74 42.20
CA VAL A 288 44.07 -25.34 42.37
C VAL A 288 45.13 -25.02 41.31
N ASP A 289 46.03 -25.96 41.09
CA ASP A 289 47.15 -25.77 40.17
C ASP A 289 46.79 -25.38 38.74
N ILE A 290 45.61 -25.78 38.24
CA ILE A 290 45.21 -25.45 36.87
C ILE A 290 44.21 -24.28 36.76
N ARG A 291 43.79 -23.70 37.87
CA ARG A 291 42.71 -22.69 37.87
C ARG A 291 43.09 -21.39 37.19
N LYS A 292 44.27 -20.87 37.52
CA LYS A 292 44.82 -19.67 36.88
C LYS A 292 44.60 -19.70 35.35
N ASP A 293 44.93 -20.83 34.73
CA ASP A 293 44.79 -21.03 33.28
C ASP A 293 43.38 -21.09 32.79
N LEU A 294 42.50 -21.71 33.57
CA LEU A 294 41.08 -21.73 33.23
C LEU A 294 40.53 -20.29 33.27
N TYR A 295 40.86 -19.55 34.32
CA TYR A 295 40.43 -18.16 34.47
C TYR A 295 40.88 -17.24 33.33
N ALA A 296 42.10 -17.48 32.84
CA ALA A 296 42.67 -16.71 31.72
C ALA A 296 42.30 -17.26 30.32
N ASN A 297 41.56 -18.36 30.27
CA ASN A 297 41.10 -18.97 29.02
C ASN A 297 39.65 -19.43 29.13
N THR A 298 38.82 -18.48 29.54
CA THR A 298 37.39 -18.66 29.57
C THR A 298 36.89 -18.31 28.17
N VAL A 299 36.40 -19.31 27.47
CA VAL A 299 35.99 -19.16 26.09
C VAL A 299 34.48 -19.38 26.09
N MET A 300 33.80 -18.66 25.21
CA MET A 300 32.38 -18.64 25.17
C MET A 300 31.87 -19.03 23.83
N SER A 301 30.79 -19.81 23.84
CA SER A 301 30.36 -20.56 22.67
C SER A 301 28.83 -20.68 22.65
N GLY A 302 28.26 -20.68 21.44
CA GLY A 302 26.83 -20.90 21.23
C GLY A 302 26.11 -19.61 20.98
N GLY A 303 24.93 -19.68 20.35
CA GLY A 303 24.12 -18.49 20.04
C GLY A 303 23.63 -17.66 21.23
N THR A 304 23.38 -18.31 22.37
CA THR A 304 22.96 -17.59 23.59
C THR A 304 24.09 -16.81 24.28
N THR A 305 25.33 -16.93 23.78
CA THR A 305 26.38 -16.06 24.25
C THR A 305 26.63 -14.91 23.29
N MET A 306 25.71 -14.68 22.35
CA MET A 306 25.87 -13.63 21.32
C MET A 306 25.38 -12.25 21.70
N TYR A 307 24.87 -12.07 22.92
CA TYR A 307 24.33 -10.79 23.38
C TYR A 307 25.44 -9.75 23.45
N PRO A 308 25.22 -8.59 22.82
CA PRO A 308 26.11 -7.47 23.07
C PRO A 308 26.23 -7.25 24.57
N GLY A 309 27.44 -6.95 25.01
CA GLY A 309 27.68 -6.67 26.43
C GLY A 309 27.86 -7.85 27.39
N ILE A 310 27.70 -9.08 26.90
CA ILE A 310 27.83 -10.28 27.75
C ILE A 310 29.28 -10.57 28.16
N ALA A 311 30.23 -10.33 27.27
CA ALA A 311 31.62 -10.59 27.58
C ALA A 311 32.14 -9.69 28.71
N ASP A 312 31.78 -8.41 28.68
CA ASP A 312 32.18 -7.47 29.72
C ASP A 312 31.53 -7.80 31.05
N ARG A 313 30.28 -8.26 30.99
CA ARG A 313 29.55 -8.61 32.20
C ARG A 313 30.14 -9.86 32.89
N MET A 314 30.53 -10.87 32.11
CA MET A 314 31.20 -12.06 32.63
C MET A 314 32.55 -11.73 33.23
N GLN A 315 33.26 -10.81 32.59
CA GLN A 315 34.53 -10.26 33.11
C GLN A 315 34.33 -9.59 34.48
N LYS A 316 33.35 -8.68 34.56
CA LYS A 316 32.98 -8.01 35.80
C LYS A 316 32.59 -8.99 36.88
N GLU A 317 31.64 -9.88 36.54
CA GLU A 317 31.02 -10.76 37.50
C GLU A 317 31.94 -11.85 38.04
N ILE A 318 32.79 -12.41 37.17
CA ILE A 318 33.78 -13.41 37.60
C ILE A 318 34.92 -12.76 38.39
N THR A 319 35.39 -11.59 37.97
CA THR A 319 36.38 -10.86 38.76
C THR A 319 35.89 -10.57 40.18
N ALA A 320 34.59 -10.34 40.34
CA ALA A 320 33.98 -10.17 41.67
C ALA A 320 34.09 -11.41 42.57
N LEU A 321 34.00 -12.62 42.00
CA LEU A 321 34.05 -13.84 42.81
C LEU A 321 35.44 -14.42 42.95
N ALA A 322 36.33 -14.18 41.99
CA ALA A 322 37.66 -14.81 42.01
C ALA A 322 38.64 -14.05 42.91
N PRO A 323 39.69 -14.76 43.39
CA PRO A 323 40.78 -14.07 44.11
C PRO A 323 41.31 -12.88 43.31
N SER A 324 41.72 -11.81 43.99
CA SER A 324 42.13 -10.57 43.32
C SER A 324 43.48 -10.72 42.62
N THR A 325 44.30 -11.66 43.07
CA THR A 325 45.52 -12.07 42.34
C THR A 325 45.25 -12.48 40.85
N ILE A 326 44.19 -13.26 40.64
CA ILE A 326 44.00 -13.98 39.38
C ILE A 326 43.56 -13.02 38.26
N LYS A 327 43.96 -13.34 37.03
CA LYS A 327 43.61 -12.58 35.84
C LYS A 327 42.51 -13.33 35.13
N THR A 328 41.40 -12.66 34.96
CA THR A 328 40.23 -13.22 34.31
C THR A 328 40.19 -12.67 32.87
N LYS A 329 40.36 -13.54 31.88
CA LYS A 329 40.33 -13.16 30.46
C LYS A 329 39.26 -13.95 29.72
N ILE A 330 38.24 -13.24 29.19
CA ILE A 330 37.14 -13.83 28.42
C ILE A 330 37.47 -13.76 26.92
N ILE A 331 37.23 -14.86 26.20
CA ILE A 331 37.38 -14.92 24.75
C ILE A 331 35.99 -15.14 24.21
N ALA A 332 35.66 -14.40 23.16
CA ALA A 332 34.29 -14.36 22.62
C ALA A 332 34.38 -14.18 21.11
N PRO A 333 34.67 -15.28 20.40
CA PRO A 333 34.85 -15.13 18.96
C PRO A 333 33.65 -14.49 18.27
N PRO A 334 33.87 -13.65 17.26
CA PRO A 334 32.76 -12.98 16.56
C PRO A 334 31.61 -13.91 16.13
N GLU A 335 31.97 -15.05 15.54
CA GLU A 335 31.01 -15.95 14.89
C GLU A 335 30.77 -17.21 15.74
N ARG A 336 30.61 -17.01 17.04
CA ARG A 336 30.67 -18.12 17.98
C ARG A 336 29.42 -19.00 18.07
N LYS A 337 28.35 -18.66 17.36
CA LYS A 337 27.23 -19.59 17.24
C LYS A 337 27.59 -20.85 16.42
N TYR A 338 28.68 -20.76 15.63
CA TYR A 338 29.22 -21.90 14.86
C TYR A 338 30.60 -22.39 15.34
N SER A 339 31.03 -22.02 16.55
CA SER A 339 32.36 -22.41 17.07
C SER A 339 32.53 -23.93 17.08
N VAL A 340 31.50 -24.63 17.53
CA VAL A 340 31.48 -26.11 17.58
C VAL A 340 31.68 -26.70 16.21
N TRP A 341 30.92 -26.20 15.23
CA TRP A 341 31.06 -26.67 13.87
C TRP A 341 32.46 -26.34 13.31
N ILE A 342 32.95 -25.11 13.51
CA ILE A 342 34.30 -24.75 13.02
C ILE A 342 35.39 -25.66 13.61
N GLY A 343 35.28 -25.96 14.90
CA GLY A 343 36.16 -26.91 15.56
C GLY A 343 36.16 -28.26 14.86
N GLY A 344 34.97 -28.76 14.54
CA GLY A 344 34.82 -30.03 13.82
C GLY A 344 35.42 -29.99 12.44
N SER A 345 35.19 -28.87 11.72
CA SER A 345 35.80 -28.68 10.38
C SER A 345 37.34 -28.66 10.43
N ILE A 346 37.90 -28.03 11.46
CA ILE A 346 39.34 -28.06 11.72
C ILE A 346 39.82 -29.51 11.95
N LEU A 347 39.13 -30.23 12.83
CA LEU A 347 39.59 -31.54 13.31
C LEU A 347 39.53 -32.60 12.21
N ALA A 348 38.41 -32.66 11.49
CA ALA A 348 38.24 -33.61 10.39
C ALA A 348 39.24 -33.33 9.29
N SER A 349 39.51 -32.05 9.03
CA SER A 349 40.47 -31.63 8.01
C SER A 349 41.94 -31.89 8.33
N LEU A 350 42.29 -32.03 9.61
CA LEU A 350 43.67 -32.37 9.99
C LEU A 350 44.07 -33.68 9.35
N SER A 351 45.33 -33.78 8.98
CA SER A 351 45.88 -34.94 8.29
C SER A 351 46.14 -36.05 9.32
N THR A 352 46.71 -35.66 10.46
CA THR A 352 46.91 -36.55 11.60
C THR A 352 45.65 -37.27 12.08
N PHE A 353 44.48 -36.64 11.92
CA PHE A 353 43.19 -37.20 12.38
C PHE A 353 42.70 -38.41 11.60
N GLN A 354 43.10 -38.56 10.34
CA GLN A 354 42.57 -39.62 9.48
C GLN A 354 42.74 -41.04 10.05
N GLN A 355 43.67 -41.20 11.00
CA GLN A 355 43.85 -42.46 11.71
C GLN A 355 42.75 -42.69 12.77
N MET A 356 42.17 -41.61 13.29
CA MET A 356 41.24 -41.65 14.43
C MET A 356 39.84 -42.19 14.12
N TRP A 357 39.39 -42.05 12.87
CA TRP A 357 38.04 -42.48 12.47
C TRP A 357 37.77 -43.92 12.88
N ILE A 358 36.54 -44.20 13.31
CA ILE A 358 36.06 -45.58 13.38
C ILE A 358 35.68 -45.93 11.96
N SER A 359 36.26 -46.99 11.39
CA SER A 359 35.95 -47.47 10.03
C SER A 359 34.80 -48.49 10.00
N LYS A 360 34.22 -48.67 8.82
CA LYS A 360 33.11 -49.61 8.63
C LYS A 360 33.54 -51.02 8.97
N GLU A 361 34.81 -51.33 8.68
CA GLU A 361 35.41 -52.60 9.04
C GLU A 361 35.45 -52.79 10.55
N GLU A 362 35.87 -51.75 11.29
CA GLU A 362 35.94 -51.84 12.75
C GLU A 362 34.57 -52.06 13.41
N TYR A 363 33.53 -51.39 12.89
CA TYR A 363 32.15 -51.57 13.37
C TYR A 363 31.54 -52.93 12.97
N ASP A 364 31.80 -53.38 11.73
CA ASP A 364 31.30 -54.68 11.31
C ASP A 364 31.94 -55.80 12.15
N GLU A 365 33.15 -55.58 12.65
CA GLU A 365 33.90 -56.56 13.49
C GLU A 365 33.69 -56.46 15.01
N SER A 366 33.36 -55.27 15.53
CA SER A 366 33.12 -55.09 16.98
C SER A 366 31.76 -54.54 17.43
N GLY A 367 30.86 -54.16 16.52
CA GLY A 367 29.52 -53.65 16.92
C GLY A 367 29.49 -52.26 17.58
N PRO A 368 28.31 -51.77 18.00
CA PRO A 368 28.19 -50.39 18.54
C PRO A 368 29.08 -50.03 19.74
N GLY A 369 29.41 -51.03 20.58
CA GLY A 369 30.30 -50.87 21.75
C GLY A 369 31.64 -50.23 21.46
N ILE A 370 32.15 -50.41 20.25
CA ILE A 370 33.46 -49.86 19.81
C ILE A 370 33.70 -48.37 20.07
N VAL A 371 32.66 -47.55 19.93
CA VAL A 371 32.79 -46.11 20.07
C VAL A 371 33.59 -45.63 21.31
N HIS A 372 33.46 -46.34 22.43
CA HIS A 372 34.09 -45.93 23.70
C HIS A 372 35.60 -46.13 23.65
N ARG A 373 36.06 -47.10 22.86
CA ARG A 373 37.50 -47.36 22.69
C ARG A 373 38.18 -46.26 21.87
N LYS A 374 37.50 -45.76 20.84
CA LYS A 374 38.11 -44.81 19.91
C LYS A 374 37.83 -43.34 20.23
N CYS A 375 36.74 -43.05 20.96
CA CYS A 375 36.33 -41.67 21.24
C CYS A 375 36.25 -41.39 22.76
N LYS B 22 -33.55 -33.72 66.48
CA LYS B 22 -32.73 -34.41 65.43
C LYS B 22 -32.39 -33.48 64.26
N PRO B 23 -31.11 -33.06 64.14
CA PRO B 23 -30.77 -32.02 63.16
C PRO B 23 -30.84 -32.52 61.71
N GLN B 24 -30.76 -31.59 60.76
CA GLN B 24 -30.94 -31.88 59.31
C GLN B 24 -29.85 -32.75 58.73
N THR B 25 -28.70 -32.71 59.39
CA THR B 25 -27.59 -33.59 59.08
C THR B 25 -27.86 -35.08 59.38
N GLU B 26 -28.91 -35.39 60.15
CA GLU B 26 -29.31 -36.79 60.40
C GLU B 26 -30.52 -37.29 59.59
N LEU B 27 -31.18 -36.41 58.83
CA LEU B 27 -32.38 -36.78 58.09
C LEU B 27 -32.05 -37.39 56.72
N PRO B 28 -32.88 -38.35 56.25
CA PRO B 28 -32.67 -38.99 54.95
C PRO B 28 -33.03 -38.13 53.71
N LEU B 29 -32.66 -38.66 52.54
CA LEU B 29 -33.02 -38.12 51.24
C LEU B 29 -33.91 -39.13 50.49
N GLY B 30 -34.70 -38.63 49.54
CA GLY B 30 -35.56 -39.47 48.69
C GLY B 30 -35.49 -39.07 47.23
N TRP B 31 -36.22 -39.78 46.38
CA TRP B 31 -36.33 -39.46 44.93
C TRP B 31 -37.69 -38.85 44.59
N LYS B 32 -37.70 -37.80 43.77
CA LYS B 32 -38.94 -37.29 43.16
C LYS B 32 -39.36 -38.03 41.90
N GLY B 33 -38.51 -38.15 40.90
CA GLY B 33 -38.87 -38.98 39.73
C GLY B 33 -38.22 -40.33 39.90
N LYS B 34 -38.33 -41.17 38.87
CA LYS B 34 -37.42 -42.27 38.70
C LYS B 34 -36.05 -41.62 38.39
N PRO B 35 -34.97 -42.00 39.11
CA PRO B 35 -33.65 -41.47 38.78
C PRO B 35 -33.07 -42.07 37.49
N LEU B 36 -31.94 -41.52 37.05
CA LEU B 36 -31.29 -41.96 35.82
C LEU B 36 -30.47 -43.22 36.05
N SER B 37 -30.31 -44.03 35.00
CA SER B 37 -29.50 -45.25 35.08
C SER B 37 -28.09 -44.83 35.46
N GLY B 38 -27.49 -45.56 36.40
CA GLY B 38 -26.19 -45.18 36.98
C GLY B 38 -26.29 -44.37 38.27
N ALA B 39 -27.50 -44.04 38.70
CA ALA B 39 -27.69 -43.26 39.93
C ALA B 39 -27.32 -44.10 41.15
N PRO B 40 -26.74 -43.47 42.18
CA PRO B 40 -26.41 -44.22 43.38
C PRO B 40 -27.65 -44.57 44.21
N ASP B 41 -27.46 -45.49 45.16
CA ASP B 41 -28.45 -45.76 46.18
C ASP B 41 -28.36 -44.62 47.18
N LEU B 42 -29.51 -44.13 47.63
CA LEU B 42 -29.58 -43.01 48.58
C LEU B 42 -29.51 -43.44 50.05
N GLU B 43 -29.82 -44.70 50.36
CA GLU B 43 -29.74 -45.21 51.75
C GLU B 43 -28.40 -44.82 52.39
N GLY B 44 -28.47 -44.19 53.57
CA GLY B 44 -27.29 -43.74 54.29
C GLY B 44 -26.82 -42.32 54.00
N MET B 45 -27.12 -41.78 52.82
CA MET B 45 -26.68 -40.43 52.47
C MET B 45 -27.23 -39.36 53.41
N ARG B 46 -26.38 -38.38 53.73
CA ARG B 46 -26.74 -37.30 54.65
C ARG B 46 -26.15 -35.97 54.19
N VAL B 47 -26.82 -34.87 54.55
CA VAL B 47 -26.33 -33.52 54.24
C VAL B 47 -25.16 -33.19 55.15
N ALA B 48 -24.07 -32.67 54.58
CA ALA B 48 -22.88 -32.28 55.34
C ALA B 48 -22.88 -30.77 55.60
N GLU B 49 -22.94 -29.98 54.53
CA GLU B 49 -23.01 -28.51 54.61
C GLU B 49 -23.84 -27.94 53.47
N THR B 50 -24.17 -26.64 53.52
CA THR B 50 -24.77 -25.92 52.37
C THR B 50 -24.04 -24.59 52.05
N ASP B 51 -23.43 -24.54 50.86
CA ASP B 51 -22.43 -23.53 50.48
C ASP B 51 -22.98 -22.28 49.76
N LYS B 52 -22.08 -21.32 49.60
CA LYS B 52 -22.26 -20.11 48.82
C LYS B 52 -21.22 -20.08 47.71
N GLU B 57 -28.10 -16.21 42.90
CA GLU B 57 -27.59 -17.45 43.46
C GLU B 57 -28.72 -18.40 43.89
N SER B 58 -28.37 -19.69 44.00
CA SER B 58 -29.24 -20.71 44.62
C SER B 58 -28.40 -21.48 45.61
N HIS B 59 -29.03 -22.15 46.57
CA HIS B 59 -28.30 -22.85 47.62
C HIS B 59 -27.86 -24.25 47.18
N ILE B 60 -26.57 -24.53 47.29
CA ILE B 60 -26.00 -25.84 46.93
C ILE B 60 -25.54 -26.50 48.22
N SER B 61 -26.03 -27.71 48.50
CA SER B 61 -25.60 -28.47 49.65
C SER B 61 -24.80 -29.69 49.24
N ILE B 62 -23.84 -30.07 50.07
CA ILE B 62 -22.97 -31.21 49.81
C ILE B 62 -23.60 -32.41 50.48
N ILE B 63 -23.78 -33.49 49.74
CA ILE B 63 -24.30 -34.75 50.29
C ILE B 63 -23.13 -35.72 50.49
N GLU B 64 -22.87 -36.05 51.75
CA GLU B 64 -21.89 -37.05 52.12
C GLU B 64 -22.57 -38.41 52.08
N THR B 65 -22.04 -39.35 51.31
CA THR B 65 -22.53 -40.74 51.32
C THR B 65 -21.82 -41.45 52.45
N LYS B 66 -22.36 -42.60 52.88
CA LYS B 66 -21.66 -43.52 53.79
C LYS B 66 -20.25 -43.88 53.25
N ASP B 67 -20.16 -44.24 51.97
CA ASP B 67 -18.84 -44.43 51.32
C ASP B 67 -18.03 -43.12 51.15
N LYS B 68 -18.71 -41.97 51.06
CA LYS B 68 -18.14 -40.65 50.67
C LYS B 68 -17.66 -40.65 49.21
N GLN B 69 -18.63 -40.49 48.32
CA GLN B 69 -18.41 -40.25 46.89
C GLN B 69 -18.36 -38.75 46.71
N ARG B 70 -19.24 -38.11 47.48
CA ARG B 70 -19.58 -36.71 47.48
C ARG B 70 -20.39 -36.23 46.27
N LEU B 71 -21.60 -35.83 46.62
CA LEU B 71 -22.62 -35.38 45.69
C LEU B 71 -22.99 -33.94 46.00
N VAL B 72 -23.51 -33.24 45.00
CA VAL B 72 -24.04 -31.90 45.15
C VAL B 72 -25.54 -31.99 44.97
N ALA B 73 -26.26 -31.27 45.82
CA ALA B 73 -27.70 -31.12 45.69
C ALA B 73 -28.01 -29.65 45.45
N LYS B 74 -28.38 -29.33 44.22
CA LYS B 74 -28.80 -28.00 43.83
C LYS B 74 -30.27 -27.79 44.21
N ILE B 75 -30.52 -27.08 45.31
CA ILE B 75 -31.88 -26.83 45.81
C ILE B 75 -32.58 -25.76 45.00
N GLU B 76 -33.86 -25.97 44.72
CA GLU B 76 -34.70 -25.02 43.99
C GLU B 76 -34.84 -23.70 44.73
N ARG B 77 -34.90 -22.61 43.98
CA ARG B 77 -35.32 -21.31 44.54
C ARG B 77 -36.77 -21.44 45.06
N SER B 78 -37.12 -20.69 46.10
CA SER B 78 -38.51 -20.65 46.60
C SER B 78 -39.48 -19.96 45.61
N ILE B 79 -38.95 -19.13 44.71
CA ILE B 79 -39.74 -18.49 43.65
C ILE B 79 -40.35 -19.47 42.63
N ALA B 80 -39.75 -20.63 42.42
CA ALA B 80 -40.44 -21.82 41.89
C ALA B 80 -41.21 -21.67 40.54
N GLU B 81 -40.42 -21.37 39.50
CA GLU B 81 -40.85 -21.32 38.10
C GLU B 81 -40.51 -22.59 37.27
N GLY B 82 -40.10 -23.68 37.95
CA GLY B 82 -39.74 -24.95 37.31
C GLY B 82 -38.47 -24.91 36.45
N HIS B 83 -37.58 -23.96 36.74
CA HIS B 83 -36.26 -23.86 36.07
C HIS B 83 -35.42 -25.10 36.36
N LEU B 84 -35.56 -25.63 37.57
CA LEU B 84 -34.82 -26.78 38.02
C LEU B 84 -35.26 -28.09 37.37
N PHE B 85 -36.56 -28.32 37.27
CA PHE B 85 -37.05 -29.55 36.60
C PHE B 85 -36.69 -29.60 35.13
N ALA B 86 -36.74 -28.45 34.45
CA ALA B 86 -36.36 -28.38 33.05
C ALA B 86 -34.85 -28.59 32.86
N GLU B 87 -34.05 -28.13 33.82
CA GLU B 87 -32.61 -28.39 33.80
C GLU B 87 -32.32 -29.90 33.80
N LEU B 88 -33.04 -30.65 34.63
CA LEU B 88 -32.90 -32.09 34.66
C LEU B 88 -33.23 -32.69 33.30
N GLU B 89 -34.32 -32.22 32.70
CA GLU B 89 -34.77 -32.72 31.38
C GLU B 89 -33.80 -32.39 30.26
N ALA B 90 -33.10 -31.26 30.37
CA ALA B 90 -31.99 -30.96 29.48
C ALA B 90 -30.84 -31.99 29.60
N TYR B 91 -30.33 -32.17 30.82
CA TYR B 91 -29.30 -33.17 31.06
C TYR B 91 -29.71 -34.54 30.51
N LYS B 92 -30.92 -34.98 30.89
CA LYS B 92 -31.51 -36.24 30.38
C LYS B 92 -31.40 -36.36 28.87
N HIS B 93 -31.87 -35.31 28.18
CA HIS B 93 -31.94 -35.27 26.72
C HIS B 93 -30.58 -35.27 26.05
N ILE B 94 -29.63 -34.54 26.64
CA ILE B 94 -28.23 -34.55 26.16
C ILE B 94 -27.65 -35.97 26.28
N TYR B 95 -27.90 -36.62 27.41
CA TYR B 95 -27.38 -37.98 27.62
C TYR B 95 -27.96 -38.92 26.56
N LYS B 96 -29.25 -38.84 26.31
CA LYS B 96 -29.90 -39.74 25.34
C LYS B 96 -29.48 -39.42 23.88
N THR B 97 -29.41 -38.14 23.52
CA THR B 97 -29.10 -37.75 22.13
C THR B 97 -27.59 -37.73 21.80
N ALA B 98 -26.80 -37.06 22.64
CA ALA B 98 -25.35 -36.91 22.39
C ALA B 98 -24.47 -37.86 23.21
N GLY B 99 -25.00 -38.45 24.27
CA GLY B 99 -24.19 -39.23 25.19
C GLY B 99 -23.72 -38.36 26.34
N LYS B 100 -23.12 -39.02 27.33
CA LYS B 100 -22.43 -38.32 28.40
C LYS B 100 -21.16 -37.69 27.89
N HIS B 101 -20.50 -36.90 28.70
CA HIS B 101 -19.31 -36.17 28.27
C HIS B 101 -18.53 -35.78 29.51
N PRO B 102 -17.23 -36.12 29.58
CA PRO B 102 -16.47 -35.90 30.84
C PRO B 102 -16.44 -34.46 31.31
N ASN B 103 -16.35 -33.51 30.39
CA ASN B 103 -16.46 -32.07 30.67
C ASN B 103 -17.87 -31.46 30.83
N LEU B 104 -18.88 -32.30 31.04
CA LEU B 104 -20.23 -31.84 31.35
C LEU B 104 -20.60 -32.50 32.65
N ALA B 105 -21.45 -31.85 33.43
CA ALA B 105 -21.86 -32.35 34.75
C ALA B 105 -22.48 -33.72 34.60
N ASN B 106 -22.31 -34.57 35.62
CA ASN B 106 -22.92 -35.88 35.67
C ASN B 106 -24.09 -35.88 36.69
N VAL B 107 -25.32 -35.81 36.20
CA VAL B 107 -26.53 -35.61 37.02
C VAL B 107 -27.27 -36.93 37.20
N HIS B 108 -27.86 -37.16 38.38
CA HIS B 108 -28.53 -38.45 38.70
C HIS B 108 -30.06 -38.44 38.76
N GLY B 109 -30.66 -37.28 39.03
CA GLY B 109 -32.12 -37.15 39.07
C GLY B 109 -32.55 -36.10 40.04
N MET B 110 -33.84 -36.08 40.34
CA MET B 110 -34.41 -35.10 41.24
C MET B 110 -34.64 -35.75 42.59
N ALA B 111 -33.99 -35.24 43.62
CA ALA B 111 -34.18 -35.73 44.98
C ALA B 111 -35.03 -34.79 45.82
N VAL B 112 -35.46 -35.29 46.98
CA VAL B 112 -36.01 -34.43 48.05
C VAL B 112 -35.02 -34.47 49.22
N VAL B 113 -34.50 -33.28 49.57
CA VAL B 113 -33.44 -33.14 50.59
C VAL B 113 -33.86 -32.19 51.71
N PRO B 114 -33.39 -32.45 52.95
CA PRO B 114 -33.70 -31.56 54.04
C PRO B 114 -32.87 -30.26 53.95
N TYR B 115 -33.57 -29.13 53.96
CA TYR B 115 -32.94 -27.81 54.06
C TYR B 115 -33.88 -26.80 54.73
N GLY B 116 -33.36 -26.06 55.72
CA GLY B 116 -34.11 -25.00 56.42
C GLY B 116 -35.46 -25.39 56.98
N ASN B 117 -35.46 -26.32 57.94
CA ASN B 117 -36.68 -26.87 58.56
C ASN B 117 -37.74 -27.45 57.61
N ARG B 118 -37.38 -27.73 56.36
CA ARG B 118 -38.28 -28.22 55.31
C ARG B 118 -37.59 -29.27 54.46
N TYR B 119 -38.36 -30.05 53.72
CA TYR B 119 -37.85 -30.74 52.54
C TYR B 119 -38.05 -29.90 51.26
N TYR B 120 -37.04 -29.90 50.39
CA TYR B 120 -37.07 -29.21 49.09
C TYR B 120 -36.69 -30.16 47.96
N TYR B 121 -37.15 -29.85 46.75
CA TYR B 121 -36.64 -30.49 45.55
C TYR B 121 -35.22 -30.03 45.29
N ALA B 122 -34.36 -30.97 44.90
CA ALA B 122 -32.97 -30.68 44.59
C ALA B 122 -32.45 -31.58 43.46
N LEU B 123 -31.74 -30.97 42.52
CA LEU B 123 -31.10 -31.71 41.45
C LEU B 123 -29.82 -32.35 41.99
N LEU B 124 -29.70 -33.65 41.86
CA LEU B 124 -28.62 -34.40 42.45
C LEU B 124 -27.58 -34.80 41.38
N MET B 125 -26.31 -34.50 41.64
CA MET B 125 -25.21 -34.71 40.69
C MET B 125 -23.86 -34.92 41.39
N ASP B 126 -22.85 -35.35 40.63
CA ASP B 126 -21.50 -35.55 41.18
C ASP B 126 -20.85 -34.21 41.47
N GLU B 127 -20.09 -34.13 42.56
CA GLU B 127 -19.35 -32.92 42.90
C GLU B 127 -18.13 -32.88 42.03
N VAL B 128 -17.91 -31.75 41.37
CA VAL B 128 -16.63 -31.49 40.73
C VAL B 128 -15.74 -30.90 41.81
N ASP B 129 -14.89 -31.75 42.39
CA ASP B 129 -14.08 -31.36 43.53
C ASP B 129 -12.87 -30.57 43.04
N GLY B 130 -12.90 -29.26 43.21
CA GLY B 130 -11.83 -28.38 42.77
C GLY B 130 -12.28 -26.94 42.84
N TRP B 131 -11.86 -26.12 41.89
CA TRP B 131 -12.13 -24.66 41.91
C TRP B 131 -12.94 -24.24 40.72
N ARG B 132 -13.58 -23.09 40.86
CA ARG B 132 -14.36 -22.51 39.75
C ARG B 132 -13.37 -21.91 38.75
N CYS B 133 -13.86 -21.65 37.54
CA CYS B 133 -13.00 -21.22 36.43
C CYS B 133 -12.29 -19.89 36.70
N SER B 134 -13.00 -18.97 37.34
CA SER B 134 -12.42 -17.70 37.74
C SER B 134 -11.21 -17.90 38.65
N ASP B 135 -11.39 -18.70 39.70
CA ASP B 135 -10.30 -18.95 40.65
C ASP B 135 -9.13 -19.72 39.99
N THR B 136 -9.44 -20.66 39.11
CA THR B 136 -8.40 -21.47 38.41
C THR B 136 -7.53 -20.59 37.50
N LEU B 137 -8.20 -19.81 36.63
CA LEU B 137 -7.48 -18.96 35.67
C LEU B 137 -6.70 -17.83 36.32
N ARG B 138 -7.22 -17.29 37.42
CA ARG B 138 -6.48 -16.29 38.17
C ARG B 138 -5.24 -16.93 38.73
N SER B 139 -5.40 -18.11 39.33
CA SER B 139 -4.25 -18.84 39.87
C SER B 139 -3.26 -19.31 38.80
N LEU B 140 -3.76 -19.71 37.64
CA LEU B 140 -2.88 -20.12 36.55
C LEU B 140 -2.02 -18.95 36.07
N ALA B 141 -2.67 -17.81 35.85
CA ALA B 141 -2.02 -16.59 35.39
C ALA B 141 -0.99 -16.10 36.41
N ASP B 142 -1.31 -16.27 37.68
CA ASP B 142 -0.44 -15.83 38.75
C ASP B 142 0.81 -16.70 38.84
N SER B 143 0.66 -18.02 38.76
CA SER B 143 1.84 -18.92 38.78
C SER B 143 2.76 -18.63 37.59
N TRP B 144 2.18 -18.21 36.46
CA TRP B 144 2.96 -17.85 35.29
C TRP B 144 3.76 -16.60 35.52
N LYS B 145 3.14 -15.59 36.12
CA LYS B 145 3.82 -14.33 36.32
C LYS B 145 4.92 -14.47 37.37
N GLN B 146 4.66 -15.24 38.42
CA GLN B 146 5.67 -15.56 39.40
C GLN B 146 6.77 -16.49 38.90
N GLY B 147 6.60 -17.10 37.73
CA GLY B 147 7.65 -17.91 37.13
C GLY B 147 7.60 -19.38 37.44
N LYS B 148 6.50 -19.84 38.03
CA LYS B 148 6.32 -21.26 38.37
C LYS B 148 6.04 -22.13 37.14
N ILE B 149 5.50 -21.52 36.11
CA ILE B 149 5.31 -22.20 34.85
C ILE B 149 5.69 -21.19 33.78
N ASN B 150 6.06 -21.70 32.60
CA ASN B 150 6.48 -20.83 31.52
C ASN B 150 5.33 -20.47 30.56
N SER B 151 5.64 -19.67 29.54
CA SER B 151 4.65 -19.18 28.57
C SER B 151 4.06 -20.30 27.72
N GLU B 152 4.90 -21.29 27.35
CA GLU B 152 4.41 -22.45 26.61
C GLU B 152 3.32 -23.18 27.38
N ALA B 153 3.63 -23.50 28.64
CA ALA B 153 2.72 -24.12 29.60
C ALA B 153 1.46 -23.29 29.81
N TYR B 154 1.60 -21.99 30.02
CA TYR B 154 0.45 -21.15 30.22
C TYR B 154 -0.46 -21.21 29.00
N TRP B 155 0.06 -20.81 27.86
CA TRP B 155 -0.83 -20.65 26.69
C TRP B 155 -1.29 -21.99 26.14
N GLY B 156 -0.48 -23.02 26.37
CA GLY B 156 -0.88 -24.38 26.05
C GLY B 156 -2.10 -24.77 26.86
N THR B 157 -2.05 -24.48 28.15
CA THR B 157 -3.12 -24.83 29.07
C THR B 157 -4.39 -24.04 28.73
N ILE B 158 -4.25 -22.75 28.43
CA ILE B 158 -5.39 -21.96 27.97
C ILE B 158 -6.05 -22.60 26.74
N LYS B 159 -5.23 -22.93 25.72
CA LYS B 159 -5.74 -23.51 24.47
C LYS B 159 -6.41 -24.87 24.71
N PHE B 160 -5.84 -25.63 25.65
CA PHE B 160 -6.42 -26.89 26.13
C PHE B 160 -7.82 -26.73 26.70
N ILE B 161 -7.99 -25.70 27.52
CA ILE B 161 -9.28 -25.39 28.11
C ILE B 161 -10.28 -24.98 27.02
N ALA B 162 -9.86 -24.11 26.11
CA ALA B 162 -10.72 -23.65 25.03
C ALA B 162 -11.19 -24.81 24.14
N HIS B 163 -10.32 -25.79 23.91
CA HIS B 163 -10.71 -26.98 23.14
C HIS B 163 -11.78 -27.78 23.86
N ARG B 164 -11.62 -27.97 25.16
CA ARG B 164 -12.58 -28.69 25.96
C ARG B 164 -13.94 -27.99 25.97
N LEU B 165 -13.94 -26.67 26.20
CA LEU B 165 -15.20 -25.92 26.25
C LEU B 165 -15.90 -25.92 24.89
N LEU B 166 -15.14 -25.71 23.83
CA LEU B 166 -15.70 -25.75 22.48
C LEU B 166 -16.13 -27.16 22.09
N ASP B 167 -15.52 -28.17 22.69
CA ASP B 167 -16.00 -29.53 22.46
C ASP B 167 -17.36 -29.78 23.11
N VAL B 168 -17.59 -29.16 24.27
CA VAL B 168 -18.86 -29.25 24.97
C VAL B 168 -19.97 -28.44 24.28
N THR B 169 -19.68 -27.24 23.81
CA THR B 169 -20.67 -26.49 23.03
C THR B 169 -21.10 -27.25 21.77
N ASN B 170 -20.17 -28.02 21.19
CA ASN B 170 -20.49 -28.90 20.06
C ASN B 170 -21.35 -30.10 20.43
N HIS B 171 -21.03 -30.68 21.59
CA HIS B 171 -21.78 -31.79 22.17
C HIS B 171 -23.22 -31.42 22.47
N LEU B 172 -23.43 -30.23 23.04
CA LEU B 172 -24.77 -29.71 23.27
C LEU B 172 -25.51 -29.43 21.96
N ALA B 173 -24.80 -28.92 20.97
CA ALA B 173 -25.40 -28.64 19.67
C ALA B 173 -25.96 -29.91 19.00
N LYS B 174 -25.29 -31.05 19.21
CA LYS B 174 -25.80 -32.37 18.77
C LYS B 174 -27.14 -32.73 19.38
N ALA B 175 -27.29 -32.44 20.67
CA ALA B 175 -28.57 -32.65 21.33
C ALA B 175 -29.61 -31.61 20.96
N GLY B 176 -29.20 -30.52 20.33
CA GLY B 176 -30.12 -29.43 20.00
C GLY B 176 -30.43 -28.60 21.21
N ILE B 177 -29.45 -28.45 22.10
CA ILE B 177 -29.57 -27.67 23.33
C ILE B 177 -28.52 -26.57 23.27
N VAL B 178 -28.91 -25.39 23.72
CA VAL B 178 -28.03 -24.25 23.86
C VAL B 178 -28.00 -23.89 25.33
N HIS B 179 -26.80 -23.65 25.83
CA HIS B 179 -26.55 -23.45 27.26
C HIS B 179 -26.99 -22.05 27.78
N ASN B 180 -26.61 -21.02 27.03
CA ASN B 180 -27.01 -19.60 27.25
C ASN B 180 -26.37 -18.81 28.42
N ASP B 181 -25.68 -19.51 29.31
CA ASP B 181 -25.11 -18.89 30.49
C ASP B 181 -23.74 -19.50 30.85
N ILE B 182 -22.95 -19.85 29.82
CA ILE B 182 -21.57 -20.22 30.05
C ILE B 182 -20.84 -18.95 30.52
N LYS B 183 -20.19 -19.04 31.68
CA LYS B 183 -19.42 -17.95 32.28
C LYS B 183 -18.55 -18.55 33.40
N PRO B 184 -17.61 -17.76 33.95
CA PRO B 184 -16.68 -18.34 34.92
C PRO B 184 -17.30 -19.11 36.10
N GLY B 185 -18.45 -18.66 36.61
CA GLY B 185 -19.11 -19.36 37.72
C GLY B 185 -19.71 -20.70 37.35
N ASN B 186 -20.11 -20.84 36.08
CA ASN B 186 -20.68 -22.08 35.57
C ASN B 186 -19.68 -23.04 34.92
N VAL B 187 -18.39 -22.86 35.21
CA VAL B 187 -17.38 -23.83 34.85
C VAL B 187 -16.52 -24.12 36.08
N VAL B 188 -16.35 -25.41 36.39
CA VAL B 188 -15.62 -25.86 37.55
C VAL B 188 -14.57 -26.87 37.12
N PHE B 189 -13.35 -26.70 37.62
CA PHE B 189 -12.22 -27.57 37.32
C PHE B 189 -12.09 -28.67 38.36
N ASP B 190 -11.86 -29.90 37.90
CA ASP B 190 -11.64 -31.05 38.77
C ASP B 190 -10.16 -31.19 39.15
N ARG B 191 -9.87 -31.13 40.46
CA ARG B 191 -8.49 -31.31 40.99
C ARG B 191 -7.84 -32.63 40.61
N ALA B 192 -8.60 -33.72 40.61
CA ALA B 192 -8.04 -35.05 40.31
C ALA B 192 -7.60 -35.21 38.84
N SER B 193 -8.41 -34.74 37.90
CA SER B 193 -8.13 -34.86 36.46
C SER B 193 -7.57 -33.61 35.78
N GLY B 194 -7.72 -32.44 36.38
CA GLY B 194 -7.42 -31.19 35.72
C GLY B 194 -8.42 -30.80 34.61
N GLU B 195 -9.59 -31.41 34.60
CA GLU B 195 -10.53 -31.20 33.50
C GLU B 195 -11.55 -30.12 33.86
N PRO B 196 -11.78 -29.14 32.98
CA PRO B 196 -12.92 -28.25 33.20
C PRO B 196 -14.26 -28.98 32.98
N VAL B 197 -15.28 -28.59 33.76
CA VAL B 197 -16.61 -29.20 33.72
C VAL B 197 -17.68 -28.10 33.66
N VAL B 198 -18.55 -28.15 32.64
CA VAL B 198 -19.64 -27.15 32.54
C VAL B 198 -20.87 -27.63 33.32
N ILE B 199 -21.51 -26.67 33.99
CA ILE B 199 -22.67 -26.89 34.85
C ILE B 199 -23.71 -25.82 34.57
N ASP B 200 -24.82 -25.85 35.29
CA ASP B 200 -25.83 -24.76 35.28
C ASP B 200 -26.51 -24.63 33.91
N LEU B 201 -27.32 -25.64 33.59
CA LEU B 201 -28.20 -25.59 32.42
C LEU B 201 -29.59 -24.97 32.71
N GLY B 202 -29.73 -24.21 33.81
CA GLY B 202 -31.02 -23.68 34.24
C GLY B 202 -31.69 -22.81 33.21
N LEU B 203 -30.89 -21.96 32.55
CA LEU B 203 -31.34 -21.03 31.51
C LEU B 203 -31.21 -21.56 30.08
N HIS B 204 -31.15 -22.88 29.91
CA HIS B 204 -31.01 -23.48 28.59
C HIS B 204 -32.25 -23.25 27.74
N SER B 205 -32.07 -23.24 26.42
CA SER B 205 -33.17 -23.35 25.46
C SER B 205 -32.87 -24.44 24.43
N ARG B 206 -33.89 -24.88 23.71
CA ARG B 206 -33.69 -25.69 22.51
C ARG B 206 -33.21 -24.72 21.43
N SER B 207 -32.69 -25.28 20.35
CA SER B 207 -32.07 -24.47 19.32
C SER B 207 -33.11 -23.67 18.56
N GLY B 208 -32.91 -22.36 18.48
CA GLY B 208 -33.82 -21.46 17.77
C GLY B 208 -35.05 -21.07 18.57
N GLU B 209 -35.08 -21.41 19.86
CA GLU B 209 -36.09 -20.92 20.80
C GLU B 209 -35.49 -19.76 21.57
N GLN B 210 -36.36 -18.91 22.10
CA GLN B 210 -35.90 -17.76 22.90
C GLN B 210 -35.24 -18.31 24.16
N PRO B 211 -34.08 -17.75 24.56
CA PRO B 211 -33.37 -18.20 25.74
C PRO B 211 -34.13 -17.91 27.05
N LYS B 212 -34.03 -18.79 28.03
CA LYS B 212 -34.73 -18.57 29.32
C LYS B 212 -34.15 -17.40 30.11
N GLY B 213 -32.84 -17.16 29.97
CA GLY B 213 -32.18 -16.00 30.57
C GLY B 213 -30.77 -15.84 30.01
N PHE B 214 -30.01 -14.93 30.61
CA PHE B 214 -28.59 -14.71 30.23
C PHE B 214 -27.90 -13.77 31.20
N THR B 215 -26.57 -13.77 31.18
CA THR B 215 -25.77 -12.80 31.93
C THR B 215 -25.29 -11.67 30.99
N GLU B 216 -25.56 -10.42 31.36
CA GLU B 216 -25.33 -9.26 30.49
C GLU B 216 -23.86 -8.97 30.14
N SER B 217 -22.94 -9.17 31.08
CA SER B 217 -21.51 -8.91 30.85
C SER B 217 -20.90 -9.80 29.73
N PHE B 218 -21.41 -11.03 29.64
CA PHE B 218 -20.90 -12.06 28.72
C PHE B 218 -21.74 -12.27 27.46
N LYS B 219 -23.03 -11.92 27.53
CA LYS B 219 -24.01 -12.19 26.48
C LYS B 219 -23.51 -11.77 25.10
N ALA B 220 -23.78 -12.60 24.10
CA ALA B 220 -23.61 -12.20 22.69
C ALA B 220 -24.69 -11.17 22.31
N PRO B 221 -24.35 -10.21 21.41
CA PRO B 221 -25.32 -9.14 21.09
C PRO B 221 -26.72 -9.63 20.68
N GLU B 222 -26.79 -10.61 19.79
CA GLU B 222 -28.07 -11.15 19.30
C GLU B 222 -28.86 -11.89 20.37
N LEU B 223 -28.16 -12.66 21.21
CA LEU B 223 -28.80 -13.46 22.25
C LEU B 223 -29.83 -12.66 23.08
N GLY B 224 -31.10 -13.08 22.97
CA GLY B 224 -32.21 -12.45 23.68
C GLY B 224 -33.00 -11.37 22.96
N VAL B 225 -32.66 -11.06 21.70
CA VAL B 225 -33.34 -9.99 20.93
C VAL B 225 -33.89 -10.52 19.59
N GLY B 226 -35.19 -10.33 19.40
CA GLY B 226 -35.84 -10.65 18.12
C GLY B 226 -36.20 -12.11 17.86
N ASN B 227 -36.96 -12.30 16.79
CA ASN B 227 -37.34 -13.60 16.18
C ASN B 227 -36.40 -14.81 16.38
N LEU B 228 -35.13 -14.66 15.97
CA LEU B 228 -34.08 -15.67 16.07
C LEU B 228 -33.58 -15.52 17.50
N GLY B 229 -33.54 -16.64 18.22
CA GLY B 229 -33.11 -16.69 19.60
C GLY B 229 -31.75 -17.36 19.63
N ALA B 230 -31.67 -18.43 20.40
CA ALA B 230 -30.39 -18.99 20.80
C ALA B 230 -29.84 -19.91 19.73
N SER B 231 -28.54 -19.91 19.58
CA SER B 231 -27.87 -20.82 18.68
C SER B 231 -26.56 -21.32 19.29
N GLU B 232 -25.91 -22.22 18.58
CA GLU B 232 -24.57 -22.67 18.91
C GLU B 232 -23.57 -21.50 18.80
N LYS B 233 -23.85 -20.57 17.88
CA LYS B 233 -23.01 -19.38 17.70
C LYS B 233 -22.96 -18.49 18.94
N SER B 234 -24.10 -18.29 19.60
CA SER B 234 -24.15 -17.55 20.85
C SER B 234 -23.39 -18.32 21.97
N ASP B 235 -23.44 -19.65 21.98
CA ASP B 235 -22.64 -20.42 22.94
C ASP B 235 -21.14 -20.26 22.69
N VAL B 236 -20.71 -20.31 21.42
CA VAL B 236 -19.30 -20.16 21.09
C VAL B 236 -18.81 -18.81 21.59
N PHE B 237 -19.57 -17.76 21.30
CA PHE B 237 -19.34 -16.41 21.85
C PHE B 237 -19.13 -16.39 23.38
N LEU B 238 -20.02 -17.05 24.11
CA LEU B 238 -19.90 -17.11 25.57
C LEU B 238 -18.60 -17.78 26.02
N VAL B 239 -18.25 -18.89 25.38
CA VAL B 239 -17.02 -19.62 25.69
C VAL B 239 -15.79 -18.71 25.57
N VAL B 240 -15.78 -17.84 24.56
CA VAL B 240 -14.66 -16.92 24.33
C VAL B 240 -14.70 -15.76 25.32
N SER B 241 -15.86 -15.15 25.54
CA SER B 241 -15.99 -14.04 26.50
C SER B 241 -15.66 -14.49 27.94
N THR B 242 -15.95 -15.75 28.24
CA THR B 242 -15.52 -16.39 29.49
C THR B 242 -13.99 -16.50 29.58
N LEU B 243 -13.33 -16.96 28.52
CA LEU B 243 -11.85 -17.04 28.50
C LEU B 243 -11.17 -15.68 28.52
N LEU B 244 -11.66 -14.78 27.69
CA LEU B 244 -11.17 -13.41 27.66
C LEU B 244 -11.21 -12.79 29.05
N HIS B 245 -12.35 -12.94 29.73
CA HIS B 245 -12.49 -12.48 31.13
C HIS B 245 -11.37 -12.95 32.04
N GLY B 246 -11.07 -14.26 31.96
CA GLY B 246 -10.06 -14.88 32.80
C GLY B 246 -8.65 -14.53 32.42
N ILE B 247 -8.40 -14.46 31.11
CA ILE B 247 -7.06 -14.21 30.57
C ILE B 247 -6.62 -12.77 30.83
N GLU B 248 -7.49 -11.81 30.56
CA GLU B 248 -7.19 -10.40 30.68
C GLU B 248 -7.33 -9.87 32.11
N GLY B 249 -8.14 -10.53 32.94
CA GLY B 249 -8.32 -10.15 34.35
C GLY B 249 -9.30 -9.02 34.50
N PHE B 250 -10.49 -9.23 33.95
CA PHE B 250 -11.55 -8.23 33.94
C PHE B 250 -12.09 -7.98 35.34
N GLU B 251 -11.94 -8.94 36.24
CA GLU B 251 -12.30 -8.73 37.64
C GLU B 251 -11.60 -7.50 38.25
N LYS B 252 -10.38 -7.22 37.84
CA LYS B 252 -9.66 -6.02 38.30
C LYS B 252 -10.25 -4.66 37.85
N ASP B 253 -11.07 -4.66 36.79
CA ASP B 253 -11.66 -3.45 36.24
C ASP B 253 -13.16 -3.66 35.99
N PRO B 254 -13.99 -3.39 37.01
CA PRO B 254 -15.46 -3.49 36.90
C PRO B 254 -16.13 -2.58 35.85
N GLU B 255 -15.45 -1.56 35.36
CA GLU B 255 -16.03 -0.65 34.37
C GLU B 255 -16.10 -1.19 32.93
N ILE B 256 -15.57 -2.40 32.69
CA ILE B 256 -15.62 -3.02 31.37
C ILE B 256 -16.23 -4.42 31.47
N LYS B 257 -16.76 -4.92 30.35
CA LYS B 257 -17.45 -6.20 30.30
C LYS B 257 -16.93 -7.04 29.14
N PRO B 258 -16.72 -8.36 29.35
CA PRO B 258 -16.02 -9.18 28.34
C PRO B 258 -16.60 -9.20 26.93
N ASN B 259 -17.93 -9.09 26.80
CA ASN B 259 -18.56 -9.14 25.46
C ASN B 259 -18.31 -7.96 24.55
N GLN B 260 -17.74 -6.89 25.09
CA GLN B 260 -17.21 -5.79 24.30
C GLN B 260 -15.83 -6.09 23.70
N GLY B 261 -15.20 -7.22 24.06
CA GLY B 261 -13.94 -7.66 23.45
C GLY B 261 -12.74 -6.82 23.85
N LEU B 262 -11.80 -6.63 22.92
CA LEU B 262 -10.55 -5.88 23.17
C LEU B 262 -10.53 -4.52 22.50
N ARG B 263 -9.95 -3.52 23.17
CA ARG B 263 -9.64 -2.22 22.56
C ARG B 263 -8.18 -2.22 22.12
N PHE B 264 -7.89 -1.71 20.92
CA PHE B 264 -6.51 -1.61 20.45
C PHE B 264 -5.95 -0.17 20.59
N ILE B 265 -4.76 -0.06 21.16
CA ILE B 265 -4.03 1.18 21.23
C ILE B 265 -2.64 0.90 20.68
N THR B 266 -2.44 1.27 19.41
CA THR B 266 -1.17 1.03 18.70
C THR B 266 -0.29 2.30 18.51
N SER B 267 -0.86 3.50 18.56
CA SER B 267 -0.07 4.74 18.48
C SER B 267 0.64 5.02 19.81
N GLU B 268 -0.10 4.97 20.92
CA GLU B 268 0.42 5.24 22.25
C GLU B 268 0.77 3.93 22.96
N PRO B 269 1.22 4.00 24.24
CA PRO B 269 1.25 2.84 25.12
C PRO B 269 -0.12 2.17 25.38
N ALA B 270 -0.12 0.85 25.35
CA ALA B 270 -1.28 0.02 25.68
C ALA B 270 -1.16 -0.50 27.11
N HIS B 271 -0.39 0.21 27.93
CA HIS B 271 0.01 -0.30 29.23
C HIS B 271 0.23 0.86 30.17
N VAL B 272 0.28 0.56 31.45
CA VAL B 272 0.65 1.55 32.45
C VAL B 272 1.96 1.13 33.09
N MET B 273 2.72 2.12 33.55
CA MET B 273 4.02 1.90 34.20
C MET B 273 3.81 1.92 35.69
N ASP B 274 4.39 0.96 36.42
CA ASP B 274 4.44 1.03 37.89
C ASP B 274 5.54 2.03 38.38
N GLU B 275 5.75 2.09 39.70
CA GLU B 275 6.77 2.99 40.30
C GLU B 275 8.18 2.82 39.71
N ASN B 276 8.57 1.56 39.50
CA ASN B 276 9.94 1.19 39.11
C ASN B 276 10.24 1.01 37.61
N GLY B 277 9.37 1.52 36.74
CA GLY B 277 9.55 1.45 35.29
C GLY B 277 9.07 0.20 34.58
N TYR B 278 8.42 -0.72 35.30
CA TYR B 278 7.91 -1.96 34.73
C TYR B 278 6.56 -1.65 34.13
N PRO B 279 6.33 -2.04 32.86
CA PRO B 279 4.97 -1.95 32.31
C PRO B 279 4.01 -2.90 33.02
N ILE B 280 2.74 -2.54 32.99
CA ILE B 280 1.65 -3.37 33.49
C ILE B 280 0.53 -3.44 32.47
N HIS B 281 0.10 -4.67 32.20
CA HIS B 281 -0.98 -4.96 31.27
C HIS B 281 -2.28 -4.26 31.72
N ARG B 282 -2.95 -3.60 30.79
CA ARG B 282 -4.28 -3.05 31.04
C ARG B 282 -5.31 -4.08 30.56
N PRO B 283 -6.20 -4.56 31.45
CA PRO B 283 -7.22 -5.52 31.01
C PRO B 283 -8.10 -4.94 29.89
N GLY B 284 -8.26 -5.70 28.79
CA GLY B 284 -9.07 -5.27 27.65
C GLY B 284 -8.34 -4.46 26.59
N ILE B 285 -7.09 -4.05 26.85
CA ILE B 285 -6.31 -3.26 25.90
C ILE B 285 -5.23 -4.14 25.23
N ALA B 286 -5.17 -4.09 23.90
CA ALA B 286 -4.16 -4.77 23.09
C ALA B 286 -3.28 -3.75 22.37
N GLY B 287 -1.99 -4.05 22.26
CA GLY B 287 -1.02 -3.19 21.56
C GLY B 287 -0.67 -3.65 20.16
N VAL B 288 -0.97 -4.90 19.82
CA VAL B 288 -0.69 -5.41 18.48
C VAL B 288 -1.68 -6.52 18.17
N GLU B 289 -2.02 -6.69 16.90
CA GLU B 289 -2.81 -7.82 16.45
C GLU B 289 -1.97 -9.07 16.54
N THR B 290 -2.53 -10.16 17.05
CA THR B 290 -1.86 -11.45 17.15
C THR B 290 -2.91 -12.53 16.96
N ALA B 291 -2.47 -13.79 16.84
CA ALA B 291 -3.41 -14.91 16.75
C ALA B 291 -4.52 -14.76 17.80
N TYR B 292 -4.09 -14.53 19.05
CA TYR B 292 -4.98 -14.27 20.17
C TYR B 292 -5.98 -13.13 19.95
N THR B 293 -5.53 -11.95 19.55
CA THR B 293 -6.49 -10.86 19.23
C THR B 293 -7.41 -11.18 18.05
N ARG B 294 -6.88 -11.90 17.05
CA ARG B 294 -7.68 -12.33 15.91
C ARG B 294 -8.79 -13.31 16.36
N PHE B 295 -8.46 -14.19 17.29
CA PHE B 295 -9.42 -15.11 17.89
C PHE B 295 -10.61 -14.34 18.52
N ILE B 296 -10.29 -13.32 19.33
CA ILE B 296 -11.30 -12.52 20.00
C ILE B 296 -12.12 -11.75 18.97
N THR B 297 -11.46 -11.01 18.08
CA THR B 297 -12.15 -10.23 17.05
C THR B 297 -12.97 -11.12 16.10
N ASP B 298 -12.45 -12.27 15.67
CA ASP B 298 -13.15 -13.15 14.70
C ASP B 298 -14.39 -13.85 15.25
N ILE B 299 -14.59 -13.79 16.57
CA ILE B 299 -15.69 -14.46 17.26
C ILE B 299 -16.56 -13.38 17.96
N LEU B 300 -15.98 -12.68 18.93
CA LEU B 300 -16.72 -11.67 19.69
C LEU B 300 -17.09 -10.44 18.89
N GLY B 301 -16.23 -10.04 17.97
CA GLY B 301 -16.46 -8.83 17.20
C GLY B 301 -17.19 -9.04 15.89
N VAL B 302 -18.02 -10.07 15.77
CA VAL B 302 -18.67 -10.40 14.51
C VAL B 302 -20.08 -10.94 14.79
N SER B 303 -21.00 -10.81 13.83
CA SER B 303 -22.38 -11.33 13.97
C SER B 303 -22.45 -12.88 13.98
N ALA B 304 -23.62 -13.40 14.30
CA ALA B 304 -23.83 -14.84 14.40
C ALA B 304 -23.51 -15.61 13.11
N ASP B 305 -23.99 -15.14 11.96
CA ASP B 305 -23.75 -15.86 10.70
C ASP B 305 -22.28 -15.83 10.31
N SER B 306 -21.58 -14.73 10.56
CA SER B 306 -20.15 -14.62 10.27
C SER B 306 -19.26 -15.31 11.31
N ARG B 307 -19.81 -15.64 12.48
CA ARG B 307 -19.07 -16.24 13.60
C ARG B 307 -18.88 -17.72 13.36
N PRO B 308 -17.70 -18.27 13.68
CA PRO B 308 -17.56 -19.72 13.52
C PRO B 308 -18.36 -20.48 14.55
N ASP B 309 -18.84 -21.67 14.17
CA ASP B 309 -19.36 -22.64 15.13
C ASP B 309 -18.20 -23.32 15.89
N SER B 310 -18.53 -24.21 16.80
CA SER B 310 -17.54 -24.74 17.75
C SER B 310 -16.39 -25.47 17.07
N ASN B 311 -16.69 -26.29 16.07
CA ASN B 311 -15.63 -27.02 15.36
C ASN B 311 -14.73 -26.11 14.49
N GLU B 312 -15.31 -25.15 13.76
CA GLU B 312 -14.52 -24.11 13.04
C GLU B 312 -13.63 -23.26 13.97
N ALA B 313 -14.18 -22.85 15.12
CA ALA B 313 -13.40 -22.06 16.09
C ALA B 313 -12.13 -22.81 16.51
N ARG B 314 -12.24 -24.12 16.68
CA ARG B 314 -11.09 -24.95 17.05
C ARG B 314 -10.02 -25.08 15.96
N LEU B 315 -10.39 -24.73 14.73
CA LEU B 315 -9.41 -24.65 13.62
C LEU B 315 -8.66 -23.35 13.58
N HIS B 316 -9.08 -22.37 14.39
CA HIS B 316 -8.55 -21.01 14.30
C HIS B 316 -7.07 -21.04 14.59
N GLU B 317 -6.32 -20.17 13.93
CA GLU B 317 -4.89 -19.99 14.15
C GLU B 317 -4.47 -20.12 15.61
N PHE B 318 -5.04 -19.27 16.47
CA PHE B 318 -4.84 -19.33 17.93
C PHE B 318 -4.91 -20.72 18.59
N LEU B 319 -5.88 -21.54 18.16
CA LEU B 319 -6.10 -22.87 18.76
C LEU B 319 -5.36 -23.98 18.03
N SER B 320 -5.10 -23.77 16.75
CA SER B 320 -4.33 -24.70 15.93
C SER B 320 -2.83 -24.73 16.27
N ASP B 321 -2.23 -23.57 16.56
CA ASP B 321 -0.78 -23.40 16.51
C ASP B 321 -0.03 -23.64 17.83
N GLY B 322 -0.32 -22.87 18.88
CA GLY B 322 0.48 -22.98 20.12
C GLY B 322 0.21 -24.10 21.15
N THR B 323 -0.34 -25.23 20.71
CA THR B 323 -0.87 -26.24 21.64
C THR B 323 0.22 -27.11 22.23
N ILE B 324 -0.01 -27.59 23.44
CA ILE B 324 0.86 -28.55 24.12
C ILE B 324 0.16 -29.90 24.19
N ASP B 325 0.84 -30.90 24.70
CA ASP B 325 0.27 -32.21 24.91
C ASP B 325 -0.89 -32.12 25.92
N GLU B 326 -2.01 -32.76 25.57
CA GLU B 326 -3.17 -32.90 26.45
C GLU B 326 -2.81 -33.33 27.88
N GLU B 327 -1.95 -34.34 28.05
CA GLU B 327 -1.53 -34.73 29.40
C GLU B 327 -0.67 -33.67 30.07
N SER B 328 0.14 -32.92 29.31
CA SER B 328 0.91 -31.80 29.86
C SER B 328 0.05 -30.72 30.45
N ALA B 329 -1.01 -30.36 29.73
CA ALA B 329 -1.96 -29.33 30.19
C ALA B 329 -2.71 -29.78 31.45
N LYS B 330 -3.26 -30.99 31.39
CA LYS B 330 -3.98 -31.57 32.52
C LYS B 330 -3.09 -31.56 33.74
N GLN B 331 -1.81 -31.84 33.54
CA GLN B 331 -0.85 -31.87 34.64
C GLN B 331 -0.69 -30.52 35.29
N ILE B 332 -0.56 -29.49 34.46
CA ILE B 332 -0.40 -28.11 34.92
C ILE B 332 -1.63 -27.68 35.73
N LEU B 333 -2.83 -28.11 35.31
CA LEU B 333 -4.07 -27.77 36.01
C LEU B 333 -4.24 -28.50 37.34
N LYS B 334 -3.87 -29.79 37.39
CA LYS B 334 -3.77 -30.52 38.67
C LYS B 334 -2.87 -29.78 39.63
N ASP B 335 -1.70 -29.37 39.16
CA ASP B 335 -0.71 -28.66 40.01
C ASP B 335 -1.18 -27.29 40.49
N THR B 336 -1.82 -26.51 39.63
CA THR B 336 -2.44 -25.25 40.03
C THR B 336 -3.48 -25.48 41.15
N LEU B 337 -4.39 -26.43 40.90
CA LEU B 337 -5.50 -26.75 41.81
C LEU B 337 -5.09 -27.33 43.18
N THR B 338 -4.00 -28.10 43.21
CA THR B 338 -3.48 -28.62 44.49
C THR B 338 -2.58 -27.61 45.21
N GLY B 339 -2.24 -26.50 44.55
CA GLY B 339 -1.46 -25.42 45.17
C GLY B 339 -2.33 -24.41 45.90
N GLU B 340 -1.77 -23.22 46.16
CA GLU B 340 -2.52 -22.15 46.85
C GLU B 340 -3.34 -21.33 45.88
N MET B 341 -4.61 -21.12 46.18
CA MET B 341 -5.48 -20.31 45.32
C MET B 341 -5.08 -18.84 45.43
N SER B 342 -4.84 -18.20 44.29
CA SER B 342 -4.68 -16.75 44.26
C SER B 342 -6.00 -16.13 44.69
N PRO B 343 -5.98 -15.32 45.77
CA PRO B 343 -7.20 -14.71 46.26
C PRO B 343 -7.71 -13.64 45.31
N LEU B 344 -9.01 -13.36 45.41
CA LEU B 344 -9.67 -12.32 44.63
C LEU B 344 -9.09 -10.97 45.10
N PRO B 345 -8.68 -10.10 44.17
CA PRO B 345 -8.12 -8.81 44.60
C PRO B 345 -9.21 -7.87 45.15
N THR B 346 -8.99 -7.32 46.34
CA THR B 346 -10.04 -6.58 47.07
C THR B 346 -10.12 -5.10 46.72
N ASP B 347 -8.97 -4.43 46.52
CA ASP B 347 -8.94 -2.98 46.18
C ASP B 347 -7.71 -2.60 45.34
N VAL B 348 -7.41 -3.41 44.32
CA VAL B 348 -6.39 -3.08 43.30
C VAL B 348 -6.99 -2.28 42.12
N ARG B 349 -8.31 -2.13 42.10
CA ARG B 349 -9.01 -1.25 41.16
C ARG B 349 -8.36 0.12 40.98
N ARG B 350 -8.14 0.52 39.72
CA ARG B 350 -7.59 1.85 39.41
C ARG B 350 -8.62 2.95 39.66
N ILE B 351 -8.14 4.13 40.04
CA ILE B 351 -9.00 5.25 40.42
C ILE B 351 -9.35 6.06 39.16
N THR B 352 -10.49 5.71 38.57
CA THR B 352 -11.01 6.38 37.38
C THR B 352 -11.96 7.50 37.79
N PRO B 353 -12.26 8.43 36.87
CA PRO B 353 -13.26 9.46 37.20
C PRO B 353 -14.62 8.91 37.65
N TYR B 354 -15.01 7.75 37.13
CA TYR B 354 -16.25 7.10 37.55
C TYR B 354 -16.17 6.59 38.99
N TYR B 355 -15.06 5.94 39.36
CA TYR B 355 -14.90 5.38 40.71
C TYR B 355 -14.78 6.48 41.74
N LEU B 356 -13.98 7.49 41.41
CA LEU B 356 -13.82 8.67 42.25
C LEU B 356 -15.14 9.44 42.41
N ARG B 357 -15.94 9.50 41.34
CA ARG B 357 -17.34 9.95 41.43
C ARG B 357 -18.17 9.12 42.38
N GLU B 358 -18.02 7.81 42.32
CA GLU B 358 -18.73 6.88 43.20
C GLU B 358 -18.40 7.09 44.68
N LEU B 359 -17.11 7.34 44.95
CA LEU B 359 -16.64 7.62 46.31
C LEU B 359 -17.11 8.96 46.84
N SER B 360 -17.13 9.98 45.98
CA SER B 360 -17.76 11.28 46.32
C SER B 360 -19.23 11.13 46.70
N ASP B 361 -19.98 10.28 45.99
CA ASP B 361 -21.40 9.99 46.33
C ASP B 361 -21.60 9.34 47.70
N LEU B 362 -20.62 8.55 48.15
CA LEU B 362 -20.62 7.97 49.50
C LEU B 362 -20.42 9.06 50.56
N LEU B 363 -19.45 9.96 50.34
CA LEU B 363 -19.24 11.11 51.21
C LEU B 363 -20.45 12.04 51.23
N ARG B 364 -21.06 12.25 50.05
CA ARG B 364 -22.25 13.10 49.94
C ARG B 364 -23.44 12.54 50.75
N THR B 365 -23.57 11.21 50.89
CA THR B 365 -24.62 10.63 51.77
C THR B 365 -24.35 10.86 53.27
N HIS B 366 -23.08 10.82 53.67
CA HIS B 366 -22.71 11.12 55.06
C HIS B 366 -23.01 12.57 55.42
N LEU B 367 -22.67 13.49 54.51
CA LEU B 367 -23.00 14.92 54.70
C LEU B 367 -24.54 15.14 54.68
N SER B 368 -25.23 14.40 53.83
CA SER B 368 -26.70 14.41 53.77
C SER B 368 -27.36 13.91 55.06
N SER B 369 -26.78 12.86 55.67
CA SER B 369 -27.27 12.31 56.94
C SER B 369 -26.82 13.14 58.17
N ALA B 370 -25.72 13.87 58.07
CA ALA B 370 -25.25 14.77 59.13
C ALA B 370 -26.19 15.96 59.32
N ALA B 371 -26.67 16.51 58.20
CA ALA B 371 -27.69 17.56 58.20
C ALA B 371 -28.98 17.12 58.92
N THR B 372 -29.37 15.85 58.76
CA THR B 372 -30.61 15.29 59.37
C THR B 372 -30.38 14.61 60.74
N LYS B 373 -29.19 14.76 61.33
CA LYS B 373 -28.83 14.17 62.64
C LYS B 373 -28.83 12.63 62.70
N GLN B 374 -28.63 11.98 61.55
CA GLN B 374 -28.59 10.51 61.43
C GLN B 374 -27.20 10.04 60.95
N LEU B 375 -26.14 10.68 61.46
CA LEU B 375 -24.75 10.37 61.08
C LEU B 375 -24.18 9.26 61.95
N ASP B 376 -23.87 8.11 61.35
CA ASP B 376 -23.12 7.05 62.02
C ASP B 376 -21.64 7.46 62.08
N MET B 377 -21.15 7.73 63.29
CA MET B 377 -19.78 8.19 63.50
C MET B 377 -18.76 7.08 63.20
N GLY B 378 -19.10 5.84 63.55
CA GLY B 378 -18.23 4.69 63.28
C GLY B 378 -17.86 4.54 61.82
N VAL B 379 -18.87 4.55 60.97
CA VAL B 379 -18.71 4.21 59.56
C VAL B 379 -18.12 5.38 58.73
N VAL B 380 -18.35 6.63 59.13
CA VAL B 380 -17.80 7.80 58.41
C VAL B 380 -16.27 7.91 58.54
N LEU B 381 -15.74 7.52 59.71
CA LEU B 381 -14.30 7.47 59.94
C LEU B 381 -13.63 6.26 59.24
N SER B 382 -14.33 5.13 59.18
CA SER B 382 -13.88 3.98 58.37
C SER B 382 -13.84 4.30 56.88
N ASP B 383 -14.89 4.97 56.40
CA ASP B 383 -15.01 5.35 54.98
C ASP B 383 -14.06 6.47 54.60
N LEU B 384 -13.87 7.45 55.50
CA LEU B 384 -12.84 8.48 55.30
C LEU B 384 -11.43 7.92 55.15
N ASP B 385 -11.12 6.82 55.85
CA ASP B 385 -9.81 6.18 55.75
C ASP B 385 -9.60 5.53 54.39
N THR B 386 -10.66 4.92 53.86
CA THR B 386 -10.58 4.35 52.51
C THR B 386 -10.50 5.48 51.47
N MET B 387 -11.18 6.62 51.70
CA MET B 387 -11.01 7.79 50.82
C MET B 387 -9.54 8.24 50.77
N LEU B 388 -8.87 8.30 51.93
CA LEU B 388 -7.46 8.69 51.97
C LEU B 388 -6.60 7.77 51.12
N VAL B 389 -6.85 6.45 51.21
CA VAL B 389 -6.08 5.46 50.46
C VAL B 389 -6.35 5.57 48.95
N ALA B 390 -7.62 5.73 48.57
CA ALA B 390 -8.01 5.98 47.19
C ALA B 390 -7.31 7.22 46.59
N LEU B 391 -7.26 8.30 47.35
CA LEU B 391 -6.66 9.55 46.88
C LEU B 391 -5.14 9.45 46.72
N ASP B 392 -4.48 8.79 47.66
CA ASP B 392 -3.03 8.52 47.57
C ASP B 392 -2.71 7.64 46.37
N LYS B 393 -3.56 6.64 46.14
CA LYS B 393 -3.45 5.75 44.99
C LYS B 393 -3.58 6.52 43.68
N ALA B 394 -4.58 7.39 43.61
CA ALA B 394 -4.80 8.21 42.41
C ALA B 394 -3.64 9.16 42.11
N GLU B 395 -3.02 9.72 43.14
CA GLU B 395 -1.84 10.61 42.97
C GLU B 395 -0.62 9.86 42.39
N ARG B 396 -0.35 8.66 42.89
CA ARG B 396 0.78 7.84 42.39
C ARG B 396 0.58 7.56 40.90
N GLU B 397 -0.54 6.93 40.56
CA GLU B 397 -0.90 6.60 39.17
C GLU B 397 -1.25 7.88 38.44
N GLY B 398 -1.65 7.77 37.18
CA GLY B 398 -2.37 8.87 36.52
C GLY B 398 -3.85 8.63 36.75
N GLY B 399 -4.65 8.86 35.72
CA GLY B 399 -6.04 8.39 35.71
C GLY B 399 -6.97 9.56 35.76
N VAL B 400 -6.76 10.46 36.71
CA VAL B 400 -7.63 11.61 36.87
C VAL B 400 -6.81 12.90 36.91
N ASP B 401 -7.36 13.95 36.32
CA ASP B 401 -6.71 15.27 36.28
C ASP B 401 -6.78 15.92 37.66
N LYS B 402 -5.95 16.95 37.85
CA LYS B 402 -5.76 17.54 39.19
C LYS B 402 -7.02 18.25 39.69
N ASP B 403 -7.92 18.67 38.79
CA ASP B 403 -9.17 19.32 39.17
C ASP B 403 -10.17 18.37 39.81
N GLN B 404 -10.23 17.14 39.31
CA GLN B 404 -11.07 16.10 39.93
C GLN B 404 -10.52 15.64 41.29
N LEU B 405 -9.19 15.67 41.45
CA LEU B 405 -8.54 15.39 42.74
C LEU B 405 -8.83 16.44 43.81
N LYS B 406 -8.57 17.72 43.49
CA LYS B 406 -8.81 18.84 44.43
C LYS B 406 -10.26 18.94 44.89
N SER B 407 -11.19 18.62 43.99
CA SER B 407 -12.63 18.58 44.30
C SER B 407 -12.94 17.44 45.29
N PHE B 408 -12.33 16.28 45.08
CA PHE B 408 -12.40 15.14 46.03
C PHE B 408 -11.78 15.52 47.38
N ASN B 409 -10.54 16.03 47.32
CA ASN B 409 -9.81 16.54 48.51
C ASN B 409 -10.63 17.56 49.31
N SER B 410 -11.26 18.51 48.61
CA SER B 410 -12.18 19.47 49.21
C SER B 410 -13.36 18.79 49.89
N LEU B 411 -13.92 17.78 49.24
CA LEU B 411 -15.04 17.01 49.80
C LEU B 411 -14.66 16.23 51.08
N ILE B 412 -13.43 15.70 51.14
CA ILE B 412 -12.90 15.13 52.38
C ILE B 412 -12.87 16.21 53.46
N LEU B 413 -12.16 17.32 53.19
CA LEU B 413 -11.99 18.41 54.15
C LEU B 413 -13.33 18.93 54.66
N LYS B 414 -14.30 19.08 53.76
CA LYS B 414 -15.68 19.42 54.12
C LYS B 414 -16.33 18.38 55.03
N THR B 415 -16.02 17.11 54.82
CA THR B 415 -16.52 16.03 55.68
C THR B 415 -15.86 16.07 57.07
N TYR B 416 -14.54 16.28 57.15
CA TYR B 416 -13.89 16.53 58.46
C TYR B 416 -14.51 17.76 59.18
N SER B 417 -14.81 18.80 58.40
CA SER B 417 -15.55 20.02 58.86
C SER B 417 -16.91 19.71 59.52
N VAL B 418 -17.66 18.78 58.95
CA VAL B 418 -18.97 18.37 59.47
C VAL B 418 -18.84 17.55 60.76
N ILE B 419 -17.87 16.63 60.84
CA ILE B 419 -17.59 15.95 62.13
C ILE B 419 -17.29 16.87 63.34
N GLY B 420 -16.22 17.67 63.29
CA GLY B 420 -15.93 18.68 64.34
C GLY B 420 -17.12 19.55 64.75
N ALA B 421 -17.91 19.94 63.75
CA ALA B 421 -19.14 20.69 63.93
C ALA B 421 -20.27 19.90 64.60
N TYR B 422 -20.45 18.64 64.17
CA TYR B 422 -21.42 17.70 64.78
C TYR B 422 -20.96 17.52 66.23
N ILE B 423 -21.80 17.04 67.15
CA ILE B 423 -21.57 17.17 68.64
C ILE B 423 -22.00 18.60 69.08
N ASN B 444 -15.39 2.63 74.31
CA ASN B 444 -14.27 1.86 73.74
C ASN B 444 -14.62 1.06 72.49
N PHE B 445 -15.87 1.17 72.01
CA PHE B 445 -16.25 0.69 70.67
C PHE B 445 -15.58 1.53 69.58
N MET B 446 -15.45 2.84 69.84
CA MET B 446 -14.87 3.80 68.88
C MET B 446 -13.37 3.57 68.64
N LEU B 447 -12.66 3.08 69.66
CA LEU B 447 -11.26 2.70 69.51
C LEU B 447 -11.04 1.61 68.44
N SER B 448 -11.87 0.58 68.45
CA SER B 448 -11.70 -0.56 67.54
C SER B 448 -11.94 -0.20 66.07
N ILE B 449 -12.78 0.80 65.82
CA ILE B 449 -13.02 1.33 64.47
C ILE B 449 -11.75 2.00 63.95
N VAL B 450 -11.17 2.85 64.79
CA VAL B 450 -10.10 3.77 64.40
C VAL B 450 -8.67 3.26 64.53
N GLU B 451 -8.42 2.24 65.36
CA GLU B 451 -7.09 1.63 65.45
C GLU B 451 -6.55 1.14 64.08
N PRO B 452 -7.38 0.42 63.29
CA PRO B 452 -6.92 0.04 61.94
C PRO B 452 -6.32 1.21 61.14
N SER B 453 -6.96 2.38 61.24
CA SER B 453 -6.50 3.61 60.59
C SER B 453 -5.12 4.09 61.10
N LEU B 454 -4.93 4.09 62.42
CA LEU B 454 -3.62 4.44 63.01
C LEU B 454 -2.52 3.46 62.61
N GLN B 455 -2.84 2.17 62.56
CA GLN B 455 -1.85 1.15 62.20
C GLN B 455 -1.36 1.30 60.77
N ARG B 456 -2.30 1.48 59.85
CA ARG B 456 -2.00 1.76 58.42
C ARG B 456 -1.08 2.98 58.29
N ILE B 457 -1.40 4.06 59.00
CA ILE B 457 -0.59 5.28 58.96
C ILE B 457 0.79 4.99 59.55
N GLN B 458 0.87 4.28 60.68
CA GLN B 458 2.18 3.91 61.28
C GLN B 458 3.03 2.99 60.41
N LYS B 459 2.39 2.12 59.63
CA LYS B 459 3.10 1.30 58.66
C LYS B 459 3.70 2.22 57.58
N HIS B 460 2.92 3.21 57.15
CA HIS B 460 3.35 4.22 56.17
C HIS B 460 4.49 5.10 56.69
N LEU B 461 4.55 5.34 58.00
CA LEU B 461 5.68 6.08 58.63
C LEU B 461 6.99 5.28 58.67
N ASP B 462 6.92 3.95 58.61
CA ASP B 462 8.13 3.11 58.56
C ASP B 462 8.82 3.09 57.18
N GLN B 463 8.07 3.35 56.12
CA GLN B 463 8.58 3.27 54.75
C GLN B 463 9.53 4.41 54.37
N THR B 464 10.32 4.17 53.33
CA THR B 464 11.18 5.19 52.71
C THR B 464 10.29 6.00 51.77
N HIS B 465 10.30 7.32 51.94
CA HIS B 465 9.39 8.19 51.21
C HIS B 465 10.03 8.89 50.03
N SER B 466 9.20 9.31 49.09
CA SER B 466 9.60 10.16 47.99
C SER B 466 8.91 11.50 48.18
N PHE B 467 9.12 12.41 47.24
CA PHE B 467 8.41 13.68 47.24
C PHE B 467 6.91 13.53 46.97
N SER B 468 6.49 12.47 46.30
CA SER B 468 5.06 12.21 46.07
C SER B 468 4.29 11.85 47.34
N ASP B 469 5.02 11.55 48.41
CA ASP B 469 4.41 11.34 49.71
C ASP B 469 4.04 12.63 50.50
N ILE B 470 4.45 13.81 50.06
CA ILE B 470 4.21 15.05 50.83
C ILE B 470 2.72 15.26 51.11
N GLY B 471 1.91 15.20 50.05
CA GLY B 471 0.46 15.37 50.14
C GLY B 471 -0.21 14.23 50.90
N SER B 472 0.31 13.03 50.70
CA SER B 472 -0.15 11.85 51.44
C SER B 472 0.00 12.00 52.94
N LEU B 473 1.14 12.51 53.39
CA LEU B 473 1.43 12.69 54.82
C LEU B 473 0.69 13.89 55.44
N MET B 474 0.52 14.97 54.68
CA MET B 474 -0.31 16.08 55.15
C MET B 474 -1.72 15.58 55.47
N ARG B 475 -2.32 14.86 54.53
CA ARG B 475 -3.68 14.33 54.72
C ARG B 475 -3.76 13.40 55.92
N ALA B 476 -2.79 12.51 56.04
CA ALA B 476 -2.67 11.61 57.20
C ALA B 476 -2.58 12.35 58.54
N HIS B 477 -1.85 13.46 58.57
CA HIS B 477 -1.78 14.31 59.75
C HIS B 477 -3.17 14.85 60.11
N LYS B 478 -3.92 15.29 59.09
CA LYS B 478 -5.29 15.80 59.28
C LYS B 478 -6.23 14.72 59.79
N HIS B 479 -6.03 13.48 59.35
CA HIS B 479 -6.81 12.37 59.86
C HIS B 479 -6.53 12.09 61.34
N LEU B 480 -5.25 11.98 61.70
CA LEU B 480 -4.87 11.73 63.10
C LEU B 480 -5.35 12.83 64.02
N GLU B 481 -5.29 14.06 63.54
CA GLU B 481 -5.76 15.20 64.30
C GLU B 481 -7.27 15.14 64.53
N THR B 482 -8.02 14.71 63.51
CA THR B 482 -9.48 14.56 63.60
C THR B 482 -9.88 13.38 64.48
N LEU B 483 -9.14 12.27 64.41
CA LEU B 483 -9.33 11.16 65.36
C LEU B 483 -9.08 11.60 66.80
N LEU B 484 -8.02 12.36 67.03
CA LEU B 484 -7.67 12.89 68.36
C LEU B 484 -8.79 13.77 68.93
N GLU B 485 -9.29 14.71 68.12
CA GLU B 485 -10.35 15.62 68.50
C GLU B 485 -11.65 14.93 68.83
N VAL B 486 -12.01 13.91 68.06
CA VAL B 486 -13.23 13.14 68.30
C VAL B 486 -13.17 12.46 69.67
N LEU B 487 -12.11 11.70 69.92
CA LEU B 487 -11.99 10.90 71.13
C LEU B 487 -12.00 11.79 72.37
N VAL B 488 -11.20 12.86 72.36
CA VAL B 488 -11.17 13.83 73.45
C VAL B 488 -12.54 14.50 73.64
N THR B 489 -13.21 14.84 72.55
CA THR B 489 -14.50 15.55 72.60
C THR B 489 -15.60 14.68 73.20
N LEU B 490 -15.66 13.41 72.83
CA LEU B 490 -16.70 12.50 73.36
C LEU B 490 -16.61 12.32 74.88
N SER B 491 -15.41 12.48 75.45
CA SER B 491 -15.24 12.44 76.90
C SER B 491 -15.74 13.67 77.66
N GLN B 492 -16.07 14.76 76.95
CA GLN B 492 -16.53 16.00 77.60
C GLN B 492 -17.93 15.84 78.14
N GLN B 493 -18.82 15.41 77.26
CA GLN B 493 -20.25 15.34 77.52
C GLN B 493 -20.74 13.87 77.57
N GLY B 494 -19.83 12.90 77.44
CA GLY B 494 -20.20 11.48 77.47
C GLY B 494 -19.32 10.63 78.38
N GLN B 495 -18.88 9.49 77.83
CA GLN B 495 -18.05 8.54 78.55
C GLN B 495 -16.63 9.06 78.81
N PRO B 496 -16.19 9.11 80.08
CA PRO B 496 -14.82 9.57 80.40
C PRO B 496 -13.71 8.75 79.75
N VAL B 497 -12.50 9.30 79.74
CA VAL B 497 -11.32 8.67 79.09
C VAL B 497 -10.87 7.44 79.87
N SER B 498 -10.81 6.28 79.18
CA SER B 498 -10.30 5.02 79.75
C SER B 498 -8.79 4.90 79.52
N SER B 499 -8.13 3.97 80.23
CA SER B 499 -6.69 3.70 80.03
C SER B 499 -6.30 3.41 78.58
N GLU B 500 -7.20 2.74 77.86
CA GLU B 500 -6.99 2.36 76.46
C GLU B 500 -7.06 3.61 75.61
N THR B 501 -8.09 4.42 75.83
CA THR B 501 -8.24 5.69 75.12
C THR B 501 -7.04 6.61 75.39
N TYR B 502 -6.66 6.76 76.67
CA TYR B 502 -5.54 7.64 77.02
C TYR B 502 -4.25 7.25 76.33
N SER B 503 -3.95 5.96 76.37
CA SER B 503 -2.78 5.40 75.67
C SER B 503 -2.88 5.57 74.16
N PHE B 504 -4.10 5.48 73.64
CA PHE B 504 -4.37 5.73 72.21
C PHE B 504 -4.11 7.17 71.81
N LEU B 505 -4.57 8.11 72.63
CA LEU B 505 -4.33 9.55 72.39
C LEU B 505 -2.85 9.87 72.23
N ASN B 506 -2.01 9.24 73.04
CA ASN B 506 -0.56 9.47 72.95
C ASN B 506 0.13 8.70 71.81
N ARG B 507 -0.42 7.56 71.41
CA ARG B 507 0.03 6.89 70.20
C ARG B 507 -0.29 7.75 68.95
N LEU B 508 -1.44 8.42 68.94
CA LEU B 508 -1.79 9.42 67.90
C LEU B 508 -0.89 10.64 67.96
N ALA B 509 -0.62 11.12 69.16
CA ALA B 509 0.24 12.28 69.36
C ALA B 509 1.68 12.00 68.92
N GLU B 510 2.21 10.84 69.30
CA GLU B 510 3.55 10.42 68.87
C GLU B 510 3.66 10.34 67.35
N ALA B 511 2.65 9.74 66.71
CA ALA B 511 2.60 9.63 65.25
C ALA B 511 2.51 11.01 64.61
N LYS B 512 1.67 11.90 65.11
CA LYS B 512 1.57 13.28 64.57
C LYS B 512 2.95 13.96 64.50
N VAL B 513 3.75 13.84 65.57
CA VAL B 513 5.09 14.44 65.57
C VAL B 513 6.09 13.76 64.65
N THR B 514 6.14 12.43 64.64
CA THR B 514 6.99 11.70 63.69
C THR B 514 6.61 12.09 62.24
N LEU B 515 5.32 12.33 62.02
CA LEU B 515 4.78 12.78 60.75
C LEU B 515 5.27 14.18 60.42
N SER B 516 5.26 15.08 61.39
CA SER B 516 5.73 16.44 61.17
C SER B 516 7.20 16.49 60.80
N GLN B 517 8.02 15.71 61.50
CA GLN B 517 9.47 15.71 61.25
C GLN B 517 9.76 15.18 59.88
N GLN B 518 9.11 14.07 59.52
CA GLN B 518 9.28 13.48 58.21
C GLN B 518 8.77 14.40 57.08
N LEU B 519 7.63 15.04 57.32
CA LEU B 519 7.06 15.99 56.35
C LEU B 519 7.96 17.22 56.19
N ASN B 520 8.68 17.61 57.24
CA ASN B 520 9.59 18.75 57.22
C ASN B 520 10.96 18.47 56.58
N THR B 521 11.50 17.28 56.80
CA THR B 521 12.69 16.85 56.07
C THR B 521 12.42 16.84 54.57
N LEU B 522 11.33 16.18 54.15
CA LEU B 522 11.01 16.09 52.72
C LEU B 522 10.71 17.42 52.03
N GLN B 523 10.20 18.41 52.75
CA GLN B 523 10.01 19.72 52.12
C GLN B 523 11.34 20.43 51.93
N GLN B 524 12.28 20.28 52.86
CA GLN B 524 13.65 20.81 52.69
C GLN B 524 14.33 20.14 51.50
N GLN B 525 14.31 18.81 51.46
CA GLN B 525 14.89 18.04 50.35
C GLN B 525 14.30 18.41 48.99
N GLN B 526 13.00 18.73 48.96
CA GLN B 526 12.34 19.17 47.74
C GLN B 526 12.88 20.53 47.26
N GLU B 527 13.14 21.45 48.20
CA GLU B 527 13.77 22.73 47.84
C GLU B 527 15.17 22.57 47.23
N SER B 528 15.99 21.66 47.77
CA SER B 528 17.28 21.33 47.15
C SER B 528 17.08 20.78 45.74
N ALA B 529 16.05 19.93 45.61
CA ALA B 529 15.72 19.33 44.33
C ALA B 529 15.23 20.33 43.28
N LYS B 530 14.52 21.39 43.70
CA LYS B 530 14.08 22.45 42.78
C LYS B 530 15.25 23.26 42.25
N ALA B 531 16.18 23.60 43.12
CA ALA B 531 17.38 24.36 42.75
C ALA B 531 18.24 23.55 41.80
N GLN B 532 18.57 22.32 42.19
CA GLN B 532 19.28 21.35 41.32
C GLN B 532 18.62 21.22 39.94
N LEU B 533 17.30 21.23 39.91
CA LEU B 533 16.52 21.15 38.66
C LEU B 533 16.76 22.36 37.77
N SER B 534 16.70 23.54 38.36
CA SER B 534 16.82 24.78 37.61
C SER B 534 18.23 25.00 37.07
N ILE B 535 19.24 24.56 37.82
CA ILE B 535 20.61 24.66 37.34
C ILE B 535 20.79 23.79 36.11
N LEU B 536 20.38 22.53 36.20
CA LEU B 536 20.44 21.59 35.08
C LEU B 536 19.78 22.10 33.81
N ILE B 537 18.67 22.83 33.98
CA ILE B 537 17.97 23.42 32.84
C ILE B 537 18.87 24.47 32.17
N ASN B 538 19.55 25.28 32.98
CA ASN B 538 20.45 26.33 32.42
C ASN B 538 21.57 25.79 31.56
N ARG B 539 22.17 24.68 31.99
CA ARG B 539 23.20 24.02 31.22
C ARG B 539 22.72 23.58 29.84
N SER B 540 21.50 23.05 29.77
CA SER B 540 20.91 22.57 28.52
C SER B 540 20.78 23.64 27.41
N GLY B 541 20.67 24.91 27.78
CA GLY B 541 20.58 26.01 26.81
C GLY B 541 21.54 25.96 25.63
N SER B 542 22.82 25.76 25.90
CA SER B 542 23.87 25.74 24.86
C SER B 542 23.62 24.72 23.73
N TRP B 543 23.01 23.57 24.05
CA TRP B 543 22.82 22.46 23.09
C TRP B 543 21.38 22.04 22.79
N ALA B 544 20.41 22.45 23.61
CA ALA B 544 19.05 21.85 23.59
C ALA B 544 18.36 21.88 22.22
N ASP B 545 18.26 23.08 21.64
CA ASP B 545 17.51 23.28 20.41
C ASP B 545 18.24 22.65 19.22
N VAL B 546 19.56 22.78 19.15
CA VAL B 546 20.32 22.12 18.06
C VAL B 546 20.15 20.60 18.12
N ALA B 547 20.17 20.04 19.32
CA ALA B 547 20.03 18.60 19.51
C ALA B 547 18.61 18.13 19.25
N ARG B 548 17.64 18.85 19.79
CA ARG B 548 16.22 18.55 19.53
C ARG B 548 15.89 18.51 18.05
N GLN B 549 16.44 19.45 17.28
CA GLN B 549 16.17 19.53 15.85
C GLN B 549 16.81 18.35 15.11
N SER B 550 18.09 18.11 15.38
CA SER B 550 18.82 17.01 14.72
C SER B 550 18.14 15.67 14.92
N LEU B 551 17.72 15.42 16.17
CA LEU B 551 17.05 14.17 16.52
C LEU B 551 15.62 14.07 15.97
N GLN B 552 14.92 15.21 15.83
CA GLN B 552 13.60 15.24 15.18
C GLN B 552 13.69 14.83 13.71
N ARG B 553 14.72 15.32 13.04
CA ARG B 553 14.99 14.94 11.66
C ARG B 553 15.33 13.45 11.50
N PHE B 554 16.18 12.94 12.41
CA PHE B 554 16.51 11.50 12.43
C PHE B 554 15.27 10.65 12.66
N ASP B 555 14.42 11.08 13.59
CA ASP B 555 13.16 10.38 13.89
C ASP B 555 12.14 10.41 12.76
N SER B 556 12.12 11.48 11.96
CA SER B 556 11.20 11.56 10.83
C SER B 556 11.52 10.53 9.74
N THR B 557 12.79 10.09 9.64
CA THR B 557 13.17 8.98 8.74
C THR B 557 12.53 7.66 9.17
N ARG B 558 12.10 7.61 10.42
CA ARG B 558 11.28 6.55 10.95
C ARG B 558 12.11 5.26 11.13
N PRO B 559 13.17 5.31 11.98
CA PRO B 559 14.04 4.16 12.19
C PRO B 559 13.32 3.06 12.95
N VAL B 560 13.78 1.83 12.76
CA VAL B 560 13.02 0.62 13.14
C VAL B 560 13.82 -0.62 12.75
N VAL B 561 13.91 -1.58 13.66
CA VAL B 561 14.56 -2.86 13.39
C VAL B 561 13.58 -3.69 12.60
N LYS B 562 14.01 -4.21 11.44
CA LYS B 562 13.14 -5.02 10.60
C LYS B 562 13.35 -6.51 10.84
N PHE B 563 12.25 -7.27 10.75
CA PHE B 563 12.25 -8.73 10.61
C PHE B 563 12.98 -9.11 9.33
N GLY B 564 13.68 -10.24 9.32
CA GLY B 564 14.34 -10.72 8.09
C GLY B 564 15.79 -11.04 8.27
N THR B 565 16.43 -11.46 7.20
CA THR B 565 17.84 -11.85 7.25
C THR B 565 18.71 -10.60 7.15
N GLU B 566 20.02 -10.78 7.34
CA GLU B 566 20.95 -9.66 7.28
C GLU B 566 21.06 -9.14 5.86
N GLN B 567 20.92 -10.03 4.89
CA GLN B 567 21.01 -9.68 3.47
C GLN B 567 19.76 -8.90 3.10
N TYR B 568 18.61 -9.38 3.56
CA TYR B 568 17.34 -8.75 3.24
C TYR B 568 17.22 -7.33 3.82
N THR B 569 17.79 -7.10 4.99
CA THR B 569 17.71 -5.80 5.65
C THR B 569 18.92 -4.90 5.40
N ALA B 570 19.88 -5.32 4.57
CA ALA B 570 21.17 -4.64 4.46
C ALA B 570 21.06 -3.19 3.99
N ILE B 571 20.30 -2.94 2.93
CA ILE B 571 20.09 -1.57 2.43
C ILE B 571 19.49 -0.70 3.54
N HIS B 572 18.41 -1.19 4.14
CA HIS B 572 17.72 -0.53 5.27
C HIS B 572 18.64 -0.13 6.41
N ARG B 573 19.47 -1.07 6.84
CA ARG B 573 20.42 -0.86 7.93
C ARG B 573 21.50 0.16 7.58
N GLN B 574 21.93 0.14 6.33
CA GLN B 574 22.93 1.08 5.83
C GLN B 574 22.37 2.51 5.75
N MET B 575 21.09 2.62 5.38
CA MET B 575 20.39 3.91 5.32
C MET B 575 20.26 4.58 6.70
N MET B 576 19.95 3.78 7.71
CA MET B 576 19.84 4.28 9.08
C MET B 576 21.16 4.74 9.63
N ALA B 577 22.19 3.91 9.45
CA ALA B 577 23.52 4.26 9.91
C ALA B 577 24.03 5.57 9.31
N ALA B 578 23.68 5.81 8.05
CA ALA B 578 24.06 7.05 7.37
C ALA B 578 23.31 8.23 7.97
N HIS B 579 21.99 8.08 8.17
CA HIS B 579 21.18 9.11 8.84
C HIS B 579 21.70 9.38 10.24
N ALA B 580 21.93 8.31 11.01
CA ALA B 580 22.51 8.41 12.36
C ALA B 580 23.89 9.09 12.39
N ALA B 581 24.74 8.79 11.42
CA ALA B 581 26.06 9.44 11.31
C ALA B 581 25.95 10.97 11.05
N ILE B 582 25.01 11.38 10.20
CA ILE B 582 24.72 12.82 9.99
C ILE B 582 24.28 13.52 11.28
N THR B 583 23.37 12.88 12.02
CA THR B 583 22.85 13.43 13.26
C THR B 583 23.95 13.61 14.30
N LEU B 584 24.82 12.61 14.46
CA LEU B 584 25.93 12.71 15.41
C LEU B 584 27.00 13.69 14.99
N GLN B 585 27.13 13.95 13.69
CA GLN B 585 28.00 15.01 13.20
C GLN B 585 27.44 16.41 13.47
N GLU B 586 26.12 16.57 13.39
CA GLU B 586 25.49 17.86 13.67
C GLU B 586 25.65 18.32 15.12
N VAL B 587 25.81 17.37 16.05
CA VAL B 587 25.87 17.68 17.49
C VAL B 587 27.24 17.40 18.13
N SER B 588 28.30 17.32 17.31
CA SER B 588 29.63 16.84 17.75
C SER B 588 30.21 17.63 18.92
N GLU B 589 30.23 18.95 18.77
CA GLU B 589 30.64 19.89 19.81
C GLU B 589 29.93 19.74 21.16
N PHE B 590 28.70 19.22 21.16
CA PHE B 590 27.90 19.04 22.39
C PHE B 590 27.97 17.65 23.01
N THR B 591 28.77 16.74 22.49
CA THR B 591 28.67 15.33 22.88
C THR B 591 29.09 15.07 24.35
N ASP B 592 30.16 15.71 24.80
CA ASP B 592 30.55 15.63 26.22
C ASP B 592 29.55 16.30 27.17
N ASP B 593 29.01 17.45 26.77
CA ASP B 593 27.99 18.12 27.58
C ASP B 593 26.78 17.23 27.79
N MET B 594 26.27 16.64 26.71
CA MET B 594 25.13 15.76 26.80
C MET B 594 25.42 14.51 27.62
N ARG B 595 26.65 13.99 27.55
CA ARG B 595 27.02 12.81 28.34
C ARG B 595 27.06 13.14 29.85
N ASN B 596 27.65 14.27 30.20
CA ASN B 596 27.70 14.71 31.60
C ASN B 596 26.34 15.14 32.18
N PHE B 597 25.52 15.70 31.30
CA PHE B 597 24.18 16.15 31.63
C PHE B 597 23.30 15.02 32.17
N THR B 598 23.34 13.86 31.54
CA THR B 598 22.49 12.76 31.97
C THR B 598 23.01 12.02 33.21
N ALA B 599 24.30 12.12 33.50
CA ALA B 599 24.85 11.54 34.73
C ALA B 599 24.28 12.23 35.96
N ASP B 600 23.97 13.52 35.81
CA ASP B 600 23.31 14.33 36.83
C ASP B 600 21.78 14.28 36.76
N SER B 601 21.21 14.37 35.56
CA SER B 601 19.74 14.44 35.39
C SER B 601 19.00 13.14 35.73
N ILE B 602 19.56 11.99 35.36
CA ILE B 602 18.88 10.71 35.61
C ILE B 602 18.70 10.44 37.11
N PRO B 603 19.77 10.56 37.92
CA PRO B 603 19.53 10.40 39.37
C PRO B 603 18.53 11.41 39.97
N LEU B 604 18.50 12.65 39.45
CA LEU B 604 17.55 13.66 39.89
C LEU B 604 16.12 13.33 39.45
N LEU B 605 15.95 12.81 38.24
CA LEU B 605 14.62 12.43 37.76
C LEU B 605 14.02 11.27 38.55
N ILE B 606 14.88 10.34 39.00
CA ILE B 606 14.49 9.23 39.89
C ILE B 606 13.93 9.79 41.21
N GLN B 607 14.60 10.81 41.73
CA GLN B 607 14.24 11.48 42.98
C GLN B 607 12.93 12.29 42.88
N LEU B 608 12.74 13.01 41.77
CA LEU B 608 11.49 13.76 41.50
C LEU B 608 10.32 12.89 41.05
N GLY B 609 10.60 11.68 40.59
CA GLY B 609 9.54 10.70 40.27
C GLY B 609 8.69 11.04 39.06
N ARG B 610 7.64 10.24 38.88
CA ARG B 610 6.68 10.39 37.77
C ARG B 610 5.24 10.79 38.18
N SER B 611 4.93 10.74 39.46
CA SER B 611 3.57 11.03 39.95
C SER B 611 3.33 12.53 40.14
N SER B 612 2.07 12.89 40.39
CA SER B 612 1.68 14.24 40.76
C SER B 612 2.45 14.72 41.99
N LEU B 613 2.60 16.04 42.11
CA LEU B 613 3.25 16.69 43.25
C LEU B 613 2.47 17.92 43.61
N MET B 614 2.56 18.34 44.86
CA MET B 614 1.85 19.55 45.36
C MET B 614 2.18 20.75 44.49
N ASP B 615 3.48 20.96 44.31
CA ASP B 615 4.03 22.06 43.55
C ASP B 615 3.88 21.78 42.03
N GLU B 616 2.95 22.49 41.39
CA GLU B 616 2.65 22.31 39.97
C GLU B 616 3.73 22.91 39.04
N HIS B 617 4.43 23.96 39.51
CA HIS B 617 5.59 24.50 38.80
C HIS B 617 6.74 23.47 38.77
N LEU B 618 6.98 22.80 39.90
CA LEU B 618 7.95 21.70 39.95
C LEU B 618 7.66 20.61 38.90
N VAL B 619 6.40 20.20 38.78
CA VAL B 619 6.02 19.16 37.80
C VAL B 619 6.27 19.61 36.36
N GLU B 620 5.84 20.82 36.01
CA GLU B 620 6.07 21.33 34.63
C GLU B 620 7.57 21.37 34.30
N GLN B 621 8.38 21.76 35.28
CA GLN B 621 9.83 21.83 35.14
C GLN B 621 10.47 20.46 35.02
N ARG B 622 10.02 19.55 35.88
CA ARG B 622 10.49 18.16 35.91
C ARG B 622 10.29 17.48 34.58
N GLU B 623 9.16 17.75 33.93
CA GLU B 623 8.87 17.20 32.61
C GLU B 623 9.78 17.80 31.53
N LYS B 624 10.17 19.06 31.69
CA LYS B 624 11.07 19.70 30.75
C LYS B 624 12.47 19.12 30.84
N LEU B 625 12.90 18.79 32.06
CA LEU B 625 14.15 18.01 32.28
C LEU B 625 14.10 16.60 31.68
N ARG B 626 12.98 15.91 31.90
CA ARG B 626 12.78 14.60 31.33
C ARG B 626 12.86 14.62 29.79
N GLU B 627 12.32 15.67 29.16
CA GLU B 627 12.35 15.77 27.70
C GLU B 627 13.76 16.06 27.21
N LEU B 628 14.46 16.96 27.90
CA LEU B 628 15.87 17.25 27.60
C LEU B 628 16.77 16.05 27.84
N THR B 629 16.47 15.30 28.90
CA THR B 629 17.21 14.09 29.24
C THR B 629 17.04 13.02 28.16
N THR B 630 15.82 12.90 27.62
CA THR B 630 15.57 11.95 26.57
C THR B 630 16.32 12.33 25.29
N ILE B 631 16.46 13.62 25.00
CA ILE B 631 17.19 14.06 23.81
C ILE B 631 18.64 13.66 24.00
N ALA B 632 19.25 14.12 25.09
CA ALA B 632 20.67 13.84 25.37
C ALA B 632 21.01 12.35 25.39
N GLU B 633 20.25 11.58 26.16
CA GLU B 633 20.49 10.15 26.31
C GLU B 633 20.28 9.33 25.01
N ARG B 634 19.31 9.72 24.18
CA ARG B 634 19.10 9.05 22.89
C ARG B 634 20.21 9.34 21.91
N LEU B 635 20.79 10.55 21.98
CA LEU B 635 21.96 10.91 21.19
C LEU B 635 23.23 10.30 21.76
N ASN B 636 23.34 10.18 23.06
CA ASN B 636 24.45 9.45 23.69
C ASN B 636 24.52 7.98 23.33
N ARG B 637 23.39 7.40 22.89
CA ARG B 637 23.32 5.98 22.51
C ARG B 637 23.12 5.71 21.01
N LEU B 638 23.03 6.77 20.21
CA LEU B 638 22.54 6.63 18.84
C LEU B 638 23.49 5.79 18.00
N GLU B 639 24.80 5.97 18.20
CA GLU B 639 25.78 5.14 17.52
C GLU B 639 25.62 3.66 17.88
N ARG B 640 25.46 3.36 19.16
CA ARG B 640 25.29 1.96 19.60
C ARG B 640 24.02 1.36 19.03
N GLU B 641 22.96 2.13 18.86
CA GLU B 641 21.66 1.60 18.43
C GLU B 641 21.54 1.44 16.91
N TRP B 642 22.24 2.26 16.12
CA TRP B 642 22.00 2.32 14.64
C TRP B 642 23.23 2.22 13.71
N MET B 643 24.43 2.09 14.27
CA MET B 643 25.69 2.03 13.51
C MET B 643 26.51 0.91 14.10
N VAL C 6 30.45 -10.51 -64.33
CA VAL C 6 29.04 -9.97 -64.18
C VAL C 6 28.80 -9.32 -62.81
N ALA C 7 28.01 -8.25 -62.79
CA ALA C 7 27.80 -7.43 -61.59
C ALA C 7 26.93 -8.14 -60.55
N ALA C 8 27.27 -7.94 -59.28
CA ALA C 8 26.45 -8.45 -58.17
C ALA C 8 25.24 -7.54 -57.95
N LEU C 9 24.22 -8.08 -57.30
CA LEU C 9 23.05 -7.33 -56.89
C LEU C 9 23.16 -7.00 -55.40
N VAL C 10 22.73 -5.81 -55.03
CA VAL C 10 22.67 -5.40 -53.64
C VAL C 10 21.23 -4.95 -53.36
N VAL C 11 20.55 -5.60 -52.44
CA VAL C 11 19.23 -5.18 -52.03
C VAL C 11 19.22 -4.95 -50.52
N ASP C 12 18.60 -3.85 -50.09
CA ASP C 12 18.52 -3.45 -48.68
C ASP C 12 17.03 -3.39 -48.36
N ASN C 13 16.56 -4.39 -47.64
CA ASN C 13 15.16 -4.48 -47.26
C ASN C 13 14.85 -3.80 -45.94
N GLY C 14 14.09 -2.72 -46.02
CA GLY C 14 13.70 -1.95 -44.86
C GLY C 14 12.22 -2.10 -44.56
N SER C 15 11.83 -1.55 -43.43
CA SER C 15 10.48 -1.65 -42.94
C SER C 15 9.56 -0.84 -43.84
N GLY C 16 10.03 0.35 -44.21
CA GLY C 16 9.28 1.27 -45.04
C GLY C 16 9.67 1.14 -46.49
N MET C 17 10.96 1.17 -46.78
CA MET C 17 11.45 1.22 -48.15
C MET C 17 12.43 0.08 -48.46
N CYS C 18 12.38 -0.40 -49.69
CA CYS C 18 13.31 -1.41 -50.19
C CYS C 18 14.20 -0.70 -51.21
N LYS C 19 15.52 -0.83 -51.08
CA LYS C 19 16.46 -0.22 -52.04
C LYS C 19 17.28 -1.30 -52.76
N ALA C 20 17.36 -1.20 -54.08
CA ALA C 20 17.94 -2.27 -54.90
C ALA C 20 18.77 -1.71 -56.02
N GLY C 21 19.88 -2.37 -56.33
CA GLY C 21 20.70 -1.97 -57.46
C GLY C 21 21.85 -2.93 -57.72
N PHE C 22 22.87 -2.44 -58.41
CA PHE C 22 24.01 -3.25 -58.82
C PHE C 22 25.22 -2.83 -58.04
N ALA C 23 26.01 -3.81 -57.60
CA ALA C 23 27.28 -3.54 -56.92
C ALA C 23 28.11 -2.72 -57.87
N GLY C 24 28.66 -1.63 -57.36
CA GLY C 24 29.51 -0.73 -58.12
C GLY C 24 28.86 0.60 -58.41
N ASP C 25 27.56 0.75 -58.17
CA ASP C 25 26.91 2.02 -58.44
C ASP C 25 27.01 2.96 -57.24
N ASP C 26 27.04 4.25 -57.55
CA ASP C 26 26.99 5.33 -56.55
C ASP C 26 25.71 5.30 -55.69
N ALA C 27 24.60 4.85 -56.27
CA ALA C 27 23.30 4.84 -55.58
C ALA C 27 22.46 3.66 -56.10
N PRO C 28 21.37 3.32 -55.41
CA PRO C 28 20.50 2.27 -55.90
C PRO C 28 19.60 2.76 -57.04
N ARG C 29 19.39 1.88 -58.01
CA ARG C 29 18.59 2.17 -59.19
C ARG C 29 17.10 2.10 -58.90
N ALA C 30 16.71 1.41 -57.84
CA ALA C 30 15.31 1.27 -57.51
C ALA C 30 15.08 1.49 -56.02
N VAL C 31 14.11 2.37 -55.73
CA VAL C 31 13.66 2.62 -54.36
C VAL C 31 12.14 2.67 -54.36
N PHE C 32 11.52 1.72 -53.64
CA PHE C 32 10.06 1.64 -53.54
C PHE C 32 9.59 1.15 -52.15
N PRO C 33 8.30 1.38 -51.81
CA PRO C 33 7.79 0.98 -50.48
C PRO C 33 7.72 -0.53 -50.24
N SER C 34 8.09 -0.99 -49.04
CA SER C 34 8.07 -2.40 -48.69
C SER C 34 6.64 -2.79 -48.34
N ILE C 35 5.76 -2.75 -49.35
CA ILE C 35 4.33 -2.96 -49.18
C ILE C 35 3.87 -4.02 -50.16
N VAL C 36 3.07 -4.97 -49.67
CA VAL C 36 2.39 -5.94 -50.51
C VAL C 36 0.88 -5.77 -50.33
N GLY C 37 0.15 -5.85 -51.41
CA GLY C 37 -1.31 -5.67 -51.39
C GLY C 37 -1.99 -6.83 -52.08
N ARG C 38 -2.95 -7.46 -51.38
CA ARG C 38 -3.71 -8.62 -51.89
C ARG C 38 -5.22 -8.30 -51.94
N PRO C 39 -6.00 -9.06 -52.73
CA PRO C 39 -7.46 -8.88 -52.78
C PRO C 39 -8.16 -8.86 -51.41
N ARG C 40 -9.24 -8.09 -51.30
CA ARG C 40 -10.07 -8.04 -50.08
C ARG C 40 -11.00 -9.24 -49.95
N SER C 53 -2.22 -9.66 -56.93
CA SER C 53 -1.44 -9.16 -55.79
C SER C 53 -0.33 -8.21 -56.26
N TYR C 54 -0.19 -7.06 -55.59
CA TYR C 54 0.69 -5.98 -56.06
C TYR C 54 1.73 -5.55 -55.03
N VAL C 55 2.78 -4.91 -55.51
CA VAL C 55 3.91 -4.45 -54.68
C VAL C 55 4.29 -3.00 -54.97
N GLY C 56 4.72 -2.29 -53.93
CA GLY C 56 5.30 -0.98 -54.08
C GLY C 56 4.26 0.08 -54.37
N ASP C 57 4.54 0.92 -55.35
CA ASP C 57 3.70 2.07 -55.68
C ASP C 57 2.40 1.65 -56.36
N GLU C 58 2.46 0.57 -57.13
CA GLU C 58 1.27 0.05 -57.79
C GLU C 58 0.28 -0.48 -56.75
N ALA C 59 0.80 -1.14 -55.71
CA ALA C 59 -0.04 -1.58 -54.58
C ALA C 59 -0.78 -0.40 -53.90
N GLN C 60 -0.08 0.72 -53.72
CA GLN C 60 -0.67 1.97 -53.25
C GLN C 60 -1.71 2.61 -54.21
N SER C 61 -1.43 2.64 -55.52
CA SER C 61 -2.39 3.21 -56.49
C SER C 61 -3.70 2.44 -56.47
N LYS C 62 -3.61 1.11 -56.42
CA LYS C 62 -4.78 0.25 -56.41
C LYS C 62 -5.25 -0.14 -55.01
N ARG C 63 -4.91 0.67 -54.00
CA ARG C 63 -5.25 0.35 -52.58
C ARG C 63 -6.74 0.04 -52.34
N GLY C 64 -7.62 0.78 -53.03
CA GLY C 64 -9.06 0.55 -52.97
C GLY C 64 -9.58 -0.88 -53.14
N ILE C 65 -8.89 -1.71 -53.90
CA ILE C 65 -9.31 -3.12 -54.05
C ILE C 65 -8.38 -4.11 -53.29
N LEU C 66 -7.49 -3.55 -52.48
CA LEU C 66 -6.45 -4.33 -51.80
C LEU C 66 -6.41 -4.09 -50.27
N THR C 67 -5.85 -5.07 -49.57
CA THR C 67 -5.49 -4.97 -48.18
C THR C 67 -3.98 -4.89 -48.15
N LEU C 68 -3.44 -3.70 -47.86
CA LEU C 68 -1.98 -3.47 -47.87
C LEU C 68 -1.37 -3.96 -46.58
N LYS C 69 -0.18 -4.58 -46.68
CA LYS C 69 0.59 -5.03 -45.50
C LYS C 69 2.08 -4.78 -45.67
N TYR C 70 2.75 -4.49 -44.57
CA TYR C 70 4.19 -4.36 -44.54
C TYR C 70 4.80 -5.70 -44.07
N PRO C 71 5.57 -6.39 -44.92
CA PRO C 71 6.17 -7.66 -44.47
C PRO C 71 7.27 -7.51 -43.43
N ILE C 72 7.94 -6.35 -43.40
CA ILE C 72 8.94 -6.06 -42.39
C ILE C 72 8.33 -5.16 -41.32
N GLU C 73 8.42 -5.61 -40.06
CA GLU C 73 8.00 -4.89 -38.86
C GLU C 73 9.21 -4.67 -37.99
N HIS C 74 9.49 -3.42 -37.64
CA HIS C 74 10.62 -3.06 -36.75
C HIS C 74 11.95 -3.68 -37.19
N GLY C 75 12.19 -3.66 -38.51
CA GLY C 75 13.42 -4.18 -39.11
C GLY C 75 13.43 -5.66 -39.42
N ILE C 76 12.48 -6.41 -38.86
CA ILE C 76 12.50 -7.88 -38.88
C ILE C 76 11.40 -8.39 -39.78
N ILE C 77 11.70 -9.45 -40.52
CA ILE C 77 10.76 -10.01 -41.49
C ILE C 77 9.73 -10.78 -40.69
N THR C 78 8.45 -10.53 -40.96
CA THR C 78 7.37 -11.28 -40.30
C THR C 78 6.43 -11.99 -41.26
N ASN C 79 6.27 -11.51 -42.48
CA ASN C 79 5.49 -12.23 -43.50
C ASN C 79 6.39 -12.75 -44.66
N TRP C 80 6.84 -14.00 -44.56
CA TRP C 80 7.72 -14.59 -45.58
C TRP C 80 7.04 -14.74 -46.94
N ASP C 81 5.74 -14.99 -46.95
CA ASP C 81 4.98 -15.06 -48.20
C ASP C 81 5.08 -13.73 -48.94
N ASP C 82 4.79 -12.64 -48.23
CA ASP C 82 4.84 -11.29 -48.82
C ASP C 82 6.28 -10.85 -49.14
N MET C 83 7.24 -11.28 -48.34
CA MET C 83 8.64 -10.93 -48.56
C MET C 83 9.13 -11.56 -49.86
N GLU C 84 8.75 -12.81 -50.10
CA GLU C 84 9.04 -13.50 -51.35
C GLU C 84 8.56 -12.67 -52.54
N LYS C 85 7.35 -12.10 -52.43
CA LYS C 85 6.75 -11.25 -53.49
C LYS C 85 7.56 -9.98 -53.75
N ILE C 86 8.03 -9.34 -52.68
CA ILE C 86 8.89 -8.13 -52.82
C ILE C 86 10.16 -8.42 -53.60
N TRP C 87 10.84 -9.53 -53.27
CA TRP C 87 12.06 -9.89 -53.98
C TRP C 87 11.79 -10.22 -55.44
N HIS C 88 10.74 -10.98 -55.70
CA HIS C 88 10.31 -11.25 -57.07
C HIS C 88 10.03 -9.93 -57.80
N HIS C 89 9.37 -8.99 -57.14
CA HIS C 89 9.14 -7.67 -57.72
C HIS C 89 10.48 -6.97 -57.98
N THR C 90 11.36 -6.96 -57.00
CA THR C 90 12.65 -6.29 -57.12
C THR C 90 13.48 -6.77 -58.33
N PHE C 91 13.62 -8.07 -58.45
CA PHE C 91 14.39 -8.65 -59.54
C PHE C 91 13.71 -8.40 -60.86
N TYR C 92 12.47 -8.87 -61.01
CA TYR C 92 11.84 -8.92 -62.33
C TYR C 92 11.27 -7.61 -62.81
N ASN C 93 10.83 -6.73 -61.92
CA ASN C 93 10.15 -5.49 -62.33
C ASN C 93 11.00 -4.25 -62.22
N GLU C 94 11.70 -4.08 -61.09
CA GLU C 94 12.56 -2.91 -60.89
C GLU C 94 13.89 -3.10 -61.61
N LEU C 95 14.72 -4.03 -61.15
CA LEU C 95 16.03 -4.25 -61.78
C LEU C 95 15.96 -4.91 -63.17
N ARG C 96 14.85 -5.59 -63.47
CA ARG C 96 14.66 -6.35 -64.72
C ARG C 96 15.85 -7.27 -65.05
N VAL C 97 16.11 -8.21 -64.15
CA VAL C 97 17.21 -9.16 -64.28
C VAL C 97 16.78 -10.57 -63.92
N ALA C 98 17.62 -11.53 -64.25
CA ALA C 98 17.43 -12.93 -63.89
C ALA C 98 18.36 -13.24 -62.71
N PRO C 99 17.77 -13.53 -61.54
CA PRO C 99 18.57 -13.77 -60.33
C PRO C 99 19.47 -15.01 -60.41
N GLU C 100 19.18 -15.93 -61.31
CA GLU C 100 20.08 -17.04 -61.60
C GLU C 100 21.48 -16.63 -62.08
N GLU C 101 21.59 -15.45 -62.68
CA GLU C 101 22.83 -15.02 -63.33
C GLU C 101 23.70 -14.04 -62.50
N HIS C 102 23.15 -13.46 -61.44
CA HIS C 102 23.92 -12.54 -60.59
C HIS C 102 24.01 -13.08 -59.16
N PRO C 103 25.17 -12.95 -58.50
CA PRO C 103 25.19 -13.19 -57.06
C PRO C 103 24.48 -12.03 -56.30
N VAL C 104 24.05 -12.25 -55.07
CA VAL C 104 23.13 -11.33 -54.39
C VAL C 104 23.57 -11.02 -52.95
N LEU C 105 23.72 -9.73 -52.65
CA LEU C 105 23.96 -9.28 -51.28
C LEU C 105 22.65 -8.77 -50.71
N LEU C 106 22.18 -9.42 -49.64
CA LEU C 106 21.03 -8.93 -48.87
C LEU C 106 21.55 -8.30 -47.60
N THR C 107 20.70 -7.49 -46.97
CA THR C 107 21.01 -6.87 -45.68
C THR C 107 20.01 -7.39 -44.64
N GLU C 108 20.38 -7.28 -43.37
CA GLU C 108 19.55 -7.70 -42.25
C GLU C 108 19.71 -6.77 -41.05
N ALA C 109 18.74 -6.78 -40.14
CA ALA C 109 18.82 -5.95 -38.93
C ALA C 109 19.80 -6.55 -37.90
N PRO C 110 20.32 -5.70 -37.00
CA PRO C 110 21.03 -6.22 -35.83
C PRO C 110 20.11 -7.11 -35.03
N LEU C 111 20.68 -8.22 -34.54
CA LEU C 111 19.95 -9.21 -33.72
C LEU C 111 18.81 -9.89 -34.49
N ASN C 112 18.98 -10.06 -35.79
CA ASN C 112 18.02 -10.83 -36.60
C ASN C 112 18.09 -12.29 -36.13
N PRO C 113 16.94 -12.87 -35.71
CA PRO C 113 16.93 -14.28 -35.30
C PRO C 113 17.61 -15.25 -36.30
N LYS C 114 18.30 -16.27 -35.77
CA LYS C 114 18.96 -17.26 -36.64
C LYS C 114 17.97 -17.95 -37.61
N ALA C 115 16.75 -18.21 -37.16
CA ALA C 115 15.71 -18.82 -37.99
C ALA C 115 15.41 -17.99 -39.24
N ASN C 116 15.34 -16.67 -39.09
CA ASN C 116 15.14 -15.75 -40.21
C ASN C 116 16.25 -15.79 -41.25
N ARG C 117 17.49 -15.93 -40.78
CA ARG C 117 18.63 -15.95 -41.67
C ARG C 117 18.63 -17.17 -42.57
N GLU C 118 18.19 -18.31 -42.03
CA GLU C 118 18.07 -19.55 -42.79
C GLU C 118 16.97 -19.45 -43.85
N LYS C 119 15.84 -18.85 -43.47
CA LYS C 119 14.68 -18.70 -44.36
C LYS C 119 15.01 -17.78 -45.54
N MET C 120 15.74 -16.71 -45.24
CA MET C 120 16.31 -15.80 -46.24
C MET C 120 17.20 -16.53 -47.25
N THR C 121 18.10 -17.37 -46.72
CA THR C 121 19.04 -18.14 -47.52
C THR C 121 18.32 -19.14 -48.43
N GLN C 122 17.43 -19.92 -47.82
CA GLN C 122 16.58 -20.89 -48.52
C GLN C 122 15.77 -20.27 -49.68
N ILE C 123 15.19 -19.09 -49.46
CA ILE C 123 14.42 -18.43 -50.52
C ILE C 123 15.30 -18.02 -51.70
N MET C 124 16.45 -17.39 -51.45
CA MET C 124 17.35 -17.01 -52.54
C MET C 124 17.77 -18.22 -53.39
N PHE C 125 18.22 -19.29 -52.73
CA PHE C 125 18.68 -20.48 -53.46
C PHE C 125 17.57 -21.30 -54.06
N GLU C 126 16.52 -21.61 -53.29
CA GLU C 126 15.45 -22.48 -53.79
C GLU C 126 14.36 -21.78 -54.62
N THR C 127 13.98 -20.55 -54.27
CA THR C 127 12.94 -19.88 -55.04
C THR C 127 13.52 -19.14 -56.24
N PHE C 128 14.63 -18.44 -56.06
CA PHE C 128 15.21 -17.59 -57.11
C PHE C 128 16.43 -18.17 -57.82
N ASN C 129 16.97 -19.29 -57.33
CA ASN C 129 18.14 -19.96 -57.93
C ASN C 129 19.43 -19.15 -58.03
N SER C 130 19.66 -18.26 -57.07
CA SER C 130 20.85 -17.39 -57.10
C SER C 130 22.14 -18.25 -57.06
N PRO C 131 23.13 -17.91 -57.93
CA PRO C 131 24.40 -18.63 -57.96
C PRO C 131 25.20 -18.49 -56.67
N ALA C 132 25.04 -17.35 -55.99
CA ALA C 132 25.66 -17.11 -54.70
C ALA C 132 24.99 -15.98 -53.94
N MET C 133 25.11 -16.02 -52.60
CA MET C 133 24.61 -14.93 -51.75
C MET C 133 25.44 -14.74 -50.48
N HIS C 134 25.39 -13.51 -49.95
CA HIS C 134 25.91 -13.16 -48.61
C HIS C 134 24.84 -12.31 -47.97
N VAL C 135 24.80 -12.31 -46.64
CA VAL C 135 23.94 -11.37 -45.90
C VAL C 135 24.80 -10.59 -44.90
N ALA C 136 24.53 -9.30 -44.77
CA ALA C 136 25.34 -8.39 -43.95
C ALA C 136 24.46 -7.61 -43.00
N ILE C 137 25.03 -7.22 -41.87
CA ILE C 137 24.31 -6.41 -40.88
C ILE C 137 24.26 -4.95 -41.39
N GLN C 138 23.07 -4.37 -41.37
CA GLN C 138 22.82 -3.07 -42.01
C GLN C 138 23.68 -1.92 -41.47
N ALA C 139 23.73 -1.80 -40.14
CA ALA C 139 24.55 -0.77 -39.49
C ALA C 139 26.03 -0.90 -39.88
N VAL C 140 26.52 -2.13 -39.92
CA VAL C 140 27.92 -2.37 -40.26
C VAL C 140 28.22 -1.85 -41.67
N LEU C 141 27.27 -1.98 -42.59
CA LEU C 141 27.46 -1.44 -43.95
C LEU C 141 27.58 0.10 -43.95
N SER C 142 26.78 0.77 -43.11
CA SER C 142 26.85 2.24 -43.01
C SER C 142 28.17 2.72 -42.39
N LEU C 143 28.75 1.91 -41.51
CA LEU C 143 30.06 2.25 -40.97
C LEU C 143 31.17 2.03 -42.00
N TYR C 144 31.09 0.95 -42.78
CA TYR C 144 32.02 0.73 -43.90
C TYR C 144 31.90 1.88 -44.87
N ALA C 145 30.67 2.33 -45.12
CA ALA C 145 30.41 3.42 -46.05
C ALA C 145 31.04 4.74 -45.64
N SER C 146 31.15 4.96 -44.33
CA SER C 146 31.77 6.18 -43.80
C SER C 146 33.30 6.15 -43.89
N GLY C 147 33.86 5.00 -44.24
CA GLY C 147 35.31 4.84 -44.34
C GLY C 147 35.92 4.38 -43.02
N ARG C 148 35.18 3.58 -42.25
CA ARG C 148 35.54 3.19 -40.89
C ARG C 148 35.29 1.71 -40.61
N THR C 149 36.10 1.14 -39.74
CA THR C 149 35.79 -0.18 -39.17
C THR C 149 35.53 -0.13 -37.66
N THR C 150 35.81 1.01 -37.02
CA THR C 150 35.47 1.20 -35.62
C THR C 150 34.58 2.44 -35.49
N GLY C 151 33.54 2.33 -34.68
CA GLY C 151 32.56 3.40 -34.52
C GLY C 151 31.25 2.87 -33.99
N ILE C 152 30.35 3.79 -33.65
CA ILE C 152 28.97 3.43 -33.26
C ILE C 152 28.01 4.07 -34.26
N VAL C 153 27.00 3.30 -34.64
CA VAL C 153 26.04 3.71 -35.63
C VAL C 153 24.70 3.88 -34.96
N LEU C 154 24.07 5.02 -35.21
CA LEU C 154 22.66 5.19 -34.91
C LEU C 154 21.96 5.08 -36.25
N ASP C 155 21.29 3.95 -36.47
CA ASP C 155 20.48 3.74 -37.68
C ASP C 155 19.06 3.95 -37.28
N SER C 156 18.35 4.82 -38.00
CA SER C 156 16.93 5.11 -37.73
C SER C 156 16.19 5.24 -39.03
N GLY C 157 15.25 4.35 -39.25
CA GLY C 157 14.48 4.25 -40.49
C GLY C 157 13.01 4.46 -40.28
N ASP C 158 12.17 3.63 -40.89
CA ASP C 158 10.72 3.77 -40.80
C ASP C 158 10.14 2.99 -39.62
N GLY C 159 10.71 1.84 -39.30
CA GLY C 159 10.17 0.98 -38.26
C GLY C 159 10.95 0.84 -36.97
N VAL C 160 12.23 1.18 -36.97
CA VAL C 160 13.11 0.85 -35.83
C VAL C 160 14.34 1.72 -35.80
N SER C 161 14.90 1.91 -34.60
CA SER C 161 16.22 2.52 -34.44
C SER C 161 17.13 1.57 -33.65
N HIS C 162 18.41 1.54 -34.04
CA HIS C 162 19.41 0.69 -33.42
C HIS C 162 20.65 1.52 -33.16
N THR C 163 21.21 1.41 -31.97
CA THR C 163 22.57 1.91 -31.71
C THR C 163 23.46 0.69 -31.76
N VAL C 164 24.38 0.66 -32.72
CA VAL C 164 25.27 -0.49 -32.93
C VAL C 164 26.74 -0.09 -32.80
N PRO C 165 27.35 -0.40 -31.64
CA PRO C 165 28.80 -0.18 -31.54
C PRO C 165 29.53 -1.28 -32.29
N ILE C 166 30.56 -0.87 -33.02
CA ILE C 166 31.34 -1.75 -33.91
C ILE C 166 32.81 -1.52 -33.63
N TYR C 167 33.56 -2.61 -33.44
CA TYR C 167 34.99 -2.54 -33.20
C TYR C 167 35.76 -3.38 -34.22
N GLU C 168 36.67 -2.71 -34.94
CA GLU C 168 37.54 -3.31 -35.97
C GLU C 168 36.82 -4.30 -36.88
N GLY C 169 35.65 -3.89 -37.37
CA GLY C 169 34.89 -4.69 -38.32
C GLY C 169 33.74 -5.51 -37.77
N TYR C 170 33.75 -5.81 -36.46
CA TYR C 170 32.74 -6.69 -35.86
C TYR C 170 31.81 -5.93 -34.93
N ALA C 171 30.51 -6.13 -35.11
CA ALA C 171 29.50 -5.58 -34.19
C ALA C 171 29.57 -6.31 -32.82
N LEU C 172 29.26 -5.57 -31.74
CA LEU C 172 29.35 -6.05 -30.36
C LEU C 172 27.94 -6.29 -29.84
N PRO C 173 27.36 -7.47 -30.12
CA PRO C 173 25.90 -7.65 -29.89
C PRO C 173 25.37 -7.37 -28.47
N HIS C 174 26.21 -7.56 -27.45
CA HIS C 174 25.87 -7.25 -26.05
C HIS C 174 25.66 -5.76 -25.76
N ALA C 175 26.15 -4.90 -26.63
CA ALA C 175 26.00 -3.45 -26.45
C ALA C 175 25.02 -2.83 -27.46
N ILE C 176 24.36 -3.68 -28.27
CA ILE C 176 23.36 -3.19 -29.23
C ILE C 176 22.07 -2.92 -28.49
N LEU C 177 21.49 -1.74 -28.69
CA LEU C 177 20.16 -1.41 -28.19
C LEU C 177 19.19 -1.14 -29.35
N ARG C 178 17.94 -1.53 -29.14
CA ARG C 178 16.88 -1.38 -30.11
C ARG C 178 15.85 -0.45 -29.52
N LEU C 179 15.27 0.39 -30.34
CA LEU C 179 14.30 1.35 -29.87
C LEU C 179 13.16 1.37 -30.89
N ASP C 180 11.96 0.94 -30.49
CA ASP C 180 10.81 0.88 -31.43
C ASP C 180 10.16 2.26 -31.62
N LEU C 181 10.96 3.16 -32.18
CA LEU C 181 10.66 4.55 -32.31
C LEU C 181 11.41 4.97 -33.54
N ALA C 182 10.68 5.28 -34.60
CA ALA C 182 11.28 5.60 -35.88
C ALA C 182 10.31 6.42 -36.74
N GLY C 183 10.64 6.60 -38.02
CA GLY C 183 9.91 7.51 -38.90
C GLY C 183 8.40 7.34 -38.93
N ARG C 184 7.91 6.09 -38.98
CA ARG C 184 6.47 5.78 -38.98
C ARG C 184 5.76 6.38 -37.76
N ASP C 185 6.39 6.27 -36.61
CA ASP C 185 5.81 6.81 -35.38
C ASP C 185 5.78 8.33 -35.43
N LEU C 186 6.79 8.96 -36.02
CA LEU C 186 6.80 10.42 -36.17
C LEU C 186 5.73 10.93 -37.14
N THR C 187 5.59 10.24 -38.27
CA THR C 187 4.57 10.59 -39.21
C THR C 187 3.23 10.51 -38.51
N ASP C 188 3.03 9.44 -37.75
CA ASP C 188 1.76 9.23 -37.04
C ASP C 188 1.47 10.30 -36.00
N TYR C 189 2.52 10.71 -35.29
CA TYR C 189 2.43 11.76 -34.27
C TYR C 189 2.08 13.06 -34.96
N LEU C 190 2.71 13.33 -36.10
CA LEU C 190 2.41 14.55 -36.84
C LEU C 190 0.94 14.62 -37.26
N MET C 191 0.35 13.49 -37.59
CA MET C 191 -1.06 13.41 -37.97
C MET C 191 -1.98 13.81 -36.84
N LYS C 192 -1.58 13.45 -35.63
CA LYS C 192 -2.35 13.74 -34.44
C LYS C 192 -2.30 15.21 -34.17
N ILE C 193 -1.10 15.76 -34.03
CA ILE C 193 -0.96 17.15 -33.57
C ILE C 193 -1.48 18.17 -34.59
N LEU C 194 -1.47 17.82 -35.89
CA LEU C 194 -2.10 18.66 -36.92
C LEU C 194 -3.63 18.77 -36.76
N THR C 195 -4.28 17.77 -36.15
CA THR C 195 -5.73 17.88 -35.91
C THR C 195 -6.09 19.02 -34.94
N GLU C 196 -5.13 19.49 -34.14
CA GLU C 196 -5.39 20.69 -33.33
C GLU C 196 -5.51 21.92 -34.22
N ARG C 197 -4.84 21.94 -35.37
CA ARG C 197 -5.06 23.02 -36.34
C ARG C 197 -6.28 22.83 -37.21
N GLY C 198 -7.09 21.83 -36.92
CA GLY C 198 -8.27 21.56 -37.74
C GLY C 198 -8.00 20.78 -39.01
N TYR C 199 -6.86 20.09 -39.07
CA TYR C 199 -6.45 19.29 -40.24
C TYR C 199 -6.58 17.79 -39.91
N SER C 200 -7.60 17.13 -40.44
CA SER C 200 -7.84 15.69 -40.18
C SER C 200 -7.40 14.73 -41.31
N PHE C 201 -6.09 14.49 -41.33
CA PHE C 201 -5.50 13.46 -42.18
C PHE C 201 -5.67 12.08 -41.50
N THR C 202 -6.22 11.13 -42.27
CA THR C 202 -6.71 9.84 -41.76
C THR C 202 -6.55 8.61 -42.66
N THR C 203 -6.56 8.80 -43.97
CA THR C 203 -6.39 7.71 -44.94
C THR C 203 -4.91 7.40 -45.16
N THR C 204 -4.60 6.24 -45.74
CA THR C 204 -3.19 5.87 -46.01
C THR C 204 -2.63 6.79 -47.09
N ALA C 205 -3.50 7.25 -47.99
CA ALA C 205 -3.12 8.27 -48.95
C ALA C 205 -2.72 9.57 -48.25
N GLU C 206 -3.55 9.99 -47.32
CA GLU C 206 -3.25 11.16 -46.51
C GLU C 206 -2.04 10.95 -45.61
N ARG C 207 -1.86 9.73 -45.09
CA ARG C 207 -0.66 9.40 -44.30
C ARG C 207 0.62 9.62 -45.10
N GLU C 208 0.58 9.32 -46.39
CA GLU C 208 1.75 9.52 -47.27
C GLU C 208 2.00 10.99 -47.52
N ILE C 209 0.92 11.77 -47.62
CA ILE C 209 1.05 13.22 -47.73
C ILE C 209 1.67 13.79 -46.45
N VAL C 210 1.21 13.37 -45.28
CA VAL C 210 1.80 13.84 -44.02
C VAL C 210 3.28 13.44 -43.85
N ARG C 211 3.65 12.26 -44.32
CA ARG C 211 5.05 11.88 -44.41
C ARG C 211 5.85 12.88 -45.27
N ASP C 212 5.26 13.36 -46.37
CA ASP C 212 5.89 14.39 -47.22
C ASP C 212 6.10 15.70 -46.47
N ILE C 213 5.05 16.16 -45.79
CA ILE C 213 5.11 17.38 -44.97
C ILE C 213 6.25 17.24 -43.97
N LYS C 214 6.25 16.12 -43.23
CA LYS C 214 7.30 15.79 -42.22
C LYS C 214 8.71 15.87 -42.77
N GLU C 215 8.92 15.27 -43.93
CA GLU C 215 10.24 15.24 -44.55
C GLU C 215 10.70 16.61 -45.03
N LYS C 216 9.77 17.48 -45.41
CA LYS C 216 10.11 18.80 -45.95
C LYS C 216 10.02 19.97 -44.97
N LEU C 217 9.25 19.86 -43.89
CA LEU C 217 9.04 21.00 -42.96
C LEU C 217 9.64 20.86 -41.56
N CYS C 218 9.86 19.65 -41.11
CA CYS C 218 10.35 19.44 -39.76
C CYS C 218 11.84 19.69 -39.62
N TYR C 219 12.26 20.13 -38.44
CA TYR C 219 13.69 20.26 -38.10
C TYR C 219 13.88 19.98 -36.63
N VAL C 220 15.10 19.75 -36.20
CA VAL C 220 15.40 19.57 -34.80
C VAL C 220 15.85 20.92 -34.26
N ALA C 221 15.16 21.41 -33.22
CA ALA C 221 15.62 22.61 -32.52
C ALA C 221 16.82 22.28 -31.66
N LEU C 222 17.81 23.17 -31.66
CA LEU C 222 19.00 23.00 -30.82
C LEU C 222 18.61 23.19 -29.35
N ASP C 223 17.66 24.11 -29.12
CA ASP C 223 17.08 24.39 -27.82
C ASP C 223 15.54 24.43 -27.95
N PHE C 224 14.90 23.35 -27.54
CA PHE C 224 13.46 23.17 -27.71
C PHE C 224 12.62 24.26 -27.01
N GLU C 225 12.90 24.49 -25.73
CA GLU C 225 12.11 25.44 -24.96
C GLU C 225 12.23 26.85 -25.54
N GLN C 226 13.38 27.18 -26.11
CA GLN C 226 13.56 28.47 -26.75
C GLN C 226 12.80 28.62 -28.08
N GLU C 227 12.74 27.56 -28.88
CA GLU C 227 11.91 27.60 -30.09
C GLU C 227 10.43 27.62 -29.74
N MET C 228 10.03 26.89 -28.69
CA MET C 228 8.63 26.94 -28.26
C MET C 228 8.22 28.37 -27.91
N ALA C 229 9.09 29.07 -27.17
CA ALA C 229 8.88 30.49 -26.82
C ALA C 229 8.72 31.37 -28.06
N THR C 230 9.58 31.15 -29.04
CA THR C 230 9.51 31.91 -30.28
C THR C 230 8.20 31.66 -31.02
N ALA C 231 7.84 30.39 -31.16
CA ALA C 231 6.58 29.96 -31.77
C ALA C 231 5.31 30.51 -31.09
N ALA C 232 5.37 30.77 -29.79
CA ALA C 232 4.23 31.33 -29.05
C ALA C 232 4.21 32.86 -29.11
N ALA C 233 5.39 33.48 -29.06
CA ALA C 233 5.51 34.95 -29.08
C ALA C 233 5.00 35.58 -30.40
N SER C 234 5.22 34.87 -31.51
CA SER C 234 5.07 35.43 -32.84
C SER C 234 4.69 34.34 -33.80
N THR C 235 4.45 34.72 -35.05
CA THR C 235 4.09 33.80 -36.11
C THR C 235 5.25 33.51 -37.09
N SER C 236 6.47 33.84 -36.69
CA SER C 236 7.62 33.82 -37.56
C SER C 236 8.24 32.44 -37.77
N LEU C 237 7.65 31.37 -37.26
CA LEU C 237 8.04 30.01 -37.67
C LEU C 237 6.99 29.33 -38.51
N GLU C 238 5.88 29.99 -38.77
CA GLU C 238 4.85 29.34 -39.53
C GLU C 238 5.35 29.19 -40.98
N LYS C 239 4.92 28.13 -41.66
CA LYS C 239 5.35 27.83 -43.02
C LYS C 239 4.28 27.03 -43.74
N SER C 240 3.98 27.38 -44.99
CA SER C 240 2.84 26.78 -45.69
C SER C 240 3.20 25.67 -46.65
N TYR C 241 2.25 24.76 -46.85
CA TYR C 241 2.44 23.58 -47.70
C TYR C 241 1.28 23.42 -48.66
N GLU C 242 1.57 23.11 -49.92
CA GLU C 242 0.52 22.88 -50.89
C GLU C 242 0.27 21.38 -51.07
N LEU C 243 -0.93 20.93 -50.70
CA LEU C 243 -1.37 19.56 -50.93
C LEU C 243 -1.45 19.25 -52.42
N PRO C 244 -1.41 17.94 -52.80
CA PRO C 244 -1.52 17.61 -54.22
C PRO C 244 -2.79 18.13 -54.91
N ASP C 245 -3.89 18.29 -54.20
CA ASP C 245 -5.12 18.87 -54.79
C ASP C 245 -5.15 20.40 -54.84
N GLY C 246 -4.05 21.07 -54.49
CA GLY C 246 -3.98 22.53 -54.52
C GLY C 246 -4.31 23.25 -53.22
N GLN C 247 -4.94 22.57 -52.27
CA GLN C 247 -5.22 23.20 -50.98
C GLN C 247 -3.94 23.56 -50.30
N VAL C 248 -4.00 24.59 -49.45
CA VAL C 248 -2.83 25.05 -48.70
C VAL C 248 -3.05 25.10 -47.19
N ILE C 249 -2.13 24.50 -46.45
CA ILE C 249 -2.14 24.47 -45.00
C ILE C 249 -0.90 25.21 -44.46
N ALA C 250 -1.01 25.82 -43.27
CA ALA C 250 0.10 26.52 -42.59
C ALA C 250 0.33 25.77 -41.28
N ILE C 251 1.60 25.51 -40.94
CA ILE C 251 1.94 24.85 -39.65
C ILE C 251 3.13 25.54 -38.96
N GLY C 252 3.19 25.37 -37.64
CA GLY C 252 4.06 26.15 -36.78
C GLY C 252 4.95 25.31 -35.90
N ASN C 253 4.68 25.25 -34.59
CA ASN C 253 5.57 24.49 -33.71
C ASN C 253 5.59 22.96 -33.95
N GLU C 254 4.60 22.45 -34.67
CA GLU C 254 4.58 21.06 -35.15
C GLU C 254 5.87 20.70 -35.93
N ARG C 255 6.43 21.70 -36.62
CA ARG C 255 7.66 21.58 -37.40
C ARG C 255 8.78 21.01 -36.55
N PHE C 256 9.00 21.57 -35.37
CA PHE C 256 10.11 21.09 -34.52
C PHE C 256 9.69 20.15 -33.37
N ARG C 257 8.39 20.07 -33.12
CA ARG C 257 7.84 19.21 -32.06
C ARG C 257 7.79 17.74 -32.47
N CYS C 258 7.49 17.49 -33.73
CA CYS C 258 7.48 16.13 -34.26
C CYS C 258 8.82 15.36 -34.07
N PRO C 259 9.93 15.83 -34.68
CA PRO C 259 11.21 15.17 -34.44
C PRO C 259 11.78 15.30 -33.03
N GLU C 260 11.29 16.24 -32.21
CA GLU C 260 11.71 16.30 -30.79
C GLU C 260 11.39 15.02 -30.07
N ALA C 261 10.35 14.32 -30.53
CA ALA C 261 9.98 13.00 -30.01
C ALA C 261 11.11 11.96 -29.97
N LEU C 262 12.08 12.10 -30.89
CA LEU C 262 13.31 11.29 -30.93
C LEU C 262 14.16 11.43 -29.68
N PHE C 263 14.16 12.65 -29.14
CA PHE C 263 14.85 12.97 -27.90
C PHE C 263 13.93 12.89 -26.69
N GLN C 264 12.62 12.96 -26.89
CA GLN C 264 11.64 12.86 -25.81
C GLN C 264 10.50 11.88 -26.16
N PRO C 265 10.76 10.58 -26.07
CA PRO C 265 9.74 9.58 -26.38
C PRO C 265 8.38 9.70 -25.63
N SER C 266 8.37 10.34 -24.46
CA SER C 266 7.09 10.66 -23.78
C SER C 266 6.07 11.35 -24.70
N PHE C 267 6.53 12.19 -25.62
CA PHE C 267 5.65 12.81 -26.63
C PHE C 267 4.85 11.75 -27.40
N LEU C 268 5.43 10.56 -27.56
CA LEU C 268 4.75 9.41 -28.20
C LEU C 268 4.13 8.45 -27.20
N GLY C 269 3.98 8.85 -25.95
CA GLY C 269 3.50 7.97 -24.92
C GLY C 269 4.46 6.87 -24.51
N MET C 270 5.73 6.99 -24.89
CA MET C 270 6.73 5.96 -24.56
C MET C 270 7.53 6.33 -23.32
N GLU C 271 7.67 5.35 -22.42
CA GLU C 271 8.45 5.51 -21.20
C GLU C 271 9.85 4.98 -21.50
N SER C 272 10.63 5.75 -22.27
CA SER C 272 11.89 5.28 -22.85
C SER C 272 12.85 6.39 -23.14
N CYS C 273 14.12 6.01 -23.34
CA CYS C 273 15.21 6.95 -23.55
C CYS C 273 15.23 7.42 -24.99
N GLY C 274 15.63 8.67 -25.20
CA GLY C 274 15.76 9.19 -26.54
C GLY C 274 16.97 8.59 -27.22
N ILE C 275 17.15 8.92 -28.50
CA ILE C 275 18.27 8.42 -29.28
C ILE C 275 19.63 8.83 -28.69
N HIS C 276 19.75 10.08 -28.26
CA HIS C 276 20.95 10.59 -27.59
C HIS C 276 21.36 9.75 -26.36
N GLU C 277 20.39 9.29 -25.59
CA GLU C 277 20.67 8.59 -24.34
C GLU C 277 20.79 7.10 -24.56
N THR C 278 20.00 6.58 -25.48
CA THR C 278 20.16 5.21 -26.02
C THR C 278 21.61 5.02 -26.56
N VAL C 279 22.11 6.00 -27.32
CA VAL C 279 23.50 5.98 -27.87
C VAL C 279 24.52 5.95 -26.75
N TYR C 280 24.37 6.85 -25.78
CA TYR C 280 25.22 6.90 -24.58
C TYR C 280 25.28 5.55 -23.87
N ASN C 281 24.12 4.91 -23.71
CA ASN C 281 24.03 3.63 -23.01
C ASN C 281 24.71 2.49 -23.74
N SER C 282 24.63 2.49 -25.07
CA SER C 282 25.34 1.48 -25.87
C SER C 282 26.85 1.59 -25.68
N ILE C 283 27.34 2.82 -25.72
CA ILE C 283 28.75 3.10 -25.49
C ILE C 283 29.18 2.59 -24.09
N MET C 284 28.35 2.83 -23.09
CA MET C 284 28.65 2.45 -21.71
C MET C 284 28.65 0.94 -21.47
N LYS C 285 27.88 0.21 -22.27
CA LYS C 285 27.91 -1.26 -22.24
C LYS C 285 29.17 -1.86 -22.89
N CYS C 286 29.94 -1.04 -23.60
CA CYS C 286 31.24 -1.45 -24.15
C CYS C 286 32.37 -1.22 -23.17
N ASP C 287 33.47 -1.93 -23.39
CA ASP C 287 34.67 -1.83 -22.56
C ASP C 287 35.19 -0.40 -22.56
N VAL C 288 35.60 0.09 -21.39
CA VAL C 288 36.11 1.48 -21.21
C VAL C 288 37.16 1.81 -22.27
N ASP C 289 38.06 0.86 -22.51
CA ASP C 289 39.17 1.05 -23.44
C ASP C 289 38.79 1.46 -24.87
N ILE C 290 37.60 1.07 -25.35
CA ILE C 290 37.17 1.39 -26.72
C ILE C 290 36.16 2.55 -26.80
N ARG C 291 35.76 3.15 -25.67
CA ARG C 291 34.72 4.18 -25.68
C ARG C 291 35.10 5.48 -26.35
N LYS C 292 36.27 6.01 -26.01
CA LYS C 292 36.81 7.22 -26.66
C LYS C 292 36.59 7.20 -28.17
N ASP C 293 36.94 6.08 -28.80
CA ASP C 293 36.79 5.88 -30.27
C ASP C 293 35.35 5.82 -30.75
N LEU C 294 34.48 5.21 -29.96
CA LEU C 294 33.06 5.20 -30.29
C LEU C 294 32.49 6.63 -30.23
N TYR C 295 32.82 7.36 -29.17
CA TYR C 295 32.39 8.75 -29.01
C TYR C 295 32.84 9.68 -30.16
N ALA C 296 34.05 9.44 -30.67
CA ALA C 296 34.63 10.22 -31.78
C ALA C 296 34.25 9.68 -33.17
N ASN C 297 33.51 8.57 -33.23
CA ASN C 297 33.05 7.99 -34.50
C ASN C 297 31.60 7.52 -34.38
N THR C 298 30.78 8.47 -33.95
CA THR C 298 29.34 8.29 -33.91
C THR C 298 28.82 8.66 -35.29
N VAL C 299 28.34 7.66 -36.02
CA VAL C 299 27.92 7.81 -37.40
C VAL C 299 26.44 7.60 -37.39
N MET C 300 25.74 8.35 -38.25
CA MET C 300 24.31 8.30 -38.27
C MET C 300 23.77 8.01 -39.63
N SER C 301 22.72 7.19 -39.63
CA SER C 301 22.30 6.43 -40.80
C SER C 301 20.79 6.28 -40.82
N GLY C 302 20.21 6.28 -42.02
CA GLY C 302 18.77 6.08 -42.22
C GLY C 302 18.03 7.39 -42.43
N GLY C 303 16.85 7.32 -43.06
CA GLY C 303 16.04 8.51 -43.38
C GLY C 303 15.55 9.34 -42.19
N THR C 304 15.32 8.69 -41.07
CA THR C 304 14.90 9.39 -39.86
C THR C 304 16.04 10.16 -39.16
N THR C 305 17.27 10.04 -39.66
CA THR C 305 18.33 10.90 -39.19
C THR C 305 18.57 12.07 -40.16
N MET C 306 17.64 12.32 -41.07
CA MET C 306 17.82 13.36 -42.10
C MET C 306 17.34 14.75 -41.70
N TYR C 307 16.83 14.92 -40.48
CA TYR C 307 16.28 16.21 -40.02
C TYR C 307 17.37 17.26 -39.95
N PRO C 308 17.14 18.42 -40.56
CA PRO C 308 18.03 19.54 -40.33
C PRO C 308 18.16 19.78 -38.84
N GLY C 309 19.36 20.07 -38.38
CA GLY C 309 19.63 20.30 -36.95
C GLY C 309 19.82 19.11 -36.02
N ILE C 310 19.65 17.88 -36.51
CA ILE C 310 19.78 16.67 -35.68
C ILE C 310 21.24 16.38 -35.25
N ALA C 311 22.19 16.63 -36.14
CA ALA C 311 23.59 16.37 -35.84
C ALA C 311 24.10 17.26 -34.70
N ASP C 312 23.74 18.55 -34.72
CA ASP C 312 24.14 19.48 -33.68
C ASP C 312 23.49 19.14 -32.36
N ARG C 313 22.25 18.69 -32.42
CA ARG C 313 21.52 18.32 -31.21
C ARG C 313 22.12 17.06 -30.53
N MET C 314 22.49 16.06 -31.32
CA MET C 314 23.15 14.87 -30.79
C MET C 314 24.50 15.20 -30.19
N GLN C 315 25.23 16.11 -30.84
CA GLN C 315 26.48 16.66 -30.32
C GLN C 315 26.30 17.33 -28.94
N LYS C 316 25.32 18.25 -28.86
CA LYS C 316 24.96 18.92 -27.60
C LYS C 316 24.57 17.92 -26.53
N GLU C 317 23.62 17.05 -26.88
CA GLU C 317 23.00 16.15 -25.93
C GLU C 317 23.94 15.06 -25.39
N ILE C 318 24.78 14.50 -26.26
CA ILE C 318 25.75 13.49 -25.84
C ILE C 318 26.89 14.15 -25.05
N THR C 319 27.38 15.32 -25.47
CA THR C 319 28.42 16.00 -24.66
C THR C 319 27.90 16.31 -23.24
N ALA C 320 26.59 16.53 -23.08
CA ALA C 320 25.98 16.70 -21.75
C ALA C 320 26.08 15.46 -20.87
N LEU C 321 25.99 14.25 -21.44
CA LEU C 321 26.06 13.00 -20.64
C LEU C 321 27.44 12.41 -20.49
N ALA C 322 28.32 12.66 -21.45
CA ALA C 322 29.65 12.04 -21.45
C ALA C 322 30.63 12.78 -20.55
N PRO C 323 31.66 12.08 -20.06
CA PRO C 323 32.75 12.77 -19.36
C PRO C 323 33.27 13.97 -20.16
N SER C 324 33.65 15.04 -19.47
CA SER C 324 34.03 16.28 -20.13
C SER C 324 35.37 16.17 -20.86
N THR C 325 36.22 15.25 -20.43
CA THR C 325 37.44 14.94 -21.17
C THR C 325 37.19 14.45 -22.62
N ILE C 326 36.14 13.66 -22.84
CA ILE C 326 35.96 12.91 -24.10
C ILE C 326 35.52 13.87 -25.22
N LYS C 327 35.92 13.55 -26.45
CA LYS C 327 35.57 14.30 -27.64
C LYS C 327 34.47 13.55 -28.32
N THR C 328 33.34 14.22 -28.49
CA THR C 328 32.18 13.69 -29.15
C THR C 328 32.13 14.27 -30.59
N LYS C 329 32.30 13.40 -31.58
CA LYS C 329 32.28 13.79 -33.00
C LYS C 329 31.20 13.00 -33.73
N ILE C 330 30.20 13.71 -34.26
CA ILE C 330 29.08 13.12 -35.04
C ILE C 330 29.41 13.21 -36.53
N ILE C 331 29.19 12.11 -37.26
CA ILE C 331 29.34 12.06 -38.70
C ILE C 331 27.95 11.86 -39.26
N ALA C 332 27.61 12.61 -40.31
CA ALA C 332 26.24 12.66 -40.84
C ALA C 332 26.33 12.83 -42.34
N PRO C 333 26.60 11.72 -43.06
CA PRO C 333 26.78 11.89 -44.50
C PRO C 333 25.58 12.53 -45.18
N PRO C 334 25.81 13.38 -46.19
CA PRO C 334 24.68 14.03 -46.89
C PRO C 334 23.53 13.10 -47.32
N GLU C 335 23.88 11.97 -47.91
CA GLU C 335 22.93 11.07 -48.57
C GLU C 335 22.69 9.82 -47.73
N ARG C 336 22.53 10.02 -46.42
CA ARG C 336 22.61 8.90 -45.48
C ARG C 336 21.35 8.01 -45.38
N LYS C 337 20.28 8.35 -46.09
CA LYS C 337 19.16 7.41 -46.22
C LYS C 337 19.53 6.17 -47.05
N TYR C 338 20.60 6.25 -47.85
CA TYR C 338 21.16 5.12 -48.63
C TYR C 338 22.54 4.61 -48.16
N SER C 339 22.97 4.99 -46.95
CA SER C 339 24.29 4.59 -46.45
C SER C 339 24.45 3.07 -46.44
N VAL C 340 23.43 2.36 -45.97
CA VAL C 340 23.41 0.89 -45.91
C VAL C 340 23.60 0.28 -47.29
N TRP C 341 22.85 0.79 -48.26
CA TRP C 341 23.00 0.33 -49.64
C TRP C 341 24.42 0.63 -50.21
N ILE C 342 24.89 1.86 -50.01
CA ILE C 342 26.24 2.22 -50.48
C ILE C 342 27.32 1.30 -49.89
N GLY C 343 27.20 1.00 -48.59
CA GLY C 343 28.08 0.04 -47.93
C GLY C 343 28.09 -1.30 -48.64
N GLY C 344 26.89 -1.79 -48.97
CA GLY C 344 26.74 -3.07 -49.68
C GLY C 344 27.35 -3.03 -51.06
N SER C 345 27.15 -1.92 -51.78
CA SER C 345 27.76 -1.73 -53.10
C SER C 345 29.29 -1.72 -53.05
N ILE C 346 29.84 -1.10 -52.02
CA ILE C 346 31.29 -1.16 -51.78
C ILE C 346 31.76 -2.59 -51.54
N LEU C 347 31.08 -3.31 -50.65
CA LEU C 347 31.52 -4.61 -50.18
C LEU C 347 31.47 -5.69 -51.27
N ALA C 348 30.34 -5.73 -51.99
CA ALA C 348 30.17 -6.68 -53.09
C ALA C 348 31.18 -6.42 -54.19
N SER C 349 31.46 -5.15 -54.44
CA SER C 349 32.41 -4.72 -55.46
C SER C 349 33.89 -5.00 -55.13
N LEU C 350 34.23 -5.16 -53.85
CA LEU C 350 35.61 -5.51 -53.45
C LEU C 350 36.02 -6.83 -54.09
N SER C 351 37.30 -6.93 -54.44
CA SER C 351 37.84 -8.11 -55.10
C SER C 351 38.12 -9.22 -54.07
N THR C 352 38.65 -8.83 -52.91
CA THR C 352 38.78 -9.69 -51.73
C THR C 352 37.52 -10.44 -51.34
N PHE C 353 36.37 -9.79 -51.50
CA PHE C 353 35.08 -10.33 -51.06
C PHE C 353 34.60 -11.55 -51.85
N GLN C 354 35.01 -11.71 -53.10
CA GLN C 354 34.45 -12.78 -53.97
C GLN C 354 34.63 -14.19 -53.39
N GLN C 355 35.57 -14.35 -52.44
CA GLN C 355 35.73 -15.62 -51.72
C GLN C 355 34.63 -15.84 -50.67
N MET C 356 34.03 -14.74 -50.16
CA MET C 356 33.07 -14.78 -49.03
C MET C 356 31.67 -15.31 -49.37
N TRP C 357 31.25 -15.18 -50.62
CA TRP C 357 29.90 -15.58 -51.03
C TRP C 357 29.62 -17.04 -50.64
N ILE C 358 28.37 -17.30 -50.21
CA ILE C 358 27.87 -18.67 -50.15
C ILE C 358 27.48 -19.02 -51.57
N SER C 359 28.06 -20.08 -52.12
CA SER C 359 27.75 -20.53 -53.50
C SER C 359 26.59 -21.54 -53.54
N LYS C 360 26.03 -21.72 -54.72
CA LYS C 360 24.90 -22.63 -54.93
C LYS C 360 25.31 -24.04 -54.59
N GLU C 361 26.58 -24.35 -54.88
CA GLU C 361 27.17 -25.65 -54.56
C GLU C 361 27.18 -25.86 -53.05
N GLU C 362 27.62 -24.84 -52.29
CA GLU C 362 27.67 -24.94 -50.84
C GLU C 362 26.29 -25.17 -50.20
N TYR C 363 25.27 -24.47 -50.72
CA TYR C 363 23.89 -24.64 -50.25
C TYR C 363 23.26 -25.98 -50.67
N ASP C 364 23.53 -26.42 -51.90
CA ASP C 364 23.03 -27.73 -52.35
C ASP C 364 23.64 -28.86 -51.53
N GLU C 365 24.84 -28.63 -51.00
CA GLU C 365 25.60 -29.60 -50.20
C GLU C 365 25.34 -29.53 -48.68
N SER C 366 25.05 -28.35 -48.15
CA SER C 366 24.70 -28.15 -46.73
C SER C 366 23.39 -27.38 -46.78
N GLY C 367 22.51 -27.51 -45.79
CA GLY C 367 21.20 -26.88 -45.88
C GLY C 367 21.20 -25.36 -45.74
N PRO C 368 20.03 -24.79 -45.47
CA PRO C 368 19.92 -23.40 -45.01
C PRO C 368 20.84 -23.06 -43.82
N GLY C 369 21.15 -24.07 -42.99
CA GLY C 369 22.04 -23.93 -41.83
C GLY C 369 23.39 -23.30 -42.12
N ILE C 370 23.88 -23.48 -43.33
CA ILE C 370 25.20 -22.96 -43.76
C ILE C 370 25.47 -21.48 -43.50
N VAL C 371 24.43 -20.65 -43.61
CA VAL C 371 24.57 -19.19 -43.47
C VAL C 371 25.37 -18.73 -42.23
N HIS C 372 25.24 -19.46 -41.13
CA HIS C 372 25.88 -19.06 -39.86
C HIS C 372 27.39 -19.29 -39.89
N ARG C 373 27.84 -20.25 -40.68
CA ARG C 373 29.28 -20.50 -40.88
C ARG C 373 29.97 -19.38 -41.68
N LYS C 374 29.29 -18.89 -42.72
CA LYS C 374 29.90 -17.94 -43.65
C LYS C 374 29.65 -16.46 -43.30
N CYS C 375 28.57 -16.16 -42.59
CA CYS C 375 28.17 -14.78 -42.30
C CYS C 375 28.15 -14.53 -40.79
N LYS D 22 -41.79 -6.42 3.14
CA LYS D 22 -40.99 -7.12 2.09
C LYS D 22 -40.63 -6.20 0.91
N PRO D 23 -39.35 -5.78 0.81
CA PRO D 23 -39.00 -4.75 -0.18
C PRO D 23 -39.07 -5.24 -1.63
N GLN D 24 -39.00 -4.31 -2.57
CA GLN D 24 -39.22 -4.61 -4.01
C GLN D 24 -38.08 -5.46 -4.60
N THR D 25 -36.93 -5.43 -3.94
CA THR D 25 -35.82 -6.34 -4.24
C THR D 25 -36.10 -7.82 -3.94
N GLU D 26 -37.15 -8.13 -3.18
CA GLU D 26 -37.56 -9.52 -2.93
C GLU D 26 -38.78 -10.02 -3.74
N LEU D 27 -39.43 -9.14 -4.50
CA LEU D 27 -40.63 -9.51 -5.24
C LEU D 27 -40.30 -10.12 -6.61
N PRO D 28 -41.13 -11.07 -7.09
CA PRO D 28 -40.92 -11.72 -8.37
C PRO D 28 -41.26 -10.87 -9.62
N LEU D 29 -40.87 -11.40 -10.78
CA LEU D 29 -41.22 -10.86 -12.10
C LEU D 29 -42.10 -11.87 -12.85
N GLY D 30 -42.87 -11.37 -13.80
CA GLY D 30 -43.75 -12.21 -14.64
C GLY D 30 -43.67 -11.79 -16.09
N TRP D 31 -44.41 -12.49 -16.96
CA TRP D 31 -44.51 -12.17 -18.38
C TRP D 31 -45.87 -11.55 -18.70
N LYS D 32 -45.87 -10.48 -19.50
CA LYS D 32 -47.07 -10.00 -20.16
C LYS D 32 -47.00 -10.67 -21.52
N GLY D 33 -47.96 -11.51 -21.86
CA GLY D 33 -47.87 -12.30 -23.09
C GLY D 33 -46.65 -13.21 -23.26
N LYS D 34 -46.62 -13.92 -24.38
CA LYS D 34 -45.64 -15.00 -24.63
C LYS D 34 -44.27 -14.37 -24.93
N PRO D 35 -43.18 -14.76 -24.20
CA PRO D 35 -41.85 -14.23 -24.54
C PRO D 35 -41.27 -14.84 -25.81
N LEU D 36 -40.14 -14.29 -26.25
CA LEU D 36 -39.48 -14.74 -27.47
C LEU D 36 -38.67 -16.01 -27.22
N SER D 37 -38.52 -16.84 -28.25
CA SER D 37 -37.73 -18.06 -28.13
C SER D 37 -36.29 -17.66 -27.82
N GLY D 38 -35.68 -18.36 -26.88
CA GLY D 38 -34.38 -17.98 -26.30
C GLY D 38 -34.48 -17.15 -25.01
N ALA D 39 -35.69 -16.81 -24.58
CA ALA D 39 -35.89 -16.04 -23.36
C ALA D 39 -35.51 -16.87 -22.14
N PRO D 40 -34.94 -16.25 -21.12
CA PRO D 40 -34.61 -17.01 -19.92
C PRO D 40 -35.85 -17.36 -19.10
N ASP D 41 -35.67 -18.28 -18.16
CA ASP D 41 -36.66 -18.53 -17.13
C ASP D 41 -36.57 -17.38 -16.13
N LEU D 42 -37.73 -16.89 -15.68
CA LEU D 42 -37.79 -15.77 -14.74
C LEU D 42 -37.74 -16.20 -13.27
N GLU D 43 -38.06 -17.47 -12.97
CA GLU D 43 -38.01 -17.96 -11.58
C GLU D 43 -36.69 -17.59 -10.91
N GLY D 44 -36.76 -16.94 -9.75
CA GLY D 44 -35.57 -16.51 -9.03
C GLY D 44 -35.08 -15.10 -9.29
N MET D 45 -35.38 -14.54 -10.48
CA MET D 45 -34.92 -13.19 -10.83
C MET D 45 -35.49 -12.11 -9.92
N ARG D 46 -34.64 -11.13 -9.58
CA ARG D 46 -34.98 -10.05 -8.66
C ARG D 46 -34.39 -8.72 -9.13
N VAL D 47 -35.03 -7.62 -8.78
CA VAL D 47 -34.53 -6.29 -9.08
C VAL D 47 -33.36 -5.96 -8.16
N ALA D 48 -32.28 -5.45 -8.73
CA ALA D 48 -31.09 -5.07 -7.96
C ALA D 48 -31.09 -3.56 -7.71
N GLU D 49 -31.14 -2.77 -8.78
CA GLU D 49 -31.20 -1.30 -8.71
C GLU D 49 -32.03 -0.73 -9.85
N THR D 50 -32.36 0.56 -9.79
CA THR D 50 -32.94 1.29 -10.94
C THR D 50 -32.20 2.60 -11.24
N ASP D 51 -31.58 2.66 -12.42
CA ASP D 51 -30.58 3.68 -12.78
C ASP D 51 -31.24 4.98 -13.34
N LYS D 52 -30.51 6.10 -13.19
CA LYS D 52 -31.03 7.45 -13.49
C LYS D 52 -30.84 7.83 -14.97
N GLU D 57 -35.78 11.01 -20.19
CA GLU D 57 -35.38 9.71 -19.67
C GLU D 57 -36.59 8.82 -19.37
N SER D 58 -36.34 7.52 -19.32
CA SER D 58 -37.27 6.53 -18.74
C SER D 58 -36.48 5.70 -17.75
N HIS D 59 -37.14 5.07 -16.78
CA HIS D 59 -36.42 4.37 -15.71
C HIS D 59 -36.01 2.96 -16.13
N ILE D 60 -34.71 2.67 -15.99
CA ILE D 60 -34.16 1.38 -16.31
C ILE D 60 -33.71 0.72 -15.05
N SER D 61 -34.20 -0.48 -14.80
CA SER D 61 -33.77 -1.26 -13.65
C SER D 61 -32.97 -2.47 -14.08
N ILE D 62 -32.01 -2.85 -13.26
CA ILE D 62 -31.15 -4.00 -13.52
C ILE D 62 -31.77 -5.19 -12.84
N ILE D 63 -31.98 -6.28 -13.59
CA ILE D 63 -32.51 -7.52 -13.03
C ILE D 63 -31.34 -8.50 -12.82
N GLU D 64 -31.08 -8.83 -11.56
CA GLU D 64 -30.10 -9.84 -11.19
C GLU D 64 -30.81 -11.19 -11.23
N THR D 65 -30.31 -12.13 -12.03
CA THR D 65 -30.85 -13.51 -11.99
C THR D 65 -30.06 -14.28 -10.91
N LYS D 66 -30.61 -15.41 -10.46
CA LYS D 66 -29.89 -16.35 -9.58
C LYS D 66 -28.51 -16.70 -10.16
N ASP D 67 -28.47 -17.02 -11.46
CA ASP D 67 -27.23 -17.15 -12.27
C ASP D 67 -26.34 -15.89 -12.32
N LYS D 68 -26.99 -14.72 -12.37
CA LYS D 68 -26.39 -13.40 -12.69
C LYS D 68 -25.87 -13.30 -14.15
N GLN D 69 -26.77 -12.94 -15.07
CA GLN D 69 -26.45 -12.82 -16.53
C GLN D 69 -25.93 -11.47 -17.12
N ARG D 70 -26.44 -10.25 -16.84
CA ARG D 70 -27.64 -9.87 -16.09
C ARG D 70 -28.58 -9.20 -17.10
N LEU D 71 -29.76 -8.72 -16.69
CA LEU D 71 -30.79 -8.20 -17.59
C LEU D 71 -31.16 -6.73 -17.29
N VAL D 72 -31.67 -6.05 -18.31
CA VAL D 72 -32.20 -4.70 -18.17
C VAL D 72 -33.71 -4.77 -18.35
N ALA D 73 -34.42 -4.04 -17.50
CA ALA D 73 -35.86 -3.88 -17.63
C ALA D 73 -36.14 -2.42 -17.88
N LYS D 74 -36.51 -2.10 -19.11
CA LYS D 74 -36.93 -0.76 -19.49
C LYS D 74 -38.40 -0.56 -19.11
N ILE D 75 -38.65 0.16 -18.01
CA ILE D 75 -40.02 0.43 -17.53
C ILE D 75 -40.70 1.51 -18.36
N GLU D 76 -41.98 1.29 -18.65
CA GLU D 76 -42.84 2.24 -19.36
C GLU D 76 -42.95 3.56 -18.61
N ARG D 77 -43.03 4.66 -19.35
CA ARG D 77 -43.41 5.94 -18.75
C ARG D 77 -44.77 5.77 -18.04
N SER D 78 -45.02 6.54 -16.98
CA SER D 78 -46.35 6.54 -16.31
C SER D 78 -47.47 7.14 -17.19
N ILE D 79 -47.07 7.90 -18.21
CA ILE D 79 -47.93 8.21 -19.36
C ILE D 79 -47.93 6.90 -20.20
N ALA D 80 -49.08 6.48 -20.71
CA ALA D 80 -49.18 5.23 -21.51
C ALA D 80 -49.68 5.45 -22.94
N GLU D 81 -48.77 5.81 -23.87
CA GLU D 81 -49.07 5.89 -25.32
C GLU D 81 -48.68 4.64 -26.11
N GLY D 82 -48.28 3.57 -25.41
CA GLY D 82 -47.89 2.30 -26.05
C GLY D 82 -46.62 2.34 -26.88
N HIS D 83 -45.73 3.30 -26.59
CA HIS D 83 -44.42 3.39 -27.25
C HIS D 83 -43.59 2.14 -26.96
N LEU D 84 -43.73 1.61 -25.75
CA LEU D 84 -42.97 0.45 -25.31
C LEU D 84 -43.41 -0.85 -25.96
N PHE D 85 -44.72 -1.07 -26.07
CA PHE D 85 -45.22 -2.30 -26.72
C PHE D 85 -44.87 -2.36 -28.20
N ALA D 86 -44.91 -1.22 -28.88
CA ALA D 86 -44.52 -1.14 -30.28
C ALA D 86 -43.00 -1.34 -30.47
N GLU D 87 -42.20 -0.88 -29.51
CA GLU D 87 -40.76 -1.16 -29.51
C GLU D 87 -40.47 -2.67 -29.50
N LEU D 88 -41.20 -3.42 -28.67
CA LEU D 88 -41.07 -4.86 -28.66
C LEU D 88 -41.39 -5.46 -30.01
N GLU D 89 -42.50 -5.00 -30.61
CA GLU D 89 -42.95 -5.50 -31.91
C GLU D 89 -41.98 -5.18 -33.06
N ALA D 90 -41.27 -4.06 -32.95
CA ALA D 90 -40.16 -3.75 -33.83
C ALA D 90 -39.02 -4.78 -33.71
N TYR D 91 -38.50 -4.96 -32.49
CA TYR D 91 -37.48 -5.98 -32.24
C TYR D 91 -37.91 -7.36 -32.77
N LYS D 92 -39.12 -7.79 -32.41
CA LYS D 92 -39.72 -9.05 -32.91
C LYS D 92 -39.62 -9.17 -34.42
N HIS D 93 -40.09 -8.13 -35.11
CA HIS D 93 -40.14 -8.07 -36.57
C HIS D 93 -38.78 -8.07 -37.24
N ILE D 94 -37.83 -7.34 -36.66
CA ILE D 94 -36.44 -7.37 -37.15
C ILE D 94 -35.86 -8.78 -37.01
N TYR D 95 -36.11 -9.43 -35.88
CA TYR D 95 -35.59 -10.79 -35.68
C TYR D 95 -36.17 -11.75 -36.73
N LYS D 96 -37.46 -11.67 -36.97
CA LYS D 96 -38.11 -12.56 -37.94
C LYS D 96 -37.69 -12.24 -39.40
N THR D 97 -37.60 -10.96 -39.76
CA THR D 97 -37.32 -10.58 -41.16
C THR D 97 -35.82 -10.56 -41.49
N ALA D 98 -35.02 -9.89 -40.67
CA ALA D 98 -33.58 -9.75 -40.93
C ALA D 98 -32.70 -10.67 -40.12
N GLY D 99 -33.22 -11.25 -39.05
CA GLY D 99 -32.41 -12.04 -38.13
C GLY D 99 -31.91 -11.19 -36.99
N LYS D 100 -31.31 -11.85 -36.00
CA LYS D 100 -30.62 -11.15 -34.93
C LYS D 100 -29.35 -10.55 -35.45
N HIS D 101 -28.68 -9.76 -34.63
CA HIS D 101 -27.50 -9.04 -35.07
C HIS D 101 -26.73 -8.65 -33.83
N PRO D 102 -25.41 -8.97 -33.77
CA PRO D 102 -24.65 -8.75 -32.52
C PRO D 102 -24.61 -7.31 -32.03
N ASN D 103 -24.52 -6.38 -32.98
CA ASN D 103 -24.62 -4.93 -32.69
C ASN D 103 -26.04 -4.33 -32.53
N LEU D 104 -27.06 -5.16 -32.33
CA LEU D 104 -28.39 -4.69 -32.00
C LEU D 104 -28.76 -5.34 -30.68
N ALA D 105 -29.60 -4.68 -29.90
CA ALA D 105 -30.01 -5.19 -28.59
C ALA D 105 -30.63 -6.56 -28.74
N ASN D 106 -30.47 -7.39 -27.71
CA ASN D 106 -31.10 -8.70 -27.64
C ASN D 106 -32.24 -8.69 -26.62
N VAL D 107 -33.48 -8.59 -27.11
CA VAL D 107 -34.68 -8.41 -26.24
C VAL D 107 -35.45 -9.74 -26.10
N HIS D 108 -36.04 -9.96 -24.92
CA HIS D 108 -36.71 -11.24 -24.60
C HIS D 108 -38.24 -11.22 -24.55
N GLY D 109 -38.84 -10.05 -24.29
CA GLY D 109 -40.29 -9.92 -24.23
C GLY D 109 -40.72 -8.86 -23.25
N MET D 110 -42.02 -8.82 -22.98
CA MET D 110 -42.58 -7.84 -22.08
C MET D 110 -42.82 -8.48 -20.75
N ALA D 111 -42.17 -7.96 -19.72
CA ALA D 111 -42.35 -8.46 -18.35
C ALA D 111 -43.20 -7.52 -17.52
N VAL D 112 -43.62 -8.02 -16.35
CA VAL D 112 -44.18 -7.18 -15.29
C VAL D 112 -43.20 -7.21 -14.13
N VAL D 113 -42.68 -6.03 -13.76
CA VAL D 113 -41.63 -5.88 -12.75
C VAL D 113 -42.05 -4.93 -11.64
N PRO D 114 -41.58 -5.20 -10.41
CA PRO D 114 -41.88 -4.29 -9.32
C PRO D 114 -41.06 -3.01 -9.40
N TYR D 115 -41.75 -1.87 -9.40
CA TYR D 115 -41.10 -0.56 -9.28
C TYR D 115 -42.03 0.44 -8.58
N GLY D 116 -41.50 1.17 -7.61
CA GLY D 116 -42.25 2.21 -6.89
C GLY D 116 -43.60 1.80 -6.32
N ASN D 117 -43.58 0.86 -5.39
CA ASN D 117 -44.79 0.31 -4.74
C ASN D 117 -45.89 -0.24 -5.66
N ARG D 118 -45.56 -0.58 -6.89
CA ARG D 118 -46.52 -1.25 -7.75
C ARG D 118 -45.78 -2.05 -8.85
N TYR D 119 -46.55 -2.78 -9.64
CA TYR D 119 -46.03 -3.44 -10.83
C TYR D 119 -46.23 -2.62 -12.10
N TYR D 120 -45.20 -2.62 -12.96
CA TYR D 120 -45.23 -1.93 -14.26
C TYR D 120 -44.84 -2.88 -15.40
N TYR D 121 -45.30 -2.56 -16.59
CA TYR D 121 -44.79 -3.22 -17.80
C TYR D 121 -43.37 -2.76 -18.05
N ALA D 122 -42.52 -3.70 -18.45
CA ALA D 122 -41.13 -3.42 -18.75
C ALA D 122 -40.60 -4.32 -19.86
N LEU D 123 -39.90 -3.72 -20.80
CA LEU D 123 -39.26 -4.48 -21.87
C LEU D 123 -37.98 -5.12 -21.31
N LEU D 124 -37.87 -6.44 -21.45
CA LEU D 124 -36.78 -7.18 -20.85
C LEU D 124 -35.75 -7.59 -21.92
N MET D 125 -34.47 -7.28 -21.66
CA MET D 125 -33.38 -7.50 -22.63
C MET D 125 -32.02 -7.71 -21.94
N ASP D 126 -31.00 -8.13 -22.69
CA ASP D 126 -29.66 -8.35 -22.14
C ASP D 126 -29.00 -7.01 -21.87
N GLU D 127 -28.25 -6.93 -20.77
CA GLU D 127 -27.50 -5.72 -20.41
C GLU D 127 -26.29 -5.69 -21.30
N VAL D 128 -26.06 -4.58 -21.97
CA VAL D 128 -24.77 -4.35 -22.61
C VAL D 128 -23.89 -3.77 -21.52
N ASP D 129 -23.05 -4.62 -20.95
CA ASP D 129 -22.21 -4.24 -19.82
C ASP D 129 -21.00 -3.47 -20.31
N GLY D 130 -21.02 -2.15 -20.15
CA GLY D 130 -19.93 -1.29 -20.61
C GLY D 130 -20.36 0.15 -20.53
N TRP D 131 -19.94 0.98 -21.48
CA TRP D 131 -20.22 2.42 -21.45
C TRP D 131 -21.04 2.86 -22.62
N ARG D 132 -21.68 4.02 -22.49
CA ARG D 132 -22.46 4.60 -23.59
C ARG D 132 -21.46 5.19 -24.60
N CYS D 133 -21.96 5.44 -25.81
CA CYS D 133 -21.10 5.87 -26.93
C CYS D 133 -20.37 7.19 -26.67
N SER D 134 -21.07 8.12 -26.02
CA SER D 134 -20.48 9.40 -25.63
C SER D 134 -19.28 9.20 -24.70
N ASP D 135 -19.45 8.40 -23.66
CA ASP D 135 -18.35 8.13 -22.73
C ASP D 135 -17.19 7.36 -23.39
N THR D 136 -17.51 6.41 -24.27
CA THR D 136 -16.48 5.61 -24.97
C THR D 136 -15.63 6.49 -25.89
N LEU D 137 -16.28 7.27 -26.74
CA LEU D 137 -15.56 8.10 -27.71
C LEU D 137 -14.78 9.24 -27.08
N ARG D 138 -15.28 9.79 -25.98
CA ARG D 138 -14.54 10.79 -25.24
C ARG D 138 -13.29 10.12 -24.67
N SER D 139 -13.43 8.94 -24.08
CA SER D 139 -12.31 8.20 -23.53
C SER D 139 -11.33 7.76 -24.62
N LEU D 140 -11.83 7.37 -25.78
CA LEU D 140 -10.98 6.94 -26.88
C LEU D 140 -10.10 8.09 -27.36
N ALA D 141 -10.75 9.23 -27.58
CA ALA D 141 -10.08 10.44 -28.04
C ALA D 141 -9.05 10.94 -27.02
N ASP D 142 -9.37 10.78 -25.75
CA ASP D 142 -8.49 11.20 -24.67
C ASP D 142 -7.23 10.31 -24.59
N SER D 143 -7.40 8.99 -24.67
CA SER D 143 -6.23 8.11 -24.65
C SER D 143 -5.29 8.39 -25.83
N TRP D 144 -5.86 8.81 -26.96
CA TRP D 144 -5.09 9.15 -28.13
C TRP D 144 -4.28 10.40 -27.89
N LYS D 145 -4.91 11.40 -27.29
CA LYS D 145 -4.21 12.67 -27.10
C LYS D 145 -3.12 12.52 -26.05
N GLN D 146 -3.38 11.75 -25.01
CA GLN D 146 -2.35 11.42 -24.01
C GLN D 146 -1.27 10.47 -24.52
N GLY D 147 -1.45 9.86 -25.68
CA GLY D 147 -0.42 9.04 -26.28
C GLY D 147 -0.47 7.57 -25.96
N LYS D 148 -1.58 7.12 -25.37
CA LYS D 148 -1.78 5.69 -25.05
C LYS D 148 -2.08 4.83 -26.27
N ILE D 149 -2.62 5.44 -27.31
CA ILE D 149 -2.81 4.77 -28.58
C ILE D 149 -2.41 5.79 -29.65
N ASN D 150 -2.04 5.29 -30.82
CA ASN D 150 -1.61 6.17 -31.90
C ASN D 150 -2.76 6.55 -32.85
N SER D 151 -2.46 7.36 -33.87
CA SER D 151 -3.44 7.83 -34.85
C SER D 151 -4.04 6.72 -35.70
N GLU D 152 -3.22 5.73 -36.07
CA GLU D 152 -3.72 4.58 -36.82
C GLU D 152 -4.82 3.87 -36.04
N ALA D 153 -4.49 3.56 -34.78
CA ALA D 153 -5.41 2.93 -33.82
C ALA D 153 -6.66 3.74 -33.60
N TYR D 154 -6.50 5.03 -33.40
CA TYR D 154 -7.66 5.91 -33.18
C TYR D 154 -8.59 5.88 -34.40
N TRP D 155 -8.08 6.27 -35.56
CA TRP D 155 -8.95 6.42 -36.73
C TRP D 155 -9.41 5.08 -37.28
N GLY D 156 -8.62 4.03 -37.03
CA GLY D 156 -9.02 2.67 -37.34
C GLY D 156 -10.24 2.29 -36.54
N THR D 157 -10.17 2.57 -35.25
CA THR D 157 -11.24 2.21 -34.35
C THR D 157 -12.51 3.02 -34.67
N ILE D 158 -12.36 4.30 -34.97
CA ILE D 158 -13.51 5.10 -35.43
C ILE D 158 -14.17 4.45 -36.65
N LYS D 159 -13.36 4.13 -37.67
CA LYS D 159 -13.88 3.56 -38.93
C LYS D 159 -14.56 2.20 -38.69
N PHE D 160 -13.97 1.42 -37.77
CA PHE D 160 -14.55 0.17 -37.29
C PHE D 160 -15.97 0.36 -36.72
N ILE D 161 -16.13 1.39 -35.90
CA ILE D 161 -17.41 1.70 -35.29
C ILE D 161 -18.42 2.10 -36.36
N ALA D 162 -17.98 2.96 -37.28
CA ALA D 162 -18.87 3.42 -38.36
C ALA D 162 -19.35 2.28 -39.25
N HIS D 163 -18.47 1.30 -39.48
CA HIS D 163 -18.86 0.11 -40.24
C HIS D 163 -19.94 -0.70 -39.52
N ARG D 164 -19.76 -0.88 -38.22
CA ARG D 164 -20.74 -1.60 -37.42
C ARG D 164 -22.10 -0.87 -37.42
N LEU D 165 -22.08 0.44 -37.19
CA LEU D 165 -23.35 1.21 -37.13
C LEU D 165 -24.06 1.22 -38.48
N LEU D 166 -23.31 1.43 -39.54
CA LEU D 166 -23.87 1.37 -40.89
C LEU D 166 -24.31 -0.04 -41.28
N ASP D 167 -23.70 -1.05 -40.68
CA ASP D 167 -24.17 -2.41 -40.90
C ASP D 167 -25.54 -2.65 -40.26
N VAL D 168 -25.75 -2.04 -39.09
CA VAL D 168 -27.03 -2.12 -38.38
C VAL D 168 -28.13 -1.31 -39.08
N THR D 169 -27.84 -0.11 -39.56
CA THR D 169 -28.83 0.64 -40.33
C THR D 169 -29.27 -0.12 -41.58
N ASN D 170 -28.35 -0.88 -42.18
CA ASN D 170 -28.68 -1.76 -43.31
C ASN D 170 -29.54 -2.97 -42.93
N HIS D 171 -29.22 -3.55 -41.77
CA HIS D 171 -29.98 -4.65 -41.18
C HIS D 171 -31.40 -4.26 -40.87
N LEU D 172 -31.60 -3.07 -40.32
CA LEU D 172 -32.95 -2.55 -40.08
C LEU D 172 -33.70 -2.26 -41.38
N ALA D 173 -32.99 -1.75 -42.39
CA ALA D 173 -33.59 -1.49 -43.68
C ALA D 173 -34.17 -2.75 -44.34
N LYS D 174 -33.50 -3.89 -44.13
CA LYS D 174 -34.01 -5.21 -44.57
C LYS D 174 -35.35 -5.56 -43.94
N ALA D 175 -35.50 -5.28 -42.66
CA ALA D 175 -36.78 -5.49 -41.99
C ALA D 175 -37.81 -4.45 -42.37
N GLY D 176 -37.40 -3.36 -43.01
CA GLY D 176 -38.31 -2.27 -43.32
C GLY D 176 -38.63 -1.43 -42.10
N ILE D 177 -37.65 -1.28 -41.22
CA ILE D 177 -37.76 -0.49 -40.01
C ILE D 177 -36.70 0.61 -40.07
N VAL D 178 -37.09 1.79 -39.60
CA VAL D 178 -36.19 2.93 -39.46
C VAL D 178 -36.16 3.28 -37.99
N HIS D 179 -34.95 3.51 -37.48
CA HIS D 179 -34.69 3.71 -36.05
C HIS D 179 -35.13 5.09 -35.54
N ASN D 180 -34.75 6.14 -36.29
CA ASN D 180 -35.14 7.57 -36.06
C ASN D 180 -34.49 8.35 -34.90
N ASP D 181 -33.78 7.66 -34.02
CA ASP D 181 -33.21 8.27 -32.83
C ASP D 181 -31.85 7.66 -32.49
N ILE D 182 -31.08 7.29 -33.51
CA ILE D 182 -29.67 6.93 -33.30
C ILE D 182 -28.94 8.20 -32.83
N LYS D 183 -28.30 8.10 -31.67
CA LYS D 183 -27.52 9.18 -31.06
C LYS D 183 -26.66 8.58 -29.95
N PRO D 184 -25.73 9.35 -29.40
CA PRO D 184 -24.78 8.77 -28.44
C PRO D 184 -25.40 8.00 -27.26
N GLY D 185 -26.53 8.46 -26.75
CA GLY D 185 -27.20 7.78 -25.62
C GLY D 185 -27.81 6.43 -25.99
N ASN D 186 -28.21 6.31 -27.25
CA ASN D 186 -28.79 5.07 -27.77
C ASN D 186 -27.78 4.11 -28.45
N VAL D 187 -26.49 4.28 -28.14
CA VAL D 187 -25.49 3.29 -28.50
C VAL D 187 -24.65 2.99 -27.26
N VAL D 188 -24.50 1.72 -26.95
CA VAL D 188 -23.75 1.28 -25.79
C VAL D 188 -22.69 0.25 -26.24
N PHE D 189 -21.46 0.42 -25.74
CA PHE D 189 -20.34 -0.46 -26.05
C PHE D 189 -20.21 -1.57 -25.01
N ASP D 190 -19.98 -2.80 -25.48
CA ASP D 190 -19.78 -3.95 -24.62
C ASP D 190 -18.30 -4.09 -24.23
N ARG D 191 -18.00 -4.04 -22.93
CA ARG D 191 -16.63 -4.23 -22.39
C ARG D 191 -15.99 -5.55 -22.77
N ALA D 192 -16.77 -6.64 -22.79
CA ALA D 192 -16.20 -7.96 -23.11
C ALA D 192 -15.76 -8.11 -24.57
N SER D 193 -16.57 -7.64 -25.51
CA SER D 193 -16.29 -7.78 -26.95
C SER D 193 -15.74 -6.54 -27.64
N GLY D 194 -15.89 -5.35 -27.03
CA GLY D 194 -15.58 -4.10 -27.68
C GLY D 194 -16.57 -3.72 -28.78
N GLU D 195 -17.75 -4.33 -28.80
CA GLU D 195 -18.70 -4.12 -29.89
C GLU D 195 -19.72 -3.04 -29.52
N PRO D 196 -19.98 -2.08 -30.41
CA PRO D 196 -21.08 -1.15 -30.16
C PRO D 196 -22.40 -1.86 -30.36
N VAL D 197 -23.40 -1.48 -29.56
CA VAL D 197 -24.75 -2.08 -29.61
C VAL D 197 -25.81 -0.97 -29.67
N VAL D 198 -26.69 -1.02 -30.67
CA VAL D 198 -27.76 -0.07 -30.77
C VAL D 198 -28.99 -0.50 -30.00
N ILE D 199 -29.63 0.48 -29.36
CA ILE D 199 -30.78 0.28 -28.49
C ILE D 199 -31.81 1.38 -28.77
N ASP D 200 -32.93 1.35 -28.03
CA ASP D 200 -33.93 2.43 -28.05
C ASP D 200 -34.63 2.55 -29.41
N LEU D 201 -35.44 1.54 -29.71
CA LEU D 201 -36.34 1.61 -30.87
C LEU D 201 -37.72 2.25 -30.61
N GLY D 202 -37.86 3.01 -29.51
CA GLY D 202 -39.15 3.54 -29.06
C GLY D 202 -39.83 4.42 -30.09
N LEU D 203 -39.01 5.26 -30.75
CA LEU D 203 -39.46 6.19 -31.79
C LEU D 203 -39.32 5.64 -33.23
N HIS D 204 -39.27 4.32 -33.40
CA HIS D 204 -39.13 3.71 -34.73
C HIS D 204 -40.39 3.97 -35.57
N SER D 205 -40.21 3.96 -36.89
CA SER D 205 -41.33 3.85 -37.85
C SER D 205 -41.05 2.75 -38.86
N ARG D 206 -42.07 2.32 -39.58
CA ARG D 206 -41.88 1.52 -40.79
C ARG D 206 -41.39 2.46 -41.87
N SER D 207 -40.86 1.91 -42.96
CA SER D 207 -40.24 2.72 -43.99
C SER D 207 -41.28 3.51 -44.74
N GLY D 208 -41.06 4.82 -44.82
CA GLY D 208 -41.98 5.72 -45.52
C GLY D 208 -43.20 6.13 -44.73
N GLU D 209 -43.22 5.79 -43.44
CA GLU D 209 -44.23 6.28 -42.48
C GLU D 209 -43.64 7.43 -41.70
N GLN D 210 -44.50 8.28 -41.17
CA GLN D 210 -44.03 9.42 -40.38
C GLN D 210 -43.35 8.87 -39.13
N PRO D 211 -42.19 9.43 -38.75
CA PRO D 211 -41.47 8.97 -37.55
C PRO D 211 -42.22 9.29 -36.26
N LYS D 212 -42.13 8.42 -35.26
CA LYS D 212 -42.84 8.64 -34.00
C LYS D 212 -42.24 9.82 -33.21
N GLY D 213 -40.93 10.04 -33.35
CA GLY D 213 -40.25 11.20 -32.75
C GLY D 213 -38.85 11.34 -33.30
N PHE D 214 -38.07 12.25 -32.72
CA PHE D 214 -36.66 12.47 -33.10
C PHE D 214 -35.95 13.42 -32.15
N THR D 215 -34.63 13.41 -32.19
CA THR D 215 -33.83 14.38 -31.44
C THR D 215 -33.34 15.49 -32.38
N GLU D 216 -33.60 16.75 -32.00
CA GLU D 216 -33.37 17.91 -32.89
C GLU D 216 -31.90 18.20 -33.23
N SER D 217 -30.98 18.00 -32.30
CA SER D 217 -29.54 18.25 -32.53
C SER D 217 -28.95 17.35 -33.63
N PHE D 218 -29.47 16.12 -33.72
CA PHE D 218 -28.97 15.09 -34.63
C PHE D 218 -29.82 14.88 -35.89
N LYS D 219 -31.10 15.23 -35.80
CA LYS D 219 -32.09 14.96 -36.87
C LYS D 219 -31.58 15.37 -38.24
N ALA D 220 -31.84 14.55 -39.24
CA ALA D 220 -31.69 14.95 -40.65
C ALA D 220 -32.77 15.99 -41.04
N PRO D 221 -32.44 16.95 -41.93
CA PRO D 221 -33.41 18.02 -42.25
C PRO D 221 -34.82 17.54 -42.66
N GLU D 222 -34.90 16.56 -43.56
CA GLU D 222 -36.18 16.02 -44.05
C GLU D 222 -36.97 15.26 -42.97
N LEU D 223 -36.26 14.49 -42.14
CA LEU D 223 -36.91 13.70 -41.08
C LEU D 223 -37.93 14.51 -40.26
N GLY D 224 -39.20 14.09 -40.36
CA GLY D 224 -40.31 14.72 -39.65
C GLY D 224 -41.10 15.80 -40.36
N VAL D 225 -40.76 16.11 -41.62
CA VAL D 225 -41.44 17.16 -42.40
C VAL D 225 -41.98 16.63 -43.73
N GLY D 226 -43.28 16.80 -43.96
CA GLY D 226 -43.90 16.46 -45.25
C GLY D 226 -44.25 15.00 -45.48
N ASN D 227 -44.96 14.77 -46.58
CA ASN D 227 -45.31 13.44 -47.16
C ASN D 227 -44.42 12.21 -46.87
N LEU D 228 -43.14 12.28 -47.26
CA LEU D 228 -42.31 11.05 -47.36
C LEU D 228 -41.97 10.32 -46.04
N GLY D 229 -41.61 11.09 -45.03
CA GLY D 229 -41.24 10.57 -43.72
C GLY D 229 -39.90 9.85 -43.69
N ALA D 230 -39.82 8.77 -42.92
CA ALA D 230 -38.54 8.19 -42.52
C ALA D 230 -37.98 7.26 -43.58
N SER D 231 -36.66 7.25 -43.74
CA SER D 231 -36.00 6.34 -44.65
C SER D 231 -34.71 5.85 -44.04
N GLU D 232 -34.06 4.94 -44.75
CA GLU D 232 -32.73 4.49 -44.40
C GLU D 232 -31.74 5.66 -44.51
N LYS D 233 -32.01 6.58 -45.44
CA LYS D 233 -31.16 7.76 -45.64
C LYS D 233 -31.09 8.63 -44.39
N SER D 234 -32.22 8.84 -43.72
CA SER D 234 -32.26 9.60 -42.47
C SER D 234 -31.52 8.85 -41.36
N ASP D 235 -31.57 7.51 -41.36
CA ASP D 235 -30.78 6.74 -40.40
C ASP D 235 -29.28 6.88 -40.66
N VAL D 236 -28.86 6.81 -41.92
CA VAL D 236 -27.45 6.97 -42.27
C VAL D 236 -26.94 8.32 -41.76
N PHE D 237 -27.69 9.38 -42.05
CA PHE D 237 -27.44 10.73 -41.51
C PHE D 237 -27.23 10.74 -39.98
N LEU D 238 -28.12 10.07 -39.23
CA LEU D 238 -27.99 10.03 -37.77
C LEU D 238 -26.73 9.36 -37.33
N VAL D 239 -26.39 8.25 -37.98
CA VAL D 239 -25.16 7.51 -37.67
C VAL D 239 -23.92 8.41 -37.79
N VAL D 240 -23.91 9.28 -38.80
CA VAL D 240 -22.77 10.18 -39.04
C VAL D 240 -22.79 11.35 -38.05
N SER D 241 -23.95 11.97 -37.82
CA SER D 241 -24.07 13.07 -36.86
C SER D 241 -23.74 12.63 -35.42
N THR D 242 -24.05 11.37 -35.11
CA THR D 242 -23.61 10.72 -33.88
C THR D 242 -22.08 10.59 -33.78
N LEU D 243 -21.44 10.13 -34.85
CA LEU D 243 -19.96 10.03 -34.87
C LEU D 243 -19.27 11.40 -34.83
N LEU D 244 -19.76 12.31 -35.66
CA LEU D 244 -19.25 13.67 -35.70
C LEU D 244 -19.27 14.28 -34.32
N HIS D 245 -20.41 14.14 -33.64
CA HIS D 245 -20.56 14.60 -32.24
C HIS D 245 -19.44 14.11 -31.33
N GLY D 246 -19.16 12.81 -31.41
CA GLY D 246 -18.15 12.17 -30.57
C GLY D 246 -16.73 12.51 -30.96
N ILE D 247 -16.48 12.56 -32.27
CA ILE D 247 -15.14 12.82 -32.81
C ILE D 247 -14.69 14.25 -32.54
N GLU D 248 -15.55 15.21 -32.81
CA GLU D 248 -15.24 16.64 -32.68
C GLU D 248 -15.37 17.16 -31.25
N GLY D 249 -16.18 16.49 -30.43
CA GLY D 249 -16.35 16.87 -29.03
C GLY D 249 -17.33 18.02 -28.87
N PHE D 250 -18.54 17.83 -29.42
CA PHE D 250 -19.58 18.84 -29.43
C PHE D 250 -20.13 19.09 -28.02
N GLU D 251 -19.99 18.12 -27.13
CA GLU D 251 -20.33 18.33 -25.72
C GLU D 251 -19.63 19.54 -25.09
N LYS D 252 -18.39 19.81 -25.51
CA LYS D 252 -17.66 21.01 -25.05
C LYS D 252 -18.24 22.36 -25.51
N ASP D 253 -19.06 22.36 -26.57
CA ASP D 253 -19.64 23.59 -27.14
C ASP D 253 -21.13 23.39 -27.38
N PRO D 254 -21.97 23.66 -26.35
CA PRO D 254 -23.43 23.60 -26.46
C PRO D 254 -24.10 24.50 -27.51
N GLU D 255 -23.40 25.52 -28.02
CA GLU D 255 -23.97 26.43 -29.01
C GLU D 255 -24.05 25.89 -30.43
N ILE D 256 -23.54 24.69 -30.68
CA ILE D 256 -23.61 24.08 -32.01
C ILE D 256 -24.24 22.70 -31.91
N LYS D 257 -24.76 22.20 -33.03
CA LYS D 257 -25.47 20.93 -33.09
C LYS D 257 -24.96 20.08 -34.24
N PRO D 258 -24.73 18.76 -34.02
CA PRO D 258 -24.06 17.93 -35.03
C PRO D 258 -24.66 17.93 -36.45
N ASN D 259 -25.98 18.05 -36.57
CA ASN D 259 -26.62 17.99 -37.90
C ASN D 259 -26.37 19.17 -38.82
N GLN D 260 -25.79 20.23 -38.28
CA GLN D 260 -25.26 21.33 -39.07
C GLN D 260 -23.87 21.01 -39.69
N GLY D 261 -23.24 19.89 -39.31
CA GLY D 261 -22.00 19.44 -39.93
C GLY D 261 -20.80 20.28 -39.53
N LEU D 262 -19.86 20.47 -40.46
CA LEU D 262 -18.61 21.21 -40.20
C LEU D 262 -18.58 22.57 -40.88
N ARG D 263 -18.00 23.56 -40.20
CA ARG D 263 -17.67 24.87 -40.80
C ARG D 263 -16.20 24.86 -41.25
N PHE D 264 -15.92 25.37 -42.44
CA PHE D 264 -14.54 25.47 -42.91
C PHE D 264 -13.98 26.90 -42.76
N ILE D 265 -12.78 27.00 -42.20
CA ILE D 265 -12.03 28.24 -42.11
C ILE D 265 -10.64 27.96 -42.68
N THR D 266 -10.44 28.34 -43.93
CA THR D 266 -9.18 28.09 -44.65
C THR D 266 -8.28 29.33 -44.84
N SER D 267 -8.83 30.54 -44.77
CA SER D 267 -8.02 31.77 -44.82
C SER D 267 -7.31 32.04 -43.49
N GLU D 268 -8.06 31.99 -42.40
CA GLU D 268 -7.54 32.25 -41.04
C GLU D 268 -7.22 30.92 -40.35
N PRO D 269 -6.77 30.99 -39.07
CA PRO D 269 -6.75 29.81 -38.21
C PRO D 269 -8.12 29.16 -37.96
N ALA D 270 -8.13 27.83 -37.99
CA ALA D 270 -9.29 27.02 -37.67
C ALA D 270 -9.16 26.48 -36.23
N HIS D 271 -8.41 27.19 -35.40
CA HIS D 271 -8.02 26.68 -34.10
C HIS D 271 -7.80 27.83 -33.15
N VAL D 272 -7.74 27.51 -31.86
CA VAL D 272 -7.37 28.49 -30.85
C VAL D 272 -6.08 28.06 -30.19
N MET D 273 -5.33 29.05 -29.70
CA MET D 273 -4.03 28.83 -29.06
C MET D 273 -4.23 28.83 -27.55
N ASP D 274 -3.65 27.86 -26.84
CA ASP D 274 -3.61 27.89 -25.37
C ASP D 274 -2.51 28.88 -24.86
N GLU D 275 -2.31 28.93 -23.54
CA GLU D 275 -1.31 29.83 -22.92
C GLU D 275 0.11 29.68 -23.49
N ASN D 276 0.52 28.43 -23.73
CA ASN D 276 1.89 28.08 -24.10
C ASN D 276 2.18 27.94 -25.61
N GLY D 277 1.31 28.47 -26.47
CA GLY D 277 1.50 28.42 -27.94
C GLY D 277 1.03 27.16 -28.68
N TYR D 278 0.39 26.23 -27.97
CA TYR D 278 -0.10 25.00 -28.57
C TYR D 278 -1.46 25.30 -29.17
N PRO D 279 -1.69 24.93 -30.45
CA PRO D 279 -3.04 25.00 -30.99
C PRO D 279 -3.99 24.03 -30.31
N ILE D 280 -5.28 24.39 -30.33
CA ILE D 280 -6.36 23.54 -29.84
C ILE D 280 -7.47 23.48 -30.87
N HIS D 281 -7.91 22.26 -31.15
CA HIS D 281 -9.00 21.98 -32.06
C HIS D 281 -10.29 22.67 -31.63
N ARG D 282 -10.96 23.35 -32.57
CA ARG D 282 -12.29 23.91 -32.32
C ARG D 282 -13.30 22.90 -32.81
N PRO D 283 -14.19 22.40 -31.92
CA PRO D 283 -15.22 21.47 -32.37
C PRO D 283 -16.10 22.07 -33.49
N GLY D 284 -16.27 21.33 -34.59
CA GLY D 284 -17.09 21.78 -35.73
C GLY D 284 -16.36 22.61 -36.78
N ILE D 285 -15.11 23.00 -36.52
CA ILE D 285 -14.31 23.77 -37.47
C ILE D 285 -13.24 22.91 -38.14
N ALA D 286 -13.18 22.97 -39.48
CA ALA D 286 -12.19 22.28 -40.31
C ALA D 286 -11.32 23.30 -41.03
N GLY D 287 -10.03 22.98 -41.16
CA GLY D 287 -9.05 23.83 -41.86
C GLY D 287 -8.73 23.39 -43.28
N VAL D 288 -9.05 22.15 -43.63
CA VAL D 288 -8.86 21.64 -45.00
C VAL D 288 -9.89 20.60 -45.27
N GLU D 289 -10.21 20.42 -46.55
CA GLU D 289 -10.97 19.28 -46.99
C GLU D 289 -10.11 18.03 -46.90
N THR D 290 -10.67 16.95 -46.38
CA THR D 290 -10.00 15.64 -46.30
C THR D 290 -11.04 14.55 -46.49
N ALA D 291 -10.62 13.30 -46.61
CA ALA D 291 -11.54 12.18 -46.69
C ALA D 291 -12.63 12.35 -45.62
N TYR D 292 -12.19 12.57 -44.38
CA TYR D 292 -13.08 12.82 -43.24
C TYR D 292 -14.08 13.97 -43.46
N THR D 293 -13.63 15.15 -43.87
CA THR D 293 -14.60 16.24 -44.17
C THR D 293 -15.53 15.90 -45.34
N ARG D 294 -15.01 15.18 -46.33
CA ARG D 294 -15.83 14.76 -47.46
C ARG D 294 -16.93 13.79 -47.01
N PHE D 295 -16.59 12.91 -46.08
CA PHE D 295 -17.54 11.99 -45.49
C PHE D 295 -18.72 12.76 -44.86
N ILE D 296 -18.40 13.76 -44.05
CA ILE D 296 -19.40 14.58 -43.36
C ILE D 296 -20.23 15.34 -44.39
N THR D 297 -19.56 16.06 -45.27
CA THR D 297 -20.20 16.83 -46.32
C THR D 297 -21.09 15.96 -47.26
N ASP D 298 -20.57 14.81 -47.70
CA ASP D 298 -21.29 13.97 -48.67
C ASP D 298 -22.54 13.28 -48.12
N ILE D 299 -22.73 13.35 -46.80
CA ILE D 299 -23.81 12.67 -46.11
C ILE D 299 -24.67 13.72 -45.41
N LEU D 300 -24.09 14.42 -44.44
CA LEU D 300 -24.82 15.45 -43.67
C LEU D 300 -25.18 16.67 -44.49
N GLY D 301 -24.32 17.06 -45.42
CA GLY D 301 -24.55 18.26 -46.19
C GLY D 301 -25.26 18.03 -47.51
N VAL D 302 -26.11 17.00 -47.61
CA VAL D 302 -26.86 16.75 -48.84
C VAL D 302 -28.26 16.21 -48.52
N SER D 303 -29.15 16.32 -49.49
CA SER D 303 -30.52 15.81 -49.36
C SER D 303 -30.58 14.27 -49.35
N ALA D 304 -31.76 13.74 -49.04
CA ALA D 304 -31.97 12.31 -48.96
C ALA D 304 -31.67 11.55 -50.25
N ASP D 305 -32.15 12.02 -51.38
CA ASP D 305 -31.91 11.30 -52.64
C ASP D 305 -30.45 11.32 -53.06
N SER D 306 -29.76 12.42 -52.80
CA SER D 306 -28.31 12.52 -53.09
C SER D 306 -27.43 11.84 -52.06
N ARG D 307 -27.96 11.51 -50.90
CA ARG D 307 -27.21 10.90 -49.79
C ARG D 307 -27.02 9.42 -50.03
N PRO D 308 -25.85 8.87 -49.73
CA PRO D 308 -25.73 7.42 -49.86
C PRO D 308 -26.55 6.66 -48.82
N ASP D 309 -27.02 5.48 -49.20
CA ASP D 309 -27.55 4.50 -48.23
C ASP D 309 -26.39 3.81 -47.48
N SER D 310 -26.71 2.91 -46.56
CA SER D 310 -25.72 2.40 -45.63
C SER D 310 -24.57 1.68 -46.32
N ASN D 311 -24.88 0.87 -47.33
CA ASN D 311 -23.82 0.12 -48.02
C ASN D 311 -22.94 1.03 -48.87
N GLU D 312 -23.52 1.98 -49.61
CA GLU D 312 -22.71 3.01 -50.32
C GLU D 312 -21.83 3.85 -49.40
N ALA D 313 -22.35 4.26 -48.25
CA ALA D 313 -21.57 5.05 -47.29
C ALA D 313 -20.30 4.30 -46.86
N ARG D 314 -20.41 2.97 -46.68
CA ARG D 314 -19.25 2.15 -46.32
C ARG D 314 -18.21 2.03 -47.42
N LEU D 315 -18.59 2.37 -48.67
CA LEU D 315 -17.62 2.47 -49.76
C LEU D 315 -16.87 3.78 -49.81
N HIS D 316 -17.27 4.75 -49.01
CA HIS D 316 -16.72 6.09 -49.09
C HIS D 316 -15.24 6.05 -48.81
N GLU D 317 -14.50 6.93 -49.47
CA GLU D 317 -13.07 7.10 -49.27
C GLU D 317 -12.64 6.97 -47.78
N PHE D 318 -13.21 7.80 -46.92
CA PHE D 318 -12.99 7.76 -45.47
C PHE D 318 -13.09 6.38 -44.79
N LEU D 319 -14.06 5.57 -45.20
CA LEU D 319 -14.27 4.23 -44.63
C LEU D 319 -13.53 3.10 -45.38
N SER D 320 -13.27 3.32 -46.66
CA SER D 320 -12.51 2.40 -47.47
C SER D 320 -11.01 2.35 -47.13
N ASP D 321 -10.40 3.51 -46.85
CA ASP D 321 -8.95 3.66 -46.91
C ASP D 321 -8.19 3.42 -45.59
N GLY D 322 -8.47 4.20 -44.55
CA GLY D 322 -7.67 4.10 -43.30
C GLY D 322 -7.96 2.98 -42.27
N THR D 323 -8.51 1.84 -42.71
CA THR D 323 -9.04 0.82 -41.78
C THR D 323 -7.95 -0.03 -41.19
N ILE D 324 -8.19 -0.51 -39.97
CA ILE D 324 -7.33 -1.49 -39.30
C ILE D 324 -8.05 -2.84 -39.22
N ASP D 325 -7.36 -3.84 -38.72
CA ASP D 325 -7.93 -5.15 -38.52
C ASP D 325 -9.09 -5.08 -37.52
N GLU D 326 -10.19 -5.72 -37.85
CA GLU D 326 -11.34 -5.86 -36.96
C GLU D 326 -10.97 -6.29 -35.53
N GLU D 327 -10.12 -7.29 -35.37
CA GLU D 327 -9.70 -7.68 -34.02
C GLU D 327 -8.85 -6.61 -33.35
N SER D 328 -8.04 -5.87 -34.12
CA SER D 328 -7.26 -4.75 -33.58
C SER D 328 -8.13 -3.67 -32.98
N ALA D 329 -9.19 -3.29 -33.69
CA ALA D 329 -10.11 -2.28 -33.22
C ALA D 329 -10.86 -2.72 -31.97
N LYS D 330 -11.42 -3.92 -32.03
CA LYS D 330 -12.14 -4.51 -30.89
C LYS D 330 -11.24 -4.49 -29.66
N GLN D 331 -9.96 -4.79 -29.86
CA GLN D 331 -9.00 -4.83 -28.77
C GLN D 331 -8.84 -3.48 -28.11
N ILE D 332 -8.69 -2.45 -28.95
CA ILE D 332 -8.53 -1.07 -28.48
C ILE D 332 -9.76 -0.64 -27.67
N LEU D 333 -10.96 -1.07 -28.10
CA LEU D 333 -12.19 -0.71 -27.39
C LEU D 333 -12.35 -1.44 -26.05
N LYS D 334 -12.00 -2.73 -26.00
CA LYS D 334 -11.90 -3.47 -24.73
C LYS D 334 -11.00 -2.73 -23.77
N ASP D 335 -9.83 -2.33 -24.24
CA ASP D 335 -8.85 -1.62 -23.39
C ASP D 335 -9.31 -0.25 -22.90
N THR D 336 -9.94 0.53 -23.77
CA THR D 336 -10.55 1.79 -23.38
C THR D 336 -11.59 1.56 -22.26
N LEU D 337 -12.51 0.63 -22.50
CA LEU D 337 -13.60 0.31 -21.58
C LEU D 337 -13.19 -0.28 -20.22
N THR D 338 -12.11 -1.06 -20.17
CA THR D 338 -11.60 -1.58 -18.90
C THR D 338 -10.72 -0.58 -18.18
N GLY D 339 -10.37 0.54 -18.84
CA GLY D 339 -9.59 1.60 -18.23
C GLY D 339 -10.46 2.60 -17.52
N GLU D 340 -9.89 3.77 -17.26
CA GLU D 340 -10.56 4.83 -16.51
C GLU D 340 -11.37 5.71 -17.48
N MET D 341 -12.65 5.93 -17.18
CA MET D 341 -13.51 6.74 -18.06
C MET D 341 -13.09 8.19 -17.97
N SER D 342 -12.87 8.85 -19.11
CA SER D 342 -12.70 10.31 -19.14
C SER D 342 -14.01 10.93 -18.71
N PRO D 343 -13.99 11.74 -17.63
CA PRO D 343 -15.21 12.34 -17.12
C PRO D 343 -15.73 13.41 -18.07
N LEU D 344 -17.02 13.67 -17.96
CA LEU D 344 -17.67 14.70 -18.74
C LEU D 344 -17.11 16.04 -18.26
N PRO D 345 -16.71 16.91 -19.20
CA PRO D 345 -16.17 18.20 -18.77
C PRO D 345 -17.25 19.16 -18.24
N THR D 346 -17.03 19.69 -17.04
CA THR D 346 -18.07 20.44 -16.32
C THR D 346 -18.12 21.94 -16.68
N ASP D 347 -16.95 22.56 -16.87
CA ASP D 347 -16.87 23.98 -17.21
C ASP D 347 -15.62 24.36 -18.02
N VAL D 348 -15.34 23.55 -19.04
CA VAL D 348 -14.31 23.86 -20.04
C VAL D 348 -14.88 24.65 -21.24
N ARG D 349 -16.21 24.83 -21.25
CA ARG D 349 -16.89 25.71 -22.21
C ARG D 349 -16.18 27.06 -22.40
N ARG D 350 -15.94 27.45 -23.65
CA ARG D 350 -15.36 28.75 -23.97
C ARG D 350 -16.37 29.87 -23.74
N ILE D 351 -15.86 31.03 -23.36
CA ILE D 351 -16.70 32.17 -23.01
C ILE D 351 -17.02 32.95 -24.29
N THR D 352 -18.16 32.63 -24.89
CA THR D 352 -18.64 33.28 -26.10
C THR D 352 -19.56 34.44 -25.72
N PRO D 353 -19.83 35.35 -26.67
CA PRO D 353 -20.79 36.43 -26.38
C PRO D 353 -22.17 35.93 -25.93
N TYR D 354 -22.60 34.77 -26.42
CA TYR D 354 -23.87 34.18 -25.99
C TYR D 354 -23.82 33.69 -24.54
N TYR D 355 -22.74 33.01 -24.15
CA TYR D 355 -22.60 32.48 -22.78
C TYR D 355 -22.45 33.61 -21.78
N LEU D 356 -21.61 34.58 -22.12
CA LEU D 356 -21.42 35.76 -21.30
C LEU D 356 -22.72 36.58 -21.19
N ARG D 357 -23.51 36.65 -22.28
CA ARG D 357 -24.90 37.16 -22.22
C ARG D 357 -25.76 36.37 -21.23
N GLU D 358 -25.64 35.05 -21.26
CA GLU D 358 -26.39 34.17 -20.38
C GLU D 358 -26.06 34.40 -18.90
N LEU D 359 -24.78 34.60 -18.61
CA LEU D 359 -24.30 34.89 -17.25
C LEU D 359 -24.71 36.26 -16.76
N SER D 360 -24.69 37.26 -17.64
CA SER D 360 -25.27 38.58 -17.33
C SER D 360 -26.76 38.51 -16.97
N ASP D 361 -27.54 37.68 -17.66
CA ASP D 361 -28.96 37.46 -17.34
C ASP D 361 -29.21 36.83 -15.97
N LEU D 362 -28.27 36.01 -15.50
CA LEU D 362 -28.30 35.48 -14.12
C LEU D 362 -28.06 36.56 -13.07
N LEU D 363 -27.05 37.41 -13.29
CA LEU D 363 -26.79 38.58 -12.43
C LEU D 363 -27.93 39.58 -12.46
N ARG D 364 -28.51 39.80 -13.65
CA ARG D 364 -29.68 40.67 -13.79
C ARG D 364 -30.90 40.19 -12.97
N THR D 365 -31.09 38.88 -12.81
CA THR D 365 -32.18 38.38 -11.95
C THR D 365 -31.92 38.63 -10.45
N HIS D 366 -30.64 38.54 -10.04
CA HIS D 366 -30.27 38.82 -8.64
C HIS D 366 -30.49 40.30 -8.29
N LEU D 367 -30.10 41.20 -9.20
CA LEU D 367 -30.37 42.63 -9.04
C LEU D 367 -31.87 42.95 -9.07
N SER D 368 -32.61 42.24 -9.93
CA SER D 368 -34.05 42.35 -10.01
C SER D 368 -34.75 41.89 -8.71
N SER D 369 -34.23 40.82 -8.10
CA SER D 369 -34.76 40.33 -6.81
C SER D 369 -34.28 41.14 -5.58
N ALA D 370 -33.13 41.80 -5.69
CA ALA D 370 -32.62 42.67 -4.63
C ALA D 370 -33.47 43.92 -4.47
N ALA D 371 -33.91 44.49 -5.59
CA ALA D 371 -34.88 45.61 -5.61
C ALA D 371 -36.20 45.27 -4.89
N THR D 372 -36.66 44.02 -5.03
CA THR D 372 -37.92 43.55 -4.43
C THR D 372 -37.75 42.88 -3.04
N LYS D 373 -36.55 42.95 -2.45
CA LYS D 373 -36.23 42.35 -1.14
C LYS D 373 -36.32 40.80 -1.07
N GLN D 374 -36.16 40.14 -2.21
CA GLN D 374 -36.23 38.68 -2.31
C GLN D 374 -34.87 38.12 -2.78
N LEU D 375 -33.78 38.68 -2.27
CA LEU D 375 -32.41 38.27 -2.63
C LEU D 375 -31.91 37.12 -1.74
N ASP D 376 -31.67 35.95 -2.33
CA ASP D 376 -31.00 34.85 -1.64
C ASP D 376 -29.52 35.15 -1.57
N MET D 377 -29.03 35.38 -0.35
CA MET D 377 -27.64 35.73 -0.12
C MET D 377 -26.67 34.57 -0.41
N GLY D 378 -27.08 33.34 -0.07
CA GLY D 378 -26.26 32.15 -0.32
C GLY D 378 -25.88 32.00 -1.78
N VAL D 379 -26.87 32.06 -2.67
CA VAL D 379 -26.65 31.71 -4.07
C VAL D 379 -26.00 32.84 -4.87
N VAL D 380 -26.21 34.10 -4.48
CA VAL D 380 -25.60 35.24 -5.20
C VAL D 380 -24.07 35.30 -5.05
N LEU D 381 -23.58 34.88 -3.89
CA LEU D 381 -22.13 34.76 -3.61
C LEU D 381 -21.51 33.54 -4.30
N SER D 382 -22.25 32.43 -4.35
CA SER D 382 -21.84 31.26 -5.15
C SER D 382 -21.77 31.58 -6.64
N ASP D 383 -22.80 32.28 -7.14
CA ASP D 383 -22.89 32.64 -8.55
C ASP D 383 -21.87 33.71 -8.92
N LEU D 384 -21.66 34.69 -8.03
CA LEU D 384 -20.59 35.69 -8.23
C LEU D 384 -19.21 35.05 -8.35
N ASP D 385 -18.97 33.95 -7.64
CA ASP D 385 -17.67 33.28 -7.71
C ASP D 385 -17.46 32.60 -9.06
N THR D 386 -18.53 32.04 -9.61
CA THR D 386 -18.47 31.45 -10.95
C THR D 386 -18.32 32.57 -12.00
N MET D 387 -18.96 33.72 -11.79
CA MET D 387 -18.73 34.88 -12.68
C MET D 387 -17.25 35.28 -12.71
N LEU D 388 -16.60 35.32 -11.54
CA LEU D 388 -15.19 35.68 -11.47
C LEU D 388 -14.36 34.72 -12.29
N VAL D 389 -14.64 33.41 -12.21
CA VAL D 389 -13.84 32.41 -12.97
C VAL D 389 -14.12 32.54 -14.48
N ALA D 390 -15.38 32.72 -14.86
CA ALA D 390 -15.75 32.96 -16.26
C ALA D 390 -15.02 34.17 -16.86
N LEU D 391 -14.95 35.26 -16.11
CA LEU D 391 -14.32 36.49 -16.59
C LEU D 391 -12.81 36.35 -16.72
N ASP D 392 -12.18 35.69 -15.76
CA ASP D 392 -10.73 35.37 -15.81
C ASP D 392 -10.40 34.46 -16.99
N LYS D 393 -11.26 33.48 -17.23
CA LYS D 393 -11.17 32.59 -18.37
C LYS D 393 -11.28 33.34 -19.70
N ALA D 394 -12.26 34.23 -19.80
CA ALA D 394 -12.46 35.03 -21.01
C ALA D 394 -11.28 35.95 -21.31
N GLU D 395 -10.68 36.51 -20.26
CA GLU D 395 -9.50 37.39 -20.40
C GLU D 395 -8.31 36.64 -20.96
N ARG D 396 -8.03 35.43 -20.45
CA ARG D 396 -6.91 34.61 -20.93
C ARG D 396 -7.08 34.33 -22.42
N GLU D 397 -8.20 33.69 -22.76
CA GLU D 397 -8.53 33.34 -24.16
C GLU D 397 -8.84 34.62 -24.94
N GLY D 398 -9.21 34.48 -26.20
CA GLY D 398 -9.91 35.56 -26.90
C GLY D 398 -11.39 35.34 -26.68
N GLY D 399 -12.18 35.54 -27.73
CA GLY D 399 -13.57 35.10 -27.73
C GLY D 399 -14.48 36.28 -27.73
N VAL D 400 -14.24 37.20 -26.81
CA VAL D 400 -15.08 38.37 -26.70
C VAL D 400 -14.22 39.64 -26.67
N ASP D 401 -14.74 40.69 -27.30
CA ASP D 401 -14.05 41.98 -27.34
C ASP D 401 -14.13 42.67 -25.99
N LYS D 402 -13.28 43.67 -25.82
CA LYS D 402 -13.05 44.29 -24.51
C LYS D 402 -14.29 45.09 -24.01
N ASP D 403 -15.17 45.50 -24.94
CA ASP D 403 -16.42 46.17 -24.58
C ASP D 403 -17.45 45.25 -23.92
N GLN D 404 -17.53 44.01 -24.40
CA GLN D 404 -18.41 43.01 -23.77
C GLN D 404 -17.89 42.59 -22.39
N LEU D 405 -16.56 42.59 -22.22
CA LEU D 405 -15.93 42.32 -20.91
C LEU D 405 -16.20 43.41 -19.87
N LYS D 406 -15.90 44.67 -20.21
CA LYS D 406 -16.10 45.81 -19.30
C LYS D 406 -17.53 45.94 -18.82
N SER D 407 -18.47 45.63 -19.72
CA SER D 407 -19.88 45.64 -19.38
C SER D 407 -20.24 44.54 -18.40
N PHE D 408 -19.67 43.36 -18.60
CA PHE D 408 -19.79 42.25 -17.64
C PHE D 408 -19.16 42.64 -16.30
N ASN D 409 -17.92 43.10 -16.36
CA ASN D 409 -17.17 43.59 -15.18
C ASN D 409 -17.94 44.66 -14.39
N SER D 410 -18.52 45.62 -15.11
CA SER D 410 -19.40 46.63 -14.51
C SER D 410 -20.60 45.98 -13.83
N LEU D 411 -21.19 44.98 -14.47
CA LEU D 411 -22.34 44.26 -13.90
C LEU D 411 -21.99 43.49 -12.61
N ILE D 412 -20.78 42.91 -12.53
CA ILE D 412 -20.29 42.32 -11.28
C ILE D 412 -20.23 43.43 -10.22
N LEU D 413 -19.46 44.49 -10.49
CA LEU D 413 -19.26 45.59 -9.54
C LEU D 413 -20.58 46.19 -9.06
N LYS D 414 -21.52 46.37 -9.99
CA LYS D 414 -22.89 46.77 -9.65
C LYS D 414 -23.57 45.76 -8.71
N THR D 415 -23.32 44.47 -8.90
CA THR D 415 -23.88 43.44 -8.04
C THR D 415 -23.26 43.47 -6.64
N TYR D 416 -21.93 43.62 -6.53
CA TYR D 416 -21.30 43.86 -5.22
C TYR D 416 -21.84 45.13 -4.55
N SER D 417 -22.07 46.18 -5.34
CA SER D 417 -22.73 47.44 -4.92
C SER D 417 -24.12 47.20 -4.25
N VAL D 418 -24.90 46.28 -4.82
CA VAL D 418 -26.21 45.93 -4.30
C VAL D 418 -26.13 45.11 -3.00
N ILE D 419 -25.23 44.13 -2.91
CA ILE D 419 -24.89 43.52 -1.61
C ILE D 419 -24.09 44.72 -1.00
N GLY D 420 -23.87 44.82 0.30
CA GLY D 420 -23.30 46.07 0.84
C GLY D 420 -24.34 47.14 1.06
N ALA D 421 -25.07 47.54 0.01
CA ALA D 421 -26.29 48.35 0.17
C ALA D 421 -27.44 47.59 0.87
N TYR D 422 -27.65 46.33 0.47
CA TYR D 422 -28.67 45.42 1.06
C TYR D 422 -28.49 45.08 2.55
N ILE D 423 -27.33 45.45 3.11
CA ILE D 423 -26.94 45.11 4.52
C ILE D 423 -26.50 46.34 5.35
N ASN D 444 -23.56 29.88 10.78
CA ASN D 444 -22.48 29.08 10.21
C ASN D 444 -22.85 28.27 8.94
N PHE D 445 -24.07 28.43 8.45
CA PHE D 445 -24.45 27.95 7.09
C PHE D 445 -23.74 28.79 6.01
N MET D 446 -23.58 30.09 6.27
CA MET D 446 -22.96 31.03 5.33
C MET D 446 -21.47 30.77 5.12
N LEU D 447 -20.79 30.27 6.15
CA LEU D 447 -19.38 29.85 6.02
C LEU D 447 -19.18 28.76 4.96
N SER D 448 -20.04 27.74 4.95
CA SER D 448 -19.88 26.61 4.03
C SER D 448 -20.08 26.97 2.56
N ILE D 449 -20.89 28.00 2.29
CA ILE D 449 -21.10 28.55 0.94
C ILE D 449 -19.81 29.18 0.46
N VAL D 450 -19.21 30.00 1.32
CA VAL D 450 -18.12 30.91 0.95
C VAL D 450 -16.69 30.36 1.12
N GLU D 451 -16.49 29.34 1.95
CA GLU D 451 -15.17 28.70 2.04
C GLU D 451 -14.61 28.19 0.69
N PRO D 452 -15.42 27.47 -0.12
CA PRO D 452 -14.96 27.10 -1.47
C PRO D 452 -14.33 28.26 -2.25
N SER D 453 -14.94 29.44 -2.15
CA SER D 453 -14.46 30.66 -2.80
C SER D 453 -13.09 31.12 -2.27
N LEU D 454 -12.92 31.11 -0.94
CA LEU D 454 -11.61 31.44 -0.33
C LEU D 454 -10.51 30.45 -0.71
N GLN D 455 -10.85 29.17 -0.76
CA GLN D 455 -9.87 28.12 -1.12
C GLN D 455 -9.36 28.28 -2.54
N ARG D 456 -10.28 28.45 -3.49
CA ARG D 456 -9.96 28.73 -4.89
C ARG D 456 -9.03 29.93 -5.03
N ILE D 457 -9.34 31.02 -4.33
CA ILE D 457 -8.51 32.22 -4.37
C ILE D 457 -7.14 31.91 -3.76
N GLN D 458 -7.09 31.20 -2.63
CA GLN D 458 -5.79 30.82 -2.01
C GLN D 458 -4.93 29.89 -2.88
N LYS D 459 -5.56 29.02 -3.67
CA LYS D 459 -4.82 28.21 -4.65
C LYS D 459 -4.22 29.12 -5.69
N HIS D 460 -5.00 30.10 -6.12
CA HIS D 460 -4.55 31.09 -7.09
C HIS D 460 -3.40 31.98 -6.57
N LEU D 461 -3.36 32.25 -5.26
CA LEU D 461 -2.23 32.96 -4.64
C LEU D 461 -0.93 32.15 -4.59
N ASP D 462 -1.00 30.82 -4.63
CA ASP D 462 0.20 29.95 -4.69
C ASP D 462 0.90 29.92 -6.05
N GLN D 463 0.16 30.19 -7.12
CA GLN D 463 0.69 30.09 -8.49
C GLN D 463 1.64 31.23 -8.88
N THR D 464 2.43 30.97 -9.92
CA THR D 464 3.30 31.99 -10.53
C THR D 464 2.43 32.80 -11.48
N HIS D 465 2.46 34.13 -11.34
CA HIS D 465 1.57 35.01 -12.07
C HIS D 465 2.23 35.72 -13.25
N SER D 466 1.41 36.16 -14.19
CA SER D 466 1.81 37.02 -15.29
C SER D 466 1.12 38.36 -15.10
N PHE D 467 1.31 39.27 -16.06
CA PHE D 467 0.60 40.54 -16.07
C PHE D 467 -0.90 40.38 -16.32
N SER D 468 -1.31 39.31 -17.00
CA SER D 468 -2.74 39.05 -17.23
C SER D 468 -3.49 38.67 -15.97
N ASP D 469 -2.77 38.38 -14.90
CA ASP D 469 -3.37 38.18 -13.57
C ASP D 469 -3.74 39.47 -12.78
N ILE D 470 -3.32 40.66 -13.24
CA ILE D 470 -3.56 41.90 -12.48
C ILE D 470 -5.05 42.10 -12.19
N GLY D 471 -5.83 42.05 -13.27
CA GLY D 471 -7.28 42.23 -13.19
C GLY D 471 -7.94 41.09 -12.44
N SER D 472 -7.43 39.89 -12.63
CA SER D 472 -7.90 38.72 -11.89
C SER D 472 -7.77 38.88 -10.37
N LEU D 473 -6.63 39.38 -9.90
CA LEU D 473 -6.38 39.57 -8.47
C LEU D 473 -7.12 40.77 -7.87
N MET D 474 -7.26 41.85 -8.64
CA MET D 474 -8.08 42.97 -8.20
C MET D 474 -9.48 42.50 -7.89
N ARG D 475 -10.09 41.79 -8.84
CA ARG D 475 -11.45 41.29 -8.67
C ARG D 475 -11.56 40.36 -7.46
N ALA D 476 -10.58 39.47 -7.30
CA ALA D 476 -10.48 38.58 -6.14
C ALA D 476 -10.40 39.32 -4.80
N HIS D 477 -9.66 40.42 -4.77
CA HIS D 477 -9.59 41.28 -3.57
C HIS D 477 -10.95 41.84 -3.21
N LYS D 478 -11.66 42.28 -4.24
CA LYS D 478 -13.00 42.83 -4.08
C LYS D 478 -13.96 41.78 -3.57
N HIS D 479 -13.79 40.53 -4.02
CA HIS D 479 -14.61 39.43 -3.52
C HIS D 479 -14.37 39.15 -2.04
N LEU D 480 -13.10 39.03 -1.65
CA LEU D 480 -12.73 38.77 -0.26
C LEU D 480 -13.21 39.87 0.66
N GLU D 481 -13.12 41.11 0.19
CA GLU D 481 -13.59 42.26 0.94
C GLU D 481 -15.10 42.22 1.14
N THR D 482 -15.83 41.81 0.11
CA THR D 482 -17.28 41.68 0.17
C THR D 482 -17.71 40.51 1.05
N LEU D 483 -16.99 39.38 0.99
CA LEU D 483 -17.21 38.26 1.93
C LEU D 483 -16.98 38.69 3.39
N LEU D 484 -15.91 39.43 3.63
CA LEU D 484 -15.58 39.95 4.97
C LEU D 484 -16.71 40.85 5.53
N GLU D 485 -17.17 41.80 4.71
CA GLU D 485 -18.23 42.74 5.09
C GLU D 485 -19.54 42.06 5.39
N VAL D 486 -19.90 41.05 4.61
CA VAL D 486 -21.14 40.31 4.85
C VAL D 486 -21.11 39.61 6.21
N LEU D 487 -20.06 38.83 6.47
CA LEU D 487 -19.97 38.02 7.69
C LEU D 487 -19.98 38.90 8.92
N VAL D 488 -19.15 39.95 8.92
CA VAL D 488 -19.13 40.93 10.04
C VAL D 488 -20.48 41.62 10.21
N THR D 489 -21.14 41.97 9.10
CA THR D 489 -22.42 42.69 9.16
C THR D 489 -23.55 41.83 9.74
N LEU D 490 -23.62 40.56 9.36
CA LEU D 490 -24.66 39.67 9.88
C LEU D 490 -24.58 39.46 11.40
N SER D 491 -23.40 39.61 11.98
CA SER D 491 -23.23 39.55 13.44
C SER D 491 -23.72 40.80 14.20
N GLN D 492 -24.03 41.88 13.49
CA GLN D 492 -24.48 43.12 14.14
C GLN D 492 -25.90 42.96 14.69
N GLN D 493 -26.79 42.51 13.80
CA GLN D 493 -28.22 42.44 14.05
C GLN D 493 -28.71 41.00 14.15
N GLY D 494 -27.82 40.02 13.97
CA GLY D 494 -28.21 38.62 13.96
C GLY D 494 -27.35 37.76 14.87
N GLN D 495 -26.91 36.63 14.32
CA GLN D 495 -26.11 35.64 15.04
C GLN D 495 -24.67 36.16 15.33
N PRO D 496 -24.27 36.22 16.61
CA PRO D 496 -22.90 36.68 16.95
C PRO D 496 -21.79 35.84 16.31
N VAL D 497 -20.57 36.38 16.31
CA VAL D 497 -19.41 35.76 15.66
C VAL D 497 -18.98 34.51 16.45
N SER D 498 -18.95 33.36 15.74
CA SER D 498 -18.47 32.08 16.30
C SER D 498 -16.95 31.97 16.10
N SER D 499 -16.32 31.03 16.82
CA SER D 499 -14.88 30.72 16.63
C SER D 499 -14.49 30.43 15.16
N GLU D 500 -15.39 29.78 14.43
CA GLU D 500 -15.16 29.41 13.04
C GLU D 500 -15.19 30.67 12.18
N THR D 501 -16.21 31.50 12.40
CA THR D 501 -16.33 32.77 11.70
C THR D 501 -15.12 33.66 12.01
N TYR D 502 -14.75 33.80 13.28
CA TYR D 502 -13.63 34.66 13.65
C TYR D 502 -12.34 34.26 12.98
N SER D 503 -12.04 32.97 13.01
CA SER D 503 -10.85 32.42 12.33
C SER D 503 -10.96 32.57 10.82
N PHE D 504 -12.17 32.50 10.28
CA PHE D 504 -12.44 32.75 8.85
C PHE D 504 -12.14 34.20 8.46
N LEU D 505 -12.60 35.15 9.28
CA LEU D 505 -12.35 36.57 9.04
C LEU D 505 -10.87 36.88 8.92
N ASN D 506 -10.04 36.23 9.72
CA ASN D 506 -8.58 36.42 9.64
C ASN D 506 -7.88 35.64 8.51
N ARG D 507 -8.46 34.52 8.10
CA ARG D 507 -8.01 33.83 6.88
C ARG D 507 -8.28 34.70 5.64
N LEU D 508 -9.43 35.39 5.61
CA LEU D 508 -9.76 36.39 4.57
C LEU D 508 -8.84 37.60 4.65
N ALA D 509 -8.57 38.08 5.86
CA ALA D 509 -7.69 39.23 6.07
C ALA D 509 -6.26 38.92 5.66
N GLU D 510 -5.74 37.74 6.05
CA GLU D 510 -4.40 37.26 5.59
C GLU D 510 -4.29 37.24 4.07
N ALA D 511 -5.30 36.65 3.43
CA ALA D 511 -5.33 36.55 1.97
C ALA D 511 -5.39 37.93 1.33
N LYS D 512 -6.22 38.83 1.85
CA LYS D 512 -6.27 40.21 1.31
C LYS D 512 -4.89 40.88 1.25
N VAL D 513 -4.09 40.77 2.31
CA VAL D 513 -2.72 41.35 2.34
C VAL D 513 -1.76 40.66 1.37
N THR D 514 -1.73 39.34 1.37
CA THR D 514 -0.89 38.58 0.43
C THR D 514 -1.26 38.99 -1.02
N LEU D 515 -2.55 39.24 -1.22
CA LEU D 515 -3.08 39.68 -2.50
C LEU D 515 -2.61 41.08 -2.86
N SER D 516 -2.61 41.99 -1.90
CA SER D 516 -2.12 43.34 -2.11
C SER D 516 -0.64 43.39 -2.46
N GLN D 517 0.18 42.61 -1.77
CA GLN D 517 1.62 42.59 -2.03
C GLN D 517 1.91 42.05 -3.41
N GLN D 518 1.25 40.96 -3.76
CA GLN D 518 1.41 40.35 -5.08
C GLN D 518 0.93 41.26 -6.20
N LEU D 519 -0.21 41.90 -5.96
CA LEU D 519 -0.77 42.86 -6.92
C LEU D 519 0.12 44.10 -7.10
N ASN D 520 0.84 44.48 -6.04
CA ASN D 520 1.76 45.63 -6.06
C ASN D 520 3.13 45.35 -6.70
N THR D 521 3.68 44.16 -6.48
CA THR D 521 4.92 43.74 -7.19
C THR D 521 4.62 43.72 -8.71
N LEU D 522 3.52 43.08 -9.11
CA LEU D 522 3.18 42.99 -10.55
C LEU D 522 2.86 44.31 -11.26
N GLN D 523 2.35 45.30 -10.54
CA GLN D 523 2.14 46.61 -11.16
C GLN D 523 3.46 47.35 -11.38
N GLN D 524 4.39 47.21 -10.43
CA GLN D 524 5.74 47.75 -10.62
C GLN D 524 6.42 47.09 -11.84
N GLN D 525 6.40 45.75 -11.87
CA GLN D 525 6.99 44.98 -12.97
C GLN D 525 6.39 45.34 -14.32
N GLN D 526 5.09 45.63 -14.34
CA GLN D 526 4.42 46.08 -15.57
C GLN D 526 4.94 47.44 -16.04
N GLU D 527 5.18 48.36 -15.11
CA GLU D 527 5.80 49.65 -15.47
C GLU D 527 7.20 49.51 -16.08
N SER D 528 8.03 48.61 -15.55
CA SER D 528 9.32 48.29 -16.18
C SER D 528 9.10 47.74 -17.58
N ALA D 529 8.10 46.87 -17.72
CA ALA D 529 7.76 46.26 -19.00
C ALA D 529 7.26 47.27 -20.04
N LYS D 530 6.56 48.32 -19.61
CA LYS D 530 6.10 49.39 -20.52
C LYS D 530 7.25 50.22 -21.06
N ALA D 531 8.19 50.57 -20.18
CA ALA D 531 9.38 51.33 -20.56
C ALA D 531 10.25 50.54 -21.52
N GLN D 532 10.58 49.30 -21.14
CA GLN D 532 11.30 48.34 -22.01
C GLN D 532 10.63 48.20 -23.40
N LEU D 533 9.30 48.20 -23.42
CA LEU D 533 8.53 48.11 -24.66
C LEU D 533 8.74 49.32 -25.55
N SER D 534 8.69 50.51 -24.95
CA SER D 534 8.79 51.75 -25.70
C SER D 534 10.19 51.98 -26.25
N ILE D 535 11.21 51.54 -25.52
CA ILE D 535 12.59 51.66 -25.98
C ILE D 535 12.76 50.78 -27.22
N LEU D 536 12.36 49.51 -27.12
CA LEU D 536 12.42 48.58 -28.24
C LEU D 536 11.75 49.09 -29.51
N ILE D 537 10.63 49.79 -29.35
CA ILE D 537 9.94 50.39 -30.48
C ILE D 537 10.82 51.45 -31.15
N ASN D 538 11.50 52.28 -30.35
CA ASN D 538 12.37 53.32 -30.90
C ASN D 538 13.50 52.79 -31.77
N ARG D 539 14.10 51.68 -31.34
CA ARG D 539 15.14 51.02 -32.12
C ARG D 539 14.67 50.58 -33.49
N SER D 540 13.45 50.05 -33.55
CA SER D 540 12.87 49.57 -34.80
C SER D 540 12.74 50.65 -35.91
N GLY D 541 12.63 51.92 -35.54
CA GLY D 541 12.51 53.03 -36.49
C GLY D 541 13.47 53.02 -37.67
N SER D 542 14.76 52.82 -37.40
CA SER D 542 15.79 52.78 -38.45
C SER D 542 15.54 51.76 -39.59
N TRP D 543 14.94 50.60 -39.27
CA TRP D 543 14.75 49.50 -40.24
C TRP D 543 13.32 49.09 -40.54
N ALA D 544 12.35 49.49 -39.72
CA ALA D 544 10.99 48.88 -39.73
C ALA D 544 10.30 48.90 -41.08
N ASP D 545 10.19 50.09 -41.66
CA ASP D 545 9.42 50.31 -42.89
C ASP D 545 10.15 49.69 -44.08
N VAL D 546 11.48 49.82 -44.16
CA VAL D 546 12.24 49.16 -45.24
C VAL D 546 12.07 47.64 -45.20
N ALA D 547 12.10 47.07 -44.00
CA ALA D 547 11.98 45.62 -43.81
C ALA D 547 10.55 45.16 -44.06
N ARG D 548 9.57 45.88 -43.52
CA ARG D 548 8.16 45.57 -43.77
C ARG D 548 7.84 45.53 -45.25
N GLN D 549 8.38 46.47 -46.01
CA GLN D 549 8.09 46.55 -47.44
C GLN D 549 8.73 45.39 -48.19
N SER D 550 10.01 45.14 -47.93
CA SER D 550 10.74 44.05 -48.60
C SER D 550 10.07 42.71 -48.40
N LEU D 551 9.65 42.46 -47.16
CA LEU D 551 8.98 41.20 -46.81
C LEU D 551 7.55 41.10 -47.34
N GLN D 552 6.86 42.24 -47.48
CA GLN D 552 5.53 42.27 -48.12
C GLN D 552 5.62 41.88 -49.58
N ARG D 553 6.64 42.37 -50.26
CA ARG D 553 6.91 42.00 -51.65
C ARG D 553 7.26 40.52 -51.81
N PHE D 554 8.10 39.98 -50.91
CA PHE D 554 8.43 38.54 -50.91
C PHE D 554 7.18 37.70 -50.69
N ASP D 555 6.34 38.13 -49.74
CA ASP D 555 5.08 37.43 -49.43
C ASP D 555 4.06 37.48 -50.56
N SER D 556 4.04 38.55 -51.36
CA SER D 556 3.12 38.63 -52.50
C SER D 556 3.44 37.61 -53.58
N THR D 557 4.70 37.16 -53.67
CA THR D 557 5.08 36.03 -54.58
C THR D 557 4.42 34.72 -54.14
N ARG D 558 3.98 34.67 -52.90
CA ARG D 558 3.13 33.62 -52.37
C ARG D 558 3.97 32.32 -52.19
N PRO D 559 5.05 32.39 -51.37
CA PRO D 559 5.91 31.22 -51.17
C PRO D 559 5.20 30.11 -50.42
N VAL D 560 5.66 28.88 -50.60
CA VAL D 560 4.90 27.68 -50.22
C VAL D 560 5.70 26.44 -50.61
N VAL D 561 5.80 25.47 -49.69
CA VAL D 561 6.44 24.18 -49.96
C VAL D 561 5.45 23.35 -50.76
N LYS D 562 5.89 22.84 -51.91
CA LYS D 562 5.01 22.03 -52.77
C LYS D 562 5.23 20.54 -52.53
N PHE D 563 4.12 19.78 -52.65
CA PHE D 563 4.13 18.32 -52.79
C PHE D 563 4.88 17.97 -54.06
N GLY D 564 5.60 16.85 -54.07
CA GLY D 564 6.25 16.35 -55.30
C GLY D 564 7.71 16.03 -55.11
N THR D 565 8.34 15.60 -56.19
CA THR D 565 9.75 15.20 -56.13
C THR D 565 10.61 16.45 -56.24
N GLU D 566 11.91 16.27 -56.04
CA GLU D 566 12.83 17.40 -56.09
C GLU D 566 12.95 17.91 -57.53
N GLN D 567 12.81 17.02 -58.50
CA GLN D 567 12.91 17.38 -59.91
C GLN D 567 11.66 18.15 -60.28
N TYR D 568 10.52 17.67 -59.82
CA TYR D 568 9.25 18.30 -60.13
C TYR D 568 9.13 19.71 -59.56
N THR D 569 9.70 19.95 -58.38
CA THR D 569 9.59 21.26 -57.73
C THR D 569 10.80 22.16 -57.97
N ALA D 570 11.75 21.74 -58.80
CA ALA D 570 13.04 22.44 -58.90
C ALA D 570 12.92 23.88 -59.38
N ILE D 571 12.16 24.12 -60.44
CA ILE D 571 11.96 25.50 -60.93
C ILE D 571 11.37 26.36 -59.80
N HIS D 572 10.30 25.87 -59.20
CA HIS D 572 9.60 26.52 -58.09
C HIS D 572 10.52 26.93 -56.95
N ARG D 573 11.36 25.98 -56.53
CA ARG D 573 12.30 26.20 -55.43
C ARG D 573 13.39 27.22 -55.78
N GLN D 574 13.81 27.21 -57.04
CA GLN D 574 14.81 28.15 -57.55
C GLN D 574 14.24 29.59 -57.63
N MET D 575 12.97 29.70 -58.00
CA MET D 575 12.27 31.00 -58.05
C MET D 575 12.15 31.66 -56.67
N MET D 576 11.84 30.85 -55.66
CA MET D 576 11.74 31.34 -54.29
C MET D 576 13.06 31.80 -53.76
N ALA D 577 14.09 30.99 -53.94
CA ALA D 577 15.43 31.33 -53.49
C ALA D 577 15.94 32.63 -54.09
N ALA D 578 15.58 32.88 -55.35
CA ALA D 578 15.94 34.12 -56.01
C ALA D 578 15.18 35.31 -55.41
N HIS D 579 13.88 35.15 -55.19
CA HIS D 579 13.06 36.18 -54.52
C HIS D 579 13.57 36.45 -53.11
N ALA D 580 13.82 35.38 -52.36
CA ALA D 580 14.42 35.46 -51.02
C ALA D 580 15.80 36.15 -50.99
N ALA D 581 16.63 35.86 -51.97
CA ALA D 581 17.95 36.52 -52.07
C ALA D 581 17.84 38.03 -52.33
N ILE D 582 16.89 38.46 -53.17
CA ILE D 582 16.60 39.90 -53.38
C ILE D 582 16.16 40.61 -52.09
N THR D 583 15.27 39.96 -51.35
CA THR D 583 14.75 40.49 -50.09
C THR D 583 15.86 40.66 -49.06
N LEU D 584 16.73 39.67 -48.92
CA LEU D 584 17.86 39.77 -47.97
C LEU D 584 18.93 40.76 -48.41
N GLN D 585 19.04 41.01 -49.71
CA GLN D 585 19.92 42.08 -50.24
C GLN D 585 19.35 43.48 -49.94
N GLU D 586 18.03 43.65 -49.99
CA GLU D 586 17.39 44.93 -49.67
C GLU D 586 17.56 45.38 -48.22
N VAL D 587 17.72 44.43 -47.29
CA VAL D 587 17.78 44.73 -45.86
C VAL D 587 19.16 44.44 -45.22
N SER D 588 20.20 44.37 -46.04
CA SER D 588 21.54 43.90 -45.61
C SER D 588 22.12 44.67 -44.43
N GLU D 589 22.12 46.00 -44.58
CA GLU D 589 22.55 46.95 -43.55
C GLU D 589 21.85 46.78 -42.19
N PHE D 590 20.61 46.27 -42.20
CA PHE D 590 19.83 46.07 -40.97
C PHE D 590 19.90 44.69 -40.35
N THR D 591 20.71 43.78 -40.88
CA THR D 591 20.61 42.37 -40.49
C THR D 591 21.05 42.11 -39.03
N ASP D 592 22.12 42.75 -38.58
CA ASP D 592 22.50 42.67 -37.17
C ASP D 592 21.51 43.32 -36.21
N ASP D 593 20.96 44.47 -36.60
CA ASP D 593 19.95 45.15 -35.80
C ASP D 593 18.74 44.25 -35.57
N MET D 594 18.23 43.66 -36.65
CA MET D 594 17.10 42.76 -36.56
C MET D 594 17.40 41.51 -35.75
N ARG D 595 18.62 41.00 -35.83
CA ARG D 595 19.01 39.82 -35.03
C ARG D 595 19.04 40.14 -33.53
N ASN D 596 19.63 41.28 -33.16
CA ASN D 596 19.69 41.71 -31.77
C ASN D 596 18.34 42.13 -31.21
N PHE D 597 17.51 42.70 -32.07
CA PHE D 597 16.16 43.15 -31.74
C PHE D 597 15.29 42.02 -31.20
N THR D 598 15.33 40.85 -31.83
CA THR D 598 14.48 39.73 -31.40
C THR D 598 15.01 39.00 -30.17
N ALA D 599 16.30 39.10 -29.88
CA ALA D 599 16.86 38.53 -28.65
C ALA D 599 16.29 39.21 -27.41
N ASP D 600 15.98 40.50 -27.56
CA ASP D 600 15.34 41.32 -26.54
C ASP D 600 13.80 41.23 -26.60
N SER D 601 13.23 41.32 -27.80
CA SER D 601 11.77 41.40 -27.97
C SER D 601 11.03 40.11 -27.62
N ILE D 602 11.59 38.96 -28.00
CA ILE D 602 10.92 37.70 -27.75
C ILE D 602 10.75 37.42 -26.25
N PRO D 603 11.81 37.56 -25.45
CA PRO D 603 11.59 37.38 -23.99
C PRO D 603 10.60 38.38 -23.38
N LEU D 604 10.57 39.62 -23.88
CA LEU D 604 9.60 40.63 -23.45
C LEU D 604 8.18 40.28 -23.89
N LEU D 605 8.01 39.76 -25.11
CA LEU D 605 6.68 39.37 -25.57
C LEU D 605 6.09 38.21 -24.79
N ILE D 606 6.96 37.30 -24.34
CA ILE D 606 6.57 36.18 -23.45
C ILE D 606 6.00 36.75 -22.13
N GLN D 607 6.68 37.76 -21.60
CA GLN D 607 6.32 38.42 -20.35
C GLN D 607 5.02 39.22 -20.44
N LEU D 608 4.83 39.94 -21.56
CA LEU D 608 3.58 40.67 -21.82
C LEU D 608 2.40 39.80 -22.27
N GLY D 609 2.68 38.58 -22.73
CA GLY D 609 1.63 37.61 -23.05
C GLY D 609 0.77 37.95 -24.25
N ARG D 610 -0.27 37.14 -24.45
CA ARG D 610 -1.21 37.28 -25.59
C ARG D 610 -2.63 37.68 -25.16
N SER D 611 -2.91 37.62 -23.86
CA SER D 611 -4.24 37.89 -23.36
C SER D 611 -4.51 39.38 -23.16
N SER D 612 -5.76 39.72 -22.93
CA SER D 612 -6.17 41.07 -22.55
C SER D 612 -5.43 41.55 -21.30
N LEU D 613 -5.31 42.88 -21.17
CA LEU D 613 -4.66 43.51 -20.03
C LEU D 613 -5.46 44.75 -19.67
N MET D 614 -5.36 45.19 -18.41
CA MET D 614 -6.06 46.39 -17.92
C MET D 614 -5.76 47.60 -18.80
N ASP D 615 -4.47 47.82 -18.98
CA ASP D 615 -3.93 48.93 -19.74
C ASP D 615 -4.09 48.66 -21.25
N GLU D 616 -5.03 49.36 -21.89
CA GLU D 616 -5.33 49.18 -23.30
C GLU D 616 -4.25 49.78 -24.23
N HIS D 617 -3.57 50.83 -23.77
CA HIS D 617 -2.40 51.38 -24.48
C HIS D 617 -1.25 50.38 -24.51
N LEU D 618 -1.01 49.70 -23.39
CA LEU D 618 -0.04 48.61 -23.34
C LEU D 618 -0.33 47.53 -24.40
N VAL D 619 -1.59 47.10 -24.51
CA VAL D 619 -1.96 46.05 -25.49
C VAL D 619 -1.73 46.52 -26.93
N GLU D 620 -2.17 47.72 -27.28
CA GLU D 620 -1.97 48.21 -28.64
C GLU D 620 -0.46 48.31 -28.99
N GLN D 621 0.36 48.69 -28.01
CA GLN D 621 1.83 48.77 -28.16
C GLN D 621 2.47 47.40 -28.28
N ARG D 622 2.04 46.47 -27.41
CA ARG D 622 2.52 45.11 -27.40
C ARG D 622 2.31 44.43 -28.74
N GLU D 623 1.17 44.71 -29.38
CA GLU D 623 0.89 44.16 -30.70
C GLU D 623 1.77 44.75 -31.79
N LYS D 624 2.14 46.02 -31.61
CA LYS D 624 3.05 46.67 -32.55
C LYS D 624 4.46 46.07 -32.47
N LEU D 625 4.89 45.73 -31.25
CA LEU D 625 6.15 44.97 -31.04
C LEU D 625 6.08 43.58 -31.65
N ARG D 626 4.97 42.89 -31.43
CA ARG D 626 4.78 41.56 -32.01
C ARG D 626 4.85 41.58 -33.55
N GLU D 627 4.29 42.63 -34.17
CA GLU D 627 4.32 42.75 -35.63
C GLU D 627 5.74 43.04 -36.13
N LEU D 628 6.44 43.94 -35.44
CA LEU D 628 7.84 44.24 -35.73
C LEU D 628 8.75 43.05 -35.49
N THR D 629 8.44 42.29 -34.43
CA THR D 629 9.19 41.07 -34.10
C THR D 629 9.01 40.01 -35.19
N THR D 630 7.80 39.91 -35.73
CA THR D 630 7.54 38.97 -36.80
C THR D 630 8.29 39.35 -38.07
N ILE D 631 8.40 40.64 -38.36
CA ILE D 631 9.13 41.10 -39.54
C ILE D 631 10.60 40.67 -39.36
N ALA D 632 11.22 41.13 -38.27
CA ALA D 632 12.64 40.84 -37.98
C ALA D 632 12.98 39.36 -37.97
N GLU D 633 12.23 38.59 -37.20
CA GLU D 633 12.48 37.16 -37.06
C GLU D 633 12.26 36.35 -38.35
N ARG D 634 11.28 36.73 -39.16
CA ARG D 634 11.06 36.07 -40.46
C ARG D 634 12.18 36.35 -41.45
N LEU D 635 12.76 37.55 -41.38
CA LEU D 635 13.91 37.91 -42.18
C LEU D 635 15.18 37.29 -41.62
N ASN D 636 15.29 37.17 -40.30
CA ASN D 636 16.43 36.46 -39.68
C ASN D 636 16.49 34.99 -40.02
N ARG D 637 15.36 34.41 -40.47
CA ARG D 637 15.29 33.00 -40.87
C ARG D 637 15.09 32.75 -42.38
N LEU D 638 15.00 33.80 -43.17
CA LEU D 638 14.51 33.67 -44.54
C LEU D 638 15.44 32.81 -45.38
N GLU D 639 16.74 32.99 -45.19
CA GLU D 639 17.73 32.17 -45.90
C GLU D 639 17.59 30.69 -45.55
N ARG D 640 17.42 30.39 -44.26
CA ARG D 640 17.26 28.99 -43.83
C ARG D 640 15.99 28.38 -44.38
N GLU D 641 14.92 29.17 -44.55
CA GLU D 641 13.61 28.63 -44.98
C GLU D 641 13.49 28.48 -46.49
N TRP D 642 14.18 29.30 -47.28
CA TRP D 642 13.94 29.35 -48.75
C TRP D 642 15.17 29.26 -49.71
N MET D 643 16.37 29.14 -49.15
CA MET D 643 17.62 29.09 -49.91
C MET D 643 18.47 27.98 -49.34
#